data_7PPI
#
_entry.id   7PPI
#
_cell.length_a   82.207
_cell.length_b   106.260
_cell.length_c   120.955
_cell.angle_alpha   90.000
_cell.angle_beta   96.420
_cell.angle_gamma   90.000
#
_symmetry.space_group_name_H-M   'P 1 21 1'
#
loop_
_entity.id
_entity.type
_entity.pdbx_description
1 polymer 'Nicotinamide phosphoribosyltransferase'
2 non-polymer N-[4-[(5R)-1-(4-azanylbutyl)-6-oxidanylidene-5-quinolin-5-yl-4,5-dihydropyridazin-3-yl]phenyl]-1,3-dihydropyrrolo[3,4-c]pyridine-2-carboxamide
3 non-polymer 'PHOSPHATE ION'
4 non-polymer 'CHLORIDE ION'
5 non-polymer GLYCEROL
6 water water
#
_entity_poly.entity_id   1
_entity_poly.type   'polypeptide(L)'
_entity_poly.pdbx_seq_one_letter_code
;GMNPAAEAEFNILLATDSYKVTHYKQYPPNTSKVYSYFECREKKTENSKLRKVKYEETVFYGLQYILNKYLKGKVVTKEK
IQEAKDVYKEHFQDDVFNEKGWNYILEKYDGHLPIEIKAVPEGFVIPRGNVLFTVENTDPECYWLTNWIETILVQSWYPI
TVATNSREQKKILAKYLLETSGNLDGLEYKLHDFGYRGVSSQETAGIGASAHLVNFKGTDTVAGLALIKKYYGTKDPVPG
YSVPAAEHSTITAWGKDHEKDAFEHIVTQFSSVPVSVVSDSYDIYNACEKIWGEDLRHLIVSRSTQAPLIIRPDSGNPLD
TVLKVLEILGKKFPVTENSKGYKLLPPYLRVIQGDGVDINTLQEIVEGMKQKMWSIENIAFGSGGGLLQKLTRDLLNCSF
KCSYVVTNGLGINVFKDPVADPNKRSKKGRLSLHRTPAGNFVTLEEGKGDLEEYGQDLLHTVFKNGKVTKSYSFDEIRKN
AQLNIELEAAHH
;
_entity_poly.pdbx_strand_id   A,B,C,D
#
loop_
_chem_comp.id
_chem_comp.type
_chem_comp.name
_chem_comp.formula
7Z2 non-polymer N-[4-[(5R)-1-(4-azanylbutyl)-6-oxidanylidene-5-quinolin-5-yl-4,5-dihydropyridazin-3-yl]phenyl]-1,3-dihydropyrrolo[3,4-c]pyridine-2-carboxamide 'C31 H31 N7 O2'
CL non-polymer 'CHLORIDE ION' 'Cl -1'
GOL non-polymer GLYCEROL 'C3 H8 O3'
PO4 non-polymer 'PHOSPHATE ION' 'O4 P -3'
#
# COMPACT_ATOMS: atom_id res chain seq x y z
N PHE A 10 11.57 -14.62 45.82
CA PHE A 10 10.71 -14.98 44.65
C PHE A 10 9.73 -16.04 45.09
N ASN A 11 8.51 -16.04 44.54
CA ASN A 11 7.42 -16.95 44.97
C ASN A 11 6.78 -17.56 43.72
N ILE A 12 7.01 -18.84 43.43
CA ILE A 12 6.40 -19.44 42.21
C ILE A 12 4.86 -19.43 42.24
N LEU A 13 4.24 -19.29 43.42
CA LEU A 13 2.76 -19.20 43.56
C LEU A 13 2.27 -17.87 43.03
N LEU A 14 3.18 -16.89 42.86
CA LEU A 14 2.93 -15.49 42.40
C LEU A 14 3.50 -15.32 40.97
N ALA A 15 4.02 -16.40 40.34
CA ALA A 15 4.89 -16.31 39.13
C ALA A 15 4.19 -16.97 37.94
N THR A 16 2.86 -16.91 37.91
CA THR A 16 2.01 -17.44 36.81
C THR A 16 0.96 -16.38 36.42
N ASP A 17 0.31 -16.57 35.29
CA ASP A 17 -0.86 -15.77 34.88
C ASP A 17 -1.98 -15.98 35.94
N SER A 18 -2.55 -14.88 36.40
CA SER A 18 -3.74 -14.86 37.28
C SER A 18 -4.69 -16.02 36.93
N TYR A 19 -5.18 -16.11 35.69
CA TYR A 19 -6.28 -17.05 35.34
C TYR A 19 -5.88 -18.51 35.57
N LYS A 20 -4.59 -18.82 35.63
CA LYS A 20 -4.13 -20.21 35.80
C LYS A 20 -4.38 -20.61 37.25
N VAL A 21 -4.46 -19.60 38.11
CA VAL A 21 -4.83 -19.81 39.54
C VAL A 21 -6.18 -20.52 39.58
N THR A 22 -7.07 -20.27 38.60
CA THR A 22 -8.50 -20.74 38.57
C THR A 22 -8.68 -22.06 37.80
N HIS A 23 -7.61 -22.55 37.12
CA HIS A 23 -7.68 -23.60 36.07
C HIS A 23 -7.97 -24.97 36.67
N TYR A 24 -7.52 -25.22 37.89
CA TYR A 24 -7.68 -26.50 38.58
C TYR A 24 -9.19 -26.77 38.80
N LYS A 25 -10.08 -25.79 38.59
CA LYS A 25 -11.54 -25.98 38.69
C LYS A 25 -12.17 -26.05 37.31
N GLN A 26 -11.38 -26.17 36.23
CA GLN A 26 -11.90 -26.11 34.84
C GLN A 26 -11.65 -27.43 34.09
N TYR A 27 -10.62 -28.21 34.45
CA TYR A 27 -10.19 -29.45 33.75
C TYR A 27 -11.25 -30.52 33.98
N PRO A 28 -11.45 -31.49 33.08
CA PRO A 28 -12.46 -32.51 33.30
C PRO A 28 -12.18 -33.16 34.65
N PRO A 29 -13.22 -33.52 35.42
CA PRO A 29 -13.00 -34.27 36.66
C PRO A 29 -12.38 -35.64 36.37
N ASN A 30 -11.56 -36.13 37.29
CA ASN A 30 -10.96 -37.49 37.24
C ASN A 30 -9.76 -37.44 36.29
N THR A 31 -9.10 -36.27 36.22
CA THR A 31 -7.95 -36.04 35.33
C THR A 31 -6.69 -36.20 36.19
N SER A 32 -5.87 -37.24 35.91
CA SER A 32 -4.67 -37.70 36.66
C SER A 32 -3.35 -37.16 36.10
N LYS A 33 -3.41 -36.67 34.86
CA LYS A 33 -2.23 -36.27 34.07
C LYS A 33 -2.63 -35.22 33.06
N VAL A 34 -1.93 -34.11 33.09
CA VAL A 34 -1.84 -33.11 32.00
C VAL A 34 -0.40 -33.19 31.49
N TYR A 35 -0.28 -33.28 30.17
CA TYR A 35 0.99 -33.31 29.42
C TYR A 35 0.92 -32.23 28.37
N SER A 36 1.95 -31.39 28.37
CA SER A 36 2.07 -30.19 27.53
C SER A 36 3.47 -30.11 26.93
N TYR A 37 3.55 -29.53 25.73
CA TYR A 37 4.83 -29.44 24.99
C TYR A 37 5.10 -27.98 24.60
N PHE A 38 6.34 -27.65 24.25
CA PHE A 38 6.73 -26.32 23.73
C PHE A 38 7.23 -26.48 22.30
N GLU A 39 6.70 -25.71 21.35
CA GLU A 39 7.31 -25.65 20.00
C GLU A 39 7.52 -24.21 19.53
N CYS A 40 8.42 -24.07 18.56
CA CYS A 40 8.52 -22.87 17.68
C CYS A 40 7.68 -23.19 16.44
N ARG A 41 6.39 -22.86 16.47
CA ARG A 41 5.35 -23.45 15.57
C ARG A 41 5.62 -22.93 14.17
N GLU A 42 5.21 -23.64 13.12
CA GLU A 42 5.64 -23.38 11.72
C GLU A 42 4.84 -22.20 11.19
N TYR A 55 13.49 -17.73 9.29
CA TYR A 55 13.85 -18.32 10.62
C TYR A 55 13.52 -19.83 10.69
N GLU A 56 13.94 -20.57 9.66
CA GLU A 56 13.59 -22.00 9.45
C GLU A 56 14.10 -22.88 10.60
N GLU A 57 15.16 -22.46 11.29
CA GLU A 57 15.70 -23.29 12.39
C GLU A 57 16.09 -22.40 13.57
N THR A 58 15.91 -22.95 14.76
CA THR A 58 15.91 -22.16 16.02
C THR A 58 16.85 -22.90 16.98
N VAL A 59 17.76 -22.18 17.59
CA VAL A 59 18.66 -22.65 18.66
C VAL A 59 17.84 -22.73 19.94
N PHE A 60 17.75 -23.90 20.51
CA PHE A 60 17.22 -24.11 21.86
C PHE A 60 18.30 -23.74 22.87
N TYR A 61 18.07 -22.67 23.61
CA TYR A 61 18.95 -22.34 24.76
C TYR A 61 18.13 -21.61 25.80
N GLY A 62 18.41 -21.77 27.08
CA GLY A 62 17.75 -20.93 28.10
C GLY A 62 16.92 -21.72 29.13
N LEU A 63 16.51 -22.97 28.83
CA LEU A 63 15.60 -23.68 29.75
C LEU A 63 16.30 -23.91 31.09
N GLN A 64 17.59 -24.16 31.04
CA GLN A 64 18.41 -24.67 32.19
C GLN A 64 18.47 -23.57 33.24
N TYR A 65 18.64 -22.32 32.80
CA TYR A 65 18.57 -21.07 33.62
C TYR A 65 17.29 -21.15 34.47
N ILE A 66 16.16 -21.27 33.77
CA ILE A 66 14.81 -21.22 34.39
C ILE A 66 14.70 -22.39 35.35
N LEU A 67 15.14 -23.58 34.95
CA LEU A 67 15.03 -24.76 35.82
C LEU A 67 15.79 -24.51 37.14
N ASN A 68 16.99 -23.92 37.08
CA ASN A 68 17.87 -23.73 38.28
C ASN A 68 17.40 -22.53 39.12
N LYS A 69 17.16 -21.38 38.49
CA LYS A 69 16.87 -20.10 39.18
C LYS A 69 15.49 -20.14 39.84
N TYR A 70 14.54 -20.88 39.25
CA TYR A 70 13.09 -20.72 39.52
C TYR A 70 12.40 -22.05 39.90
N LEU A 71 12.72 -23.19 39.29
CA LEU A 71 11.91 -24.43 39.43
C LEU A 71 12.53 -25.43 40.42
N LYS A 72 13.84 -25.43 40.67
CA LYS A 72 14.48 -26.54 41.43
C LYS A 72 14.32 -26.36 42.95
N GLY A 73 14.35 -27.47 43.66
CA GLY A 73 14.42 -27.52 45.13
C GLY A 73 13.06 -27.25 45.74
N LYS A 74 13.09 -26.86 47.02
CA LYS A 74 11.90 -26.45 47.80
C LYS A 74 11.45 -25.09 47.26
N VAL A 75 10.39 -25.09 46.44
CA VAL A 75 9.82 -23.83 45.84
C VAL A 75 8.56 -23.42 46.60
N VAL A 76 8.01 -24.30 47.44
CA VAL A 76 6.75 -24.06 48.20
C VAL A 76 7.08 -24.04 49.69
N THR A 77 6.58 -23.03 50.40
CA THR A 77 6.68 -22.93 51.88
C THR A 77 5.32 -22.47 52.41
N LYS A 78 5.09 -22.69 53.71
CA LYS A 78 3.84 -22.31 54.41
C LYS A 78 3.60 -20.83 54.18
N GLU A 79 4.68 -20.02 54.24
CA GLU A 79 4.63 -18.55 54.09
C GLU A 79 4.30 -18.21 52.63
N LYS A 80 4.81 -18.97 51.66
CA LYS A 80 4.57 -18.70 50.22
C LYS A 80 3.14 -19.03 49.85
N ILE A 81 2.55 -20.05 50.48
CA ILE A 81 1.11 -20.39 50.29
C ILE A 81 0.26 -19.26 50.88
N GLN A 82 0.57 -18.80 52.10
CA GLN A 82 -0.22 -17.76 52.82
C GLN A 82 -0.13 -16.43 52.07
N GLU A 83 1.05 -16.05 51.55
CA GLU A 83 1.29 -14.78 50.79
C GLU A 83 0.39 -14.81 49.56
N ALA A 84 0.40 -15.91 48.81
CA ALA A 84 -0.38 -16.10 47.57
C ALA A 84 -1.87 -15.96 47.91
N LYS A 85 -2.32 -16.67 48.93
CA LYS A 85 -3.73 -16.68 49.38
C LYS A 85 -4.20 -15.23 49.59
N ASP A 86 -3.36 -14.40 50.24
CA ASP A 86 -3.63 -13.01 50.66
C ASP A 86 -3.69 -12.10 49.42
N VAL A 87 -2.75 -12.29 48.49
CA VAL A 87 -2.68 -11.41 47.29
C VAL A 87 -3.89 -11.75 46.39
N TYR A 88 -4.09 -13.04 46.13
CA TYR A 88 -5.13 -13.53 45.19
C TYR A 88 -6.52 -13.19 45.76
N LYS A 89 -6.66 -13.18 47.10
CA LYS A 89 -7.91 -12.79 47.77
C LYS A 89 -8.29 -11.37 47.31
N GLU A 90 -7.30 -10.47 47.26
CA GLU A 90 -7.55 -9.06 46.84
C GLU A 90 -7.64 -8.98 45.30
N HIS A 91 -6.86 -9.80 44.60
CA HIS A 91 -6.63 -9.69 43.13
C HIS A 91 -7.87 -10.16 42.37
N PHE A 92 -8.52 -11.21 42.86
CA PHE A 92 -9.74 -11.85 42.28
C PHE A 92 -11.02 -11.37 42.98
N GLN A 93 -10.88 -10.71 44.13
CA GLN A 93 -12.05 -10.29 44.94
C GLN A 93 -12.79 -11.57 45.37
N ASP A 94 -12.04 -12.66 45.63
CA ASP A 94 -12.60 -14.01 45.88
C ASP A 94 -11.47 -14.96 46.27
N ASP A 95 -11.79 -16.07 46.94
CA ASP A 95 -10.81 -17.07 47.40
C ASP A 95 -10.82 -18.27 46.44
N VAL A 96 -10.36 -18.07 45.21
CA VAL A 96 -10.39 -19.09 44.11
C VAL A 96 -9.10 -19.91 44.12
N PHE A 97 -8.09 -19.42 44.82
CA PHE A 97 -6.77 -20.09 45.02
C PHE A 97 -6.87 -21.56 45.48
N ASN A 98 -6.04 -22.44 44.91
CA ASN A 98 -5.97 -23.89 45.25
C ASN A 98 -4.96 -24.12 46.38
N GLU A 99 -5.31 -23.76 47.61
CA GLU A 99 -4.47 -23.92 48.82
C GLU A 99 -4.21 -25.42 49.06
N LYS A 100 -5.21 -26.29 48.93
CA LYS A 100 -5.10 -27.75 49.22
C LYS A 100 -4.03 -28.41 48.32
N GLY A 101 -4.12 -28.13 47.01
CA GLY A 101 -3.17 -28.57 45.97
C GLY A 101 -1.72 -28.18 46.24
N TRP A 102 -1.49 -26.93 46.66
CA TRP A 102 -0.13 -26.41 47.00
C TRP A 102 0.31 -26.94 48.36
N ASN A 103 -0.61 -27.16 49.31
CA ASN A 103 -0.23 -27.72 50.63
C ASN A 103 0.22 -29.18 50.44
N TYR A 104 -0.43 -29.96 49.57
CA TYR A 104 -0.01 -31.34 49.14
C TYR A 104 1.45 -31.35 48.66
N ILE A 105 1.82 -30.43 47.75
CA ILE A 105 3.23 -30.28 47.26
C ILE A 105 4.17 -30.10 48.45
N LEU A 106 3.83 -29.20 49.38
CA LEU A 106 4.65 -28.90 50.58
C LEU A 106 4.80 -30.15 51.46
N GLU A 107 3.72 -30.89 51.69
CA GLU A 107 3.69 -31.90 52.76
C GLU A 107 4.12 -33.27 52.21
N LYS A 108 3.85 -33.52 50.93
CA LYS A 108 4.26 -34.79 50.26
C LYS A 108 5.75 -34.66 49.89
N TYR A 109 6.14 -33.58 49.22
CA TYR A 109 7.42 -33.48 48.48
C TYR A 109 8.35 -32.39 49.02
N ASP A 110 8.15 -31.91 50.25
CA ASP A 110 9.05 -30.89 50.87
C ASP A 110 9.14 -29.69 49.90
N GLY A 111 8.04 -29.34 49.21
CA GLY A 111 7.92 -28.20 48.29
C GLY A 111 8.53 -28.41 46.91
N HIS A 112 9.00 -29.61 46.57
CA HIS A 112 9.66 -29.90 45.27
C HIS A 112 8.57 -30.17 44.24
N LEU A 113 8.65 -29.53 43.08
CA LEU A 113 7.61 -29.65 42.04
C LEU A 113 7.55 -31.08 41.53
N PRO A 114 6.41 -31.80 41.59
CA PRO A 114 6.31 -33.16 41.05
C PRO A 114 6.00 -33.14 39.55
N ILE A 115 7.02 -32.71 38.82
CA ILE A 115 7.00 -32.38 37.38
C ILE A 115 8.14 -33.13 36.73
N GLU A 116 7.91 -33.54 35.49
CA GLU A 116 8.97 -34.11 34.64
C GLU A 116 9.00 -33.30 33.38
N ILE A 117 10.13 -32.65 33.13
CA ILE A 117 10.42 -31.88 31.91
C ILE A 117 11.53 -32.64 31.17
N LYS A 118 11.22 -32.99 29.92
CA LYS A 118 12.14 -33.53 28.92
C LYS A 118 12.38 -32.44 27.88
N ALA A 119 13.62 -32.29 27.44
CA ALA A 119 14.04 -31.19 26.55
C ALA A 119 15.10 -31.70 25.59
N VAL A 120 15.10 -31.15 24.38
CA VAL A 120 16.19 -31.31 23.38
C VAL A 120 17.48 -30.72 23.99
N PRO A 121 18.70 -31.29 23.74
CA PRO A 121 19.94 -30.77 24.32
C PRO A 121 20.22 -29.30 23.97
N GLU A 122 20.70 -28.51 24.91
CA GLU A 122 20.77 -27.05 24.66
C GLU A 122 21.86 -26.83 23.58
N GLY A 123 21.62 -25.86 22.69
CA GLY A 123 22.42 -25.64 21.47
C GLY A 123 21.90 -26.40 20.25
N PHE A 124 21.06 -27.40 20.45
CA PHE A 124 20.46 -28.21 19.35
C PHE A 124 19.69 -27.29 18.42
N VAL A 125 19.92 -27.41 17.12
CA VAL A 125 19.34 -26.52 16.07
C VAL A 125 18.32 -27.37 15.35
N ILE A 126 17.07 -27.17 15.72
CA ILE A 126 15.91 -28.00 15.28
C ILE A 126 15.07 -27.14 14.34
N PRO A 127 14.66 -27.64 13.17
CA PRO A 127 13.68 -26.92 12.37
C PRO A 127 12.38 -26.63 13.15
N ARG A 128 11.73 -25.54 12.75
CA ARG A 128 10.36 -25.13 13.14
C ARG A 128 9.39 -26.32 13.17
N GLY A 129 8.46 -26.23 14.11
CA GLY A 129 7.27 -27.07 14.19
C GLY A 129 7.57 -28.37 14.88
N ASN A 130 8.59 -28.44 15.72
CA ASN A 130 9.09 -29.67 16.36
C ASN A 130 9.06 -29.45 17.88
N VAL A 131 8.86 -30.53 18.63
CA VAL A 131 8.82 -30.49 20.10
C VAL A 131 10.22 -30.20 20.59
N LEU A 132 10.40 -29.18 21.42
CA LEU A 132 11.70 -28.83 22.02
C LEU A 132 11.72 -29.23 23.50
N PHE A 133 10.57 -29.13 24.18
CA PHE A 133 10.42 -29.58 25.60
C PHE A 133 8.98 -29.94 25.87
N THR A 134 8.83 -30.82 26.86
CA THR A 134 7.56 -31.46 27.30
C THR A 134 7.53 -31.39 28.82
N VAL A 135 6.34 -31.12 29.32
CA VAL A 135 6.08 -30.93 30.76
C VAL A 135 4.91 -31.84 31.11
N GLU A 136 5.04 -32.56 32.22
CA GLU A 136 3.96 -33.49 32.68
C GLU A 136 4.04 -33.59 34.21
N ASN A 137 2.91 -33.82 34.85
CA ASN A 137 2.91 -34.12 36.30
C ASN A 137 3.25 -35.60 36.51
N THR A 138 3.94 -35.89 37.62
CA THR A 138 4.42 -37.23 37.98
C THR A 138 3.54 -37.89 39.06
N ASP A 139 2.53 -37.17 39.53
CA ASP A 139 1.58 -37.57 40.59
C ASP A 139 0.20 -37.08 40.14
N PRO A 140 -0.82 -37.97 40.13
CA PRO A 140 -2.17 -37.61 39.71
C PRO A 140 -2.77 -36.38 40.40
N GLU A 141 -2.41 -36.15 41.67
CA GLU A 141 -2.94 -35.04 42.47
C GLU A 141 -2.50 -33.71 41.84
N CYS A 142 -1.34 -33.68 41.15
CA CYS A 142 -0.77 -32.41 40.61
C CYS A 142 -1.03 -32.26 39.10
N TYR A 143 -2.17 -32.75 38.62
CA TYR A 143 -2.65 -32.54 37.23
C TYR A 143 -2.59 -31.06 36.83
N TRP A 144 -2.87 -30.17 37.78
CA TRP A 144 -3.03 -28.71 37.57
C TRP A 144 -1.68 -28.02 37.45
N LEU A 145 -0.59 -28.69 37.89
CA LEU A 145 0.74 -28.04 38.10
C LEU A 145 1.48 -27.91 36.76
N THR A 146 1.14 -28.72 35.78
CA THR A 146 1.82 -28.77 34.47
C THR A 146 1.72 -27.40 33.83
N ASN A 147 0.52 -26.86 33.80
CA ASN A 147 0.28 -25.61 33.04
C ASN A 147 0.40 -24.40 34.01
N TRP A 148 0.53 -24.61 35.33
CA TRP A 148 0.90 -23.54 36.28
C TRP A 148 2.23 -22.90 35.83
N ILE A 149 3.11 -23.74 35.30
CA ILE A 149 4.51 -23.39 34.93
C ILE A 149 4.59 -23.14 33.43
N GLU A 150 3.49 -23.02 32.70
CA GLU A 150 3.56 -22.56 31.29
C GLU A 150 4.20 -21.19 31.27
N THR A 151 3.63 -20.23 32.01
CA THR A 151 4.01 -18.81 31.89
C THR A 151 5.51 -18.73 32.03
N ILE A 152 6.05 -19.33 33.09
CA ILE A 152 7.47 -19.19 33.52
C ILE A 152 8.37 -19.84 32.47
N LEU A 153 7.99 -21.06 32.05
CA LEU A 153 8.71 -21.84 31.02
C LEU A 153 8.70 -21.10 29.69
N VAL A 154 7.63 -20.40 29.37
CA VAL A 154 7.45 -19.85 28.00
C VAL A 154 8.31 -18.58 27.81
N GLN A 155 8.79 -17.96 28.89
CA GLN A 155 9.86 -16.91 28.84
C GLN A 155 11.14 -17.45 28.14
N SER A 156 11.19 -18.70 27.84
CA SER A 156 12.33 -19.34 27.16
C SER A 156 12.28 -18.85 25.72
N TRP A 157 11.12 -18.44 25.25
CA TRP A 157 11.04 -17.90 23.87
C TRP A 157 12.24 -16.93 23.66
N TYR A 158 12.62 -16.19 24.70
CA TYR A 158 13.46 -15.00 24.56
C TYR A 158 14.91 -15.47 24.35
N PRO A 159 15.52 -16.23 25.28
CA PRO A 159 16.85 -16.80 25.04
C PRO A 159 16.90 -17.56 23.71
N ILE A 160 15.87 -18.32 23.40
CA ILE A 160 15.78 -19.08 22.12
C ILE A 160 15.82 -18.06 20.98
N THR A 161 14.99 -17.02 21.04
CA THR A 161 14.85 -16.09 19.88
C THR A 161 16.17 -15.32 19.70
N VAL A 162 16.84 -14.90 20.80
CA VAL A 162 18.09 -14.08 20.75
C VAL A 162 19.16 -14.95 20.09
N ALA A 163 19.27 -16.19 20.61
CA ALA A 163 20.26 -17.19 20.18
C ALA A 163 20.04 -17.45 18.69
N THR A 164 18.79 -17.60 18.25
CA THR A 164 18.48 -17.95 16.83
C THR A 164 18.77 -16.72 15.96
N ASN A 165 18.34 -15.54 16.37
CA ASN A 165 18.46 -14.34 15.53
C ASN A 165 19.97 -13.99 15.43
N SER A 166 20.72 -14.11 16.53
CA SER A 166 22.18 -13.92 16.57
C SER A 166 22.87 -14.90 15.56
N ARG A 167 22.49 -16.16 15.59
CA ARG A 167 23.03 -17.23 14.72
C ARG A 167 22.68 -16.93 13.26
N GLU A 168 21.43 -16.59 12.96
CA GLU A 168 21.07 -16.28 11.56
C GLU A 168 21.96 -15.13 11.09
N GLN A 169 22.36 -14.20 11.96
CA GLN A 169 23.21 -13.05 11.56
C GLN A 169 24.64 -13.50 11.32
N LYS A 170 25.15 -14.38 12.15
CA LYS A 170 26.42 -15.13 11.96
C LYS A 170 26.45 -15.82 10.58
N LYS A 171 25.30 -16.33 10.14
CA LYS A 171 25.21 -17.05 8.85
C LYS A 171 25.46 -16.04 7.73
N ILE A 172 24.84 -14.87 7.81
CA ILE A 172 24.95 -13.83 6.75
C ILE A 172 26.41 -13.34 6.75
N LEU A 173 27.02 -13.14 7.92
CA LEU A 173 28.42 -12.64 8.11
C LEU A 173 29.36 -13.66 7.45
N ALA A 174 29.21 -14.93 7.85
CA ALA A 174 29.92 -16.11 7.29
C ALA A 174 29.76 -16.12 5.77
N LYS A 175 28.53 -16.01 5.23
CA LYS A 175 28.31 -16.05 3.76
C LYS A 175 29.17 -15.00 3.03
N TYR A 176 29.09 -13.72 3.43
CA TYR A 176 29.71 -12.54 2.77
C TYR A 176 31.23 -12.48 3.05
N LEU A 177 31.71 -12.88 4.23
CA LEU A 177 33.17 -12.94 4.59
C LEU A 177 33.86 -13.99 3.72
N LEU A 178 33.28 -15.21 3.69
CA LEU A 178 33.76 -16.33 2.84
C LEU A 178 33.76 -15.88 1.38
N GLU A 179 32.72 -15.19 0.93
CA GLU A 179 32.62 -14.80 -0.50
C GLU A 179 33.67 -13.69 -0.77
N THR A 180 33.95 -12.75 0.15
CA THR A 180 34.78 -11.57 -0.17
C THR A 180 36.21 -11.67 0.44
N SER A 181 36.50 -12.54 1.40
CA SER A 181 37.86 -12.73 2.01
C SER A 181 38.44 -14.11 1.72
N GLY A 182 37.63 -15.16 1.88
CA GLY A 182 37.99 -16.57 1.59
C GLY A 182 38.29 -17.33 2.87
N ASN A 183 37.76 -16.84 4.00
CA ASN A 183 37.81 -17.49 5.33
C ASN A 183 36.84 -16.77 6.27
N LEU A 184 36.72 -17.32 7.48
CA LEU A 184 35.83 -16.84 8.55
C LEU A 184 36.63 -16.33 9.74
N ASP A 185 37.84 -15.84 9.49
CA ASP A 185 38.70 -15.30 10.58
C ASP A 185 38.10 -14.04 11.23
N GLY A 186 38.01 -14.10 12.56
CA GLY A 186 37.40 -13.06 13.39
C GLY A 186 35.87 -13.06 13.39
N LEU A 187 35.18 -14.06 12.78
CA LEU A 187 33.68 -14.09 12.69
C LEU A 187 33.02 -13.92 14.08
N GLU A 188 33.55 -14.53 15.14
CA GLU A 188 32.96 -14.53 16.51
C GLU A 188 33.06 -13.16 17.19
N TYR A 189 33.79 -12.18 16.64
CA TYR A 189 33.96 -10.79 17.16
C TYR A 189 33.34 -9.78 16.18
N LYS A 190 32.61 -10.23 15.17
CA LYS A 190 32.08 -9.31 14.15
C LYS A 190 30.71 -8.73 14.53
N LEU A 191 29.96 -9.31 15.46
CA LEU A 191 28.63 -8.78 15.91
C LEU A 191 28.74 -8.51 17.42
N HIS A 192 28.94 -7.26 17.79
CA HIS A 192 29.12 -6.88 19.21
C HIS A 192 27.75 -6.54 19.81
N ASP A 193 27.49 -7.07 21.00
CA ASP A 193 26.28 -6.76 21.81
C ASP A 193 26.42 -5.38 22.47
N PHE A 194 25.57 -4.42 22.10
CA PHE A 194 25.53 -2.98 22.55
C PHE A 194 24.24 -2.68 23.34
N GLY A 195 23.47 -3.73 23.56
CA GLY A 195 22.04 -3.61 23.87
C GLY A 195 21.80 -3.60 25.34
N TYR A 196 22.79 -3.30 26.17
CA TYR A 196 22.56 -3.36 27.64
C TYR A 196 21.59 -2.24 28.07
N ARG A 197 21.72 -0.97 27.62
CA ARG A 197 20.80 0.14 28.04
C ARG A 197 19.40 -0.06 27.42
N GLY A 198 19.32 -0.78 26.26
CA GLY A 198 18.11 -0.86 25.41
C GLY A 198 17.25 -2.08 25.67
N VAL A 199 17.54 -2.88 26.71
CA VAL A 199 16.62 -3.94 27.21
C VAL A 199 15.79 -3.42 28.42
N SER A 200 14.76 -4.16 28.79
CA SER A 200 13.71 -3.71 29.74
C SER A 200 14.11 -3.93 31.21
N SER A 201 15.28 -4.44 31.50
CA SER A 201 15.69 -4.74 32.89
C SER A 201 17.04 -5.52 32.92
N GLN A 202 17.60 -5.54 34.13
CA GLN A 202 18.88 -6.18 34.46
C GLN A 202 18.79 -7.68 34.14
N GLU A 203 17.75 -8.36 34.66
CA GLU A 203 17.55 -9.82 34.47
C GLU A 203 17.58 -10.05 32.96
N THR A 204 16.84 -9.25 32.17
CA THR A 204 16.74 -9.43 30.71
C THR A 204 18.11 -9.23 30.06
N ALA A 205 18.86 -8.20 30.44
CA ALA A 205 20.25 -8.01 29.91
C ALA A 205 21.03 -9.32 29.95
N GLY A 206 21.17 -9.92 31.15
CA GLY A 206 22.03 -11.10 31.38
C GLY A 206 21.67 -12.24 30.43
N ILE A 207 20.37 -12.61 30.38
CA ILE A 207 19.74 -13.70 29.57
C ILE A 207 20.02 -13.45 28.09
N GLY A 208 19.70 -12.24 27.62
CA GLY A 208 19.83 -11.88 26.20
C GLY A 208 21.29 -11.92 25.76
N ALA A 209 22.18 -11.39 26.60
CA ALA A 209 23.63 -11.28 26.31
C ALA A 209 24.21 -12.70 26.34
N SER A 210 23.79 -13.52 27.29
CA SER A 210 24.17 -14.96 27.32
C SER A 210 23.71 -15.68 26.04
N ALA A 211 22.50 -15.36 25.52
CA ALA A 211 21.96 -16.02 24.31
C ALA A 211 22.80 -15.68 23.06
N HIS A 212 23.25 -14.43 22.95
CA HIS A 212 24.12 -13.94 21.85
C HIS A 212 25.50 -14.63 21.89
N LEU A 213 26.04 -14.93 23.07
CA LEU A 213 27.40 -15.49 23.28
C LEU A 213 27.37 -16.99 22.98
N VAL A 214 26.21 -17.55 22.75
CA VAL A 214 26.09 -18.90 22.16
C VAL A 214 26.77 -18.82 20.79
N ASN A 215 26.70 -17.68 20.09
CA ASN A 215 27.14 -17.54 18.68
C ASN A 215 28.37 -16.65 18.49
N PHE A 216 28.58 -15.68 19.37
CA PHE A 216 29.74 -14.75 19.21
C PHE A 216 30.49 -14.64 20.52
N LYS A 217 31.59 -13.91 20.57
CA LYS A 217 32.44 -13.76 21.79
C LYS A 217 32.52 -12.30 22.24
N GLY A 218 31.98 -11.37 21.44
CA GLY A 218 32.12 -9.91 21.64
C GLY A 218 30.87 -9.24 22.23
N THR A 219 30.97 -8.79 23.47
CA THR A 219 29.84 -8.20 24.26
C THR A 219 30.29 -6.99 25.09
N ASP A 220 29.41 -5.98 25.19
CA ASP A 220 29.45 -4.92 26.23
C ASP A 220 28.43 -5.21 27.32
N THR A 221 27.62 -6.24 27.18
CA THR A 221 26.53 -6.51 28.14
C THR A 221 27.10 -7.37 29.25
N VAL A 222 27.77 -6.77 30.21
CA VAL A 222 28.59 -7.45 31.27
C VAL A 222 27.77 -8.48 32.04
N ALA A 223 26.51 -8.16 32.36
CA ALA A 223 25.55 -9.02 33.09
C ALA A 223 25.49 -10.44 32.50
N GLY A 224 25.76 -10.64 31.20
CA GLY A 224 25.75 -11.98 30.58
C GLY A 224 26.85 -12.87 31.16
N LEU A 225 27.97 -12.26 31.57
CA LEU A 225 29.14 -13.00 32.10
C LEU A 225 28.76 -13.80 33.35
N ALA A 226 28.26 -13.14 34.39
CA ALA A 226 27.92 -13.76 35.70
C ALA A 226 26.83 -14.83 35.48
N LEU A 227 25.97 -14.67 34.48
CA LEU A 227 24.84 -15.63 34.26
C LEU A 227 25.44 -16.95 33.75
N ILE A 228 26.31 -16.84 32.75
CA ILE A 228 26.94 -18.01 32.09
C ILE A 228 27.80 -18.77 33.12
N LYS A 229 28.66 -18.07 33.85
CA LYS A 229 29.46 -18.59 35.00
C LYS A 229 28.60 -19.43 35.98
N LYS A 230 27.45 -18.93 36.40
CA LYS A 230 26.63 -19.49 37.52
C LYS A 230 25.73 -20.62 36.99
N TYR A 231 25.26 -20.52 35.73
CA TYR A 231 24.17 -21.36 35.22
C TYR A 231 24.66 -22.38 34.20
N TYR A 232 25.80 -22.16 33.53
CA TYR A 232 26.20 -22.93 32.32
C TYR A 232 27.66 -23.37 32.43
N GLY A 233 28.58 -22.46 32.69
CA GLY A 233 30.01 -22.76 32.89
C GLY A 233 30.80 -22.77 31.59
N THR A 234 32.03 -22.25 31.65
CA THR A 234 32.99 -22.16 30.52
C THR A 234 34.38 -22.58 31.03
N LYS A 235 35.23 -23.17 30.16
CA LYS A 235 36.58 -23.64 30.54
C LYS A 235 37.46 -22.40 30.69
N ASP A 236 37.28 -21.43 29.78
CA ASP A 236 37.95 -20.09 29.83
C ASP A 236 37.37 -19.32 31.00
N PRO A 237 38.13 -18.37 31.57
CA PRO A 237 37.63 -17.42 32.57
C PRO A 237 36.26 -16.82 32.28
N VAL A 238 36.01 -16.40 31.02
CA VAL A 238 34.77 -15.67 30.66
C VAL A 238 34.39 -16.10 29.25
N PRO A 239 33.08 -16.11 28.95
CA PRO A 239 32.56 -16.35 27.60
C PRO A 239 32.61 -15.20 26.61
N GLY A 240 32.91 -13.99 27.09
CA GLY A 240 32.83 -12.83 26.18
C GLY A 240 33.84 -11.78 26.51
N TYR A 241 34.22 -11.00 25.52
CA TYR A 241 35.38 -10.10 25.58
C TYR A 241 34.98 -8.70 25.05
N SER A 242 35.66 -7.68 25.53
CA SER A 242 35.53 -6.27 25.03
C SER A 242 36.92 -5.65 24.93
N VAL A 243 36.94 -4.49 24.25
CA VAL A 243 38.08 -3.57 24.08
C VAL A 243 37.65 -2.19 24.53
N PRO A 244 38.64 -1.34 24.90
CA PRO A 244 38.34 0.06 25.20
C PRO A 244 37.78 0.77 23.97
N ALA A 245 36.79 1.60 24.26
CA ALA A 245 35.94 2.29 23.28
C ALA A 245 35.34 3.55 23.94
N ALA A 246 35.16 4.58 23.11
CA ALA A 246 34.66 5.91 23.48
C ALA A 246 33.12 5.98 23.32
N GLU A 247 32.51 6.89 24.07
CA GLU A 247 31.10 7.32 23.90
C GLU A 247 31.11 8.80 23.60
N HIS A 248 29.98 9.36 23.22
CA HIS A 248 29.76 10.81 22.94
C HIS A 248 30.19 11.68 24.12
N SER A 249 29.97 11.24 25.36
CA SER A 249 30.38 12.02 26.57
C SER A 249 31.89 12.27 26.61
N THR A 250 32.74 11.31 26.18
CA THR A 250 34.23 11.33 26.40
C THR A 250 34.92 12.04 25.21
N ILE A 251 34.26 12.14 24.06
CA ILE A 251 34.69 12.99 22.91
C ILE A 251 34.19 14.45 23.19
N THR A 252 32.87 14.66 23.37
CA THR A 252 32.27 16.00 23.36
C THR A 252 32.69 16.77 24.63
N ALA A 253 33.13 16.08 25.68
CA ALA A 253 33.57 16.69 26.96
C ALA A 253 34.78 17.60 26.78
N TRP A 254 35.58 17.34 25.75
CA TRP A 254 36.80 18.11 25.39
C TRP A 254 36.43 19.47 24.82
N GLY A 255 35.23 19.63 24.30
CA GLY A 255 34.80 20.93 23.74
C GLY A 255 34.66 20.78 22.26
N LYS A 256 33.65 21.43 21.70
CA LYS A 256 33.20 21.22 20.30
C LYS A 256 34.39 21.31 19.35
N ASP A 257 35.42 22.09 19.71
CA ASP A 257 36.58 22.49 18.84
C ASP A 257 37.85 21.69 19.19
N HIS A 258 37.75 20.65 20.01
CA HIS A 258 38.87 19.81 20.50
C HIS A 258 38.61 18.34 20.22
N GLU A 259 37.82 18.00 19.21
CA GLU A 259 37.51 16.61 18.80
C GLU A 259 38.85 15.91 18.61
N LYS A 260 39.76 16.58 17.88
CA LYS A 260 41.12 16.08 17.54
C LYS A 260 41.90 15.76 18.82
N ASP A 261 41.77 16.60 19.85
CA ASP A 261 42.47 16.42 21.16
C ASP A 261 41.91 15.19 21.88
N ALA A 262 40.58 15.00 21.84
CA ALA A 262 39.88 13.85 22.44
C ALA A 262 40.39 12.59 21.76
N PHE A 263 40.26 12.49 20.44
CA PHE A 263 40.75 11.35 19.60
C PHE A 263 42.20 11.04 19.99
N GLU A 264 43.00 12.08 20.03
CA GLU A 264 44.47 11.89 20.15
C GLU A 264 44.74 11.36 21.56
N HIS A 265 44.07 11.92 22.57
CA HIS A 265 44.20 11.43 23.97
C HIS A 265 43.80 9.98 24.05
N ILE A 266 42.75 9.61 23.31
CA ILE A 266 42.06 8.28 23.51
C ILE A 266 42.89 7.17 22.87
N VAL A 267 43.29 7.38 21.63
CA VAL A 267 44.08 6.36 20.86
C VAL A 267 45.47 6.23 21.50
N THR A 268 46.00 7.29 22.13
CA THR A 268 47.31 7.29 22.82
C THR A 268 47.22 6.62 24.18
N GLN A 269 46.11 6.79 24.88
CA GLN A 269 45.85 6.05 26.12
C GLN A 269 45.84 4.54 25.79
N PHE A 270 45.25 4.17 24.67
CA PHE A 270 45.01 2.74 24.30
C PHE A 270 45.80 2.46 23.02
N SER A 271 47.12 2.54 23.14
CA SER A 271 48.09 2.58 22.00
C SER A 271 48.36 1.14 21.53
N SER A 272 48.31 0.20 22.47
CA SER A 272 48.82 -1.19 22.40
C SER A 272 47.64 -2.17 22.43
N VAL A 273 46.39 -1.67 22.47
CA VAL A 273 45.20 -2.53 22.41
C VAL A 273 44.24 -1.93 21.40
N PRO A 274 43.32 -2.74 20.83
CA PRO A 274 42.31 -2.24 19.89
C PRO A 274 41.45 -1.12 20.52
N VAL A 275 40.97 -0.16 19.74
CA VAL A 275 40.22 0.93 20.38
C VAL A 275 39.14 1.40 19.40
N SER A 276 37.89 1.32 19.86
CA SER A 276 36.72 1.88 19.15
C SER A 276 36.58 3.38 19.55
N VAL A 277 36.40 4.25 18.57
CA VAL A 277 36.24 5.71 18.78
C VAL A 277 35.08 6.21 17.91
N VAL A 278 33.93 6.51 18.55
CA VAL A 278 32.80 7.19 17.90
C VAL A 278 33.33 8.50 17.35
N SER A 279 33.02 8.76 16.07
CA SER A 279 33.63 9.85 15.28
C SER A 279 32.59 10.73 14.64
N ASP A 280 31.31 10.59 15.05
CA ASP A 280 30.15 11.29 14.47
C ASP A 280 29.67 12.37 15.43
N SER A 281 30.42 12.67 16.49
CA SER A 281 30.13 13.72 17.50
C SER A 281 29.70 15.01 16.79
N TYR A 282 30.38 15.41 15.71
CA TYR A 282 30.01 16.63 14.94
C TYR A 282 29.82 16.26 13.47
N ASP A 283 30.84 15.71 12.82
CA ASP A 283 30.82 15.34 11.38
C ASP A 283 31.78 14.15 11.20
N ILE A 284 31.23 12.97 11.16
CA ILE A 284 31.91 11.70 10.82
C ILE A 284 32.85 11.87 9.60
N TYR A 285 32.39 12.46 8.52
CA TYR A 285 33.08 12.46 7.21
C TYR A 285 34.29 13.39 7.32
N ASN A 286 34.18 14.48 8.10
CA ASN A 286 35.34 15.38 8.37
C ASN A 286 36.34 14.64 9.27
N ALA A 287 35.84 14.02 10.34
CA ALA A 287 36.68 13.33 11.31
C ALA A 287 37.45 12.20 10.61
N CYS A 288 36.86 11.47 9.68
CA CYS A 288 37.58 10.41 8.91
C CYS A 288 38.64 11.03 8.00
N GLU A 289 38.25 12.03 7.21
CA GLU A 289 39.07 12.61 6.11
C GLU A 289 40.14 13.56 6.68
N LYS A 290 39.79 14.47 7.58
CA LYS A 290 40.68 15.56 8.02
C LYS A 290 41.32 15.19 9.36
N ILE A 291 40.60 14.64 10.31
CA ILE A 291 41.13 14.40 11.69
C ILE A 291 41.86 13.05 11.77
N TRP A 292 41.28 11.94 11.34
CA TRP A 292 41.96 10.63 11.34
C TRP A 292 42.94 10.60 10.17
N GLY A 293 42.49 11.12 9.04
CA GLY A 293 43.14 10.99 7.72
C GLY A 293 44.23 11.99 7.47
N GLU A 294 44.34 13.06 8.24
CA GLU A 294 45.43 14.10 8.10
C GLU A 294 46.04 14.47 9.46
N ASP A 295 45.28 15.02 10.41
CA ASP A 295 45.87 15.59 11.66
C ASP A 295 46.57 14.48 12.48
N LEU A 296 45.93 13.32 12.61
CA LEU A 296 46.33 12.26 13.59
C LEU A 296 46.73 10.98 12.82
N ARG A 297 46.79 11.10 11.47
CA ARG A 297 47.21 10.05 10.54
C ARG A 297 48.39 9.28 11.12
N HIS A 298 49.33 10.01 11.69
CA HIS A 298 50.67 9.52 12.11
C HIS A 298 50.55 8.57 13.31
N LEU A 299 49.55 8.71 14.17
CA LEU A 299 49.35 7.84 15.36
C LEU A 299 48.47 6.64 15.00
N ILE A 300 47.96 6.54 13.77
CA ILE A 300 47.11 5.42 13.30
C ILE A 300 47.97 4.42 12.56
N VAL A 301 48.76 4.88 11.59
CA VAL A 301 49.58 4.03 10.68
C VAL A 301 50.74 3.36 11.44
N SER A 302 51.03 3.80 12.65
CA SER A 302 52.10 3.24 13.55
C SER A 302 51.54 2.11 14.42
N ARG A 303 50.22 1.89 14.45
CA ARG A 303 49.59 1.02 15.48
C ARG A 303 49.78 -0.43 15.06
N SER A 304 49.90 -1.34 16.03
CA SER A 304 50.03 -2.82 15.83
C SER A 304 48.78 -3.39 15.14
N THR A 305 48.97 -4.48 14.39
CA THR A 305 47.90 -5.29 13.75
C THR A 305 47.02 -5.93 14.86
N GLN A 306 47.51 -5.99 16.09
CA GLN A 306 46.80 -6.56 17.28
C GLN A 306 46.10 -5.43 18.06
N ALA A 307 46.09 -4.20 17.54
CA ALA A 307 45.52 -3.03 18.25
C ALA A 307 45.14 -1.94 17.26
N PRO A 308 44.26 -2.21 16.28
CA PRO A 308 43.89 -1.19 15.30
C PRO A 308 43.01 -0.09 15.92
N LEU A 309 42.88 1.03 15.23
CA LEU A 309 41.79 2.01 15.44
C LEU A 309 40.56 1.49 14.70
N ILE A 310 39.44 1.47 15.43
CA ILE A 310 38.12 1.06 14.88
C ILE A 310 37.27 2.35 14.88
N ILE A 311 37.20 3.01 13.73
CA ILE A 311 36.34 4.19 13.57
C ILE A 311 34.89 3.73 13.65
N ARG A 312 34.14 4.26 14.62
CA ARG A 312 32.67 4.05 14.82
C ARG A 312 31.85 5.24 14.34
N PRO A 313 31.25 5.19 13.14
CA PRO A 313 30.15 6.09 12.78
C PRO A 313 28.93 5.63 13.60
N ASP A 314 27.98 6.52 13.88
CA ASP A 314 26.87 6.19 14.81
C ASP A 314 25.59 6.90 14.39
N SER A 315 25.46 7.26 13.12
CA SER A 315 24.41 8.17 12.62
C SER A 315 24.36 8.17 11.10
N GLY A 316 23.23 8.54 10.53
CA GLY A 316 22.97 8.60 9.09
C GLY A 316 22.31 7.34 8.63
N ASN A 317 21.92 7.30 7.36
CA ASN A 317 21.64 6.02 6.70
C ASN A 317 22.80 5.06 6.98
N PRO A 318 22.55 3.91 7.67
CA PRO A 318 23.61 2.96 8.01
C PRO A 318 24.44 2.53 6.78
N LEU A 319 23.79 2.18 5.68
CA LEU A 319 24.51 1.66 4.49
C LEU A 319 25.26 2.84 3.87
N ASP A 320 24.57 3.94 3.60
CA ASP A 320 25.19 5.09 2.88
C ASP A 320 26.40 5.60 3.71
N THR A 321 26.31 5.57 5.05
CA THR A 321 27.35 6.14 5.93
C THR A 321 28.59 5.23 5.82
N VAL A 322 28.40 3.92 6.00
CA VAL A 322 29.50 2.90 5.95
C VAL A 322 30.25 3.06 4.62
N LEU A 323 29.53 3.23 3.49
CA LEU A 323 30.10 3.26 2.10
C LEU A 323 30.94 4.52 1.86
N LYS A 324 30.50 5.68 2.34
CA LYS A 324 31.27 6.97 2.26
C LYS A 324 32.40 6.93 3.30
N VAL A 325 32.18 6.38 4.50
CA VAL A 325 33.24 6.22 5.53
C VAL A 325 34.42 5.49 4.90
N LEU A 326 34.16 4.34 4.26
CA LEU A 326 35.18 3.50 3.63
C LEU A 326 35.81 4.21 2.45
N GLU A 327 35.02 4.83 1.58
CA GLU A 327 35.58 5.58 0.41
C GLU A 327 36.54 6.67 0.92
N ILE A 328 36.18 7.38 1.98
CA ILE A 328 37.08 8.44 2.56
C ILE A 328 38.33 7.74 3.04
N LEU A 329 38.16 6.64 3.79
CA LEU A 329 39.33 5.99 4.47
C LEU A 329 40.24 5.34 3.42
N GLY A 330 39.66 4.81 2.34
CA GLY A 330 40.41 4.18 1.23
C GLY A 330 41.31 5.20 0.54
N LYS A 331 40.96 6.48 0.61
CA LYS A 331 41.69 7.58 -0.10
C LYS A 331 42.71 8.28 0.80
N LYS A 332 42.72 7.99 2.10
CA LYS A 332 43.67 8.57 3.08
C LYS A 332 44.63 7.50 3.58
N PHE A 333 44.36 6.22 3.31
CA PHE A 333 45.15 5.12 3.88
C PHE A 333 45.39 4.10 2.79
N PRO A 334 46.46 3.32 2.92
CA PRO A 334 46.83 2.37 1.89
C PRO A 334 45.91 1.15 1.83
N VAL A 335 45.15 1.05 0.74
CA VAL A 335 44.17 -0.03 0.52
C VAL A 335 44.84 -1.15 -0.31
N THR A 336 44.69 -2.40 0.14
CA THR A 336 45.08 -3.60 -0.65
C THR A 336 43.82 -4.17 -1.30
N GLU A 337 43.97 -4.82 -2.46
CA GLU A 337 42.98 -5.77 -3.04
C GLU A 337 43.43 -7.16 -2.60
N ASN A 338 42.59 -7.92 -1.90
CA ASN A 338 42.84 -9.31 -1.42
C ASN A 338 42.56 -10.31 -2.56
N SER A 339 42.69 -11.61 -2.28
CA SER A 339 42.81 -12.64 -3.34
C SER A 339 41.48 -12.71 -4.11
N LYS A 340 40.39 -12.23 -3.50
CA LYS A 340 39.03 -12.36 -4.10
C LYS A 340 38.69 -11.15 -4.99
N GLY A 341 39.52 -10.10 -5.03
CA GLY A 341 39.29 -8.87 -5.84
C GLY A 341 38.64 -7.78 -5.01
N TYR A 342 38.52 -8.01 -3.70
CA TYR A 342 37.86 -7.10 -2.74
C TYR A 342 38.91 -6.29 -1.99
N LYS A 343 38.54 -5.05 -1.66
CA LYS A 343 39.45 -4.05 -1.10
C LYS A 343 39.52 -4.20 0.42
N LEU A 344 40.66 -3.80 0.99
CA LEU A 344 41.06 -4.00 2.41
C LEU A 344 41.83 -2.76 2.92
N LEU A 345 41.32 -2.15 3.99
CA LEU A 345 42.05 -1.13 4.79
C LEU A 345 43.33 -1.77 5.29
N PRO A 346 44.36 -0.98 5.64
CA PRO A 346 45.55 -1.49 6.27
C PRO A 346 45.15 -2.04 7.62
N PRO A 347 45.91 -3.02 8.14
CA PRO A 347 45.44 -3.83 9.27
C PRO A 347 45.28 -3.10 10.61
N TYR A 348 45.71 -1.86 10.67
CA TYR A 348 45.63 -0.98 11.87
C TYR A 348 44.28 -0.25 11.86
N LEU A 349 43.47 -0.32 10.77
CA LEU A 349 42.27 0.53 10.53
C LEU A 349 41.04 -0.32 10.17
N ARG A 350 40.09 -0.40 11.09
CA ARG A 350 38.75 -1.03 10.86
C ARG A 350 37.64 -0.05 11.22
N VAL A 351 36.41 -0.39 10.86
CA VAL A 351 35.13 0.37 11.02
C VAL A 351 34.14 -0.53 11.74
N ILE A 352 33.31 0.07 12.60
CA ILE A 352 32.18 -0.64 13.28
C ILE A 352 30.96 0.23 13.09
N GLN A 353 29.92 -0.29 12.42
CA GLN A 353 28.55 0.31 12.43
C GLN A 353 27.79 -0.21 13.63
N GLY A 354 27.57 0.65 14.65
CA GLY A 354 26.94 0.27 15.94
C GLY A 354 25.45 0.64 16.07
N ASP A 355 24.93 1.42 15.12
CA ASP A 355 23.66 2.17 15.26
C ASP A 355 22.63 1.71 14.19
N GLY A 356 21.41 1.41 14.62
CA GLY A 356 20.32 0.95 13.72
C GLY A 356 20.60 -0.42 13.13
N VAL A 357 21.38 -1.26 13.82
CA VAL A 357 21.80 -2.57 13.26
C VAL A 357 20.85 -3.64 13.75
N ASP A 358 20.15 -4.24 12.82
CA ASP A 358 19.42 -5.50 13.06
C ASP A 358 19.77 -6.46 11.91
N ILE A 359 19.18 -7.65 11.93
CA ILE A 359 19.47 -8.71 10.93
C ILE A 359 19.27 -8.12 9.52
N ASN A 360 18.28 -7.24 9.33
CA ASN A 360 17.94 -6.76 7.97
C ASN A 360 18.93 -5.68 7.55
N THR A 361 19.36 -4.77 8.45
CA THR A 361 20.30 -3.69 8.04
C THR A 361 21.72 -4.29 7.97
N LEU A 362 22.09 -5.21 8.86
CA LEU A 362 23.39 -5.92 8.77
C LEU A 362 23.50 -6.52 7.36
N GLN A 363 22.39 -7.00 6.83
CA GLN A 363 22.37 -7.65 5.50
C GLN A 363 22.42 -6.57 4.39
N GLU A 364 21.72 -5.45 4.55
CA GLU A 364 21.77 -4.33 3.58
C GLU A 364 23.22 -3.87 3.42
N ILE A 365 23.96 -3.82 4.54
CA ILE A 365 25.32 -3.21 4.59
C ILE A 365 26.29 -4.15 3.88
N VAL A 366 26.38 -5.41 4.28
CA VAL A 366 27.41 -6.35 3.74
C VAL A 366 27.13 -6.47 2.24
N GLU A 367 25.87 -6.52 1.80
CA GLU A 367 25.51 -6.68 0.37
C GLU A 367 25.86 -5.38 -0.37
N GLY A 368 25.63 -4.23 0.26
CA GLY A 368 26.05 -2.93 -0.26
C GLY A 368 27.57 -2.81 -0.37
N MET A 369 28.28 -3.17 0.71
CA MET A 369 29.77 -3.26 0.76
C MET A 369 30.27 -4.17 -0.37
N LYS A 370 29.66 -5.34 -0.57
CA LYS A 370 30.11 -6.31 -1.59
C LYS A 370 29.87 -5.71 -2.98
N GLN A 371 28.75 -5.03 -3.21
CA GLN A 371 28.51 -4.37 -4.53
C GLN A 371 29.56 -3.27 -4.79
N LYS A 372 30.16 -2.68 -3.76
CA LYS A 372 31.19 -1.63 -3.95
C LYS A 372 32.62 -2.24 -3.83
N MET A 373 32.72 -3.58 -3.86
CA MET A 373 33.98 -4.37 -3.90
C MET A 373 34.75 -4.14 -2.59
N TRP A 374 34.05 -3.98 -1.47
CA TRP A 374 34.69 -3.84 -0.13
C TRP A 374 34.64 -5.18 0.60
N SER A 375 35.77 -5.64 1.09
CA SER A 375 35.78 -6.92 1.82
C SER A 375 34.96 -6.70 3.10
N ILE A 376 34.29 -7.75 3.53
CA ILE A 376 33.49 -7.76 4.77
C ILE A 376 34.42 -7.78 5.98
N GLU A 377 35.69 -8.10 5.80
CA GLU A 377 36.67 -8.09 6.92
C GLU A 377 37.02 -6.63 7.31
N ASN A 378 36.62 -5.67 6.49
CA ASN A 378 36.72 -4.23 6.83
C ASN A 378 35.77 -3.86 7.98
N ILE A 379 34.63 -4.54 8.10
CA ILE A 379 33.48 -3.98 8.88
C ILE A 379 33.17 -4.93 10.03
N ALA A 380 32.96 -4.37 11.20
CA ALA A 380 32.35 -5.04 12.37
C ALA A 380 30.98 -4.37 12.61
N PHE A 381 30.12 -5.05 13.35
CA PHE A 381 28.74 -4.59 13.61
C PHE A 381 28.58 -4.62 15.13
N GLY A 382 27.99 -3.57 15.65
CA GLY A 382 27.45 -3.51 17.02
C GLY A 382 25.92 -3.36 16.96
N SER A 383 25.21 -4.10 17.81
CA SER A 383 23.72 -4.10 17.79
C SER A 383 23.26 -4.01 19.22
N GLY A 384 22.36 -3.08 19.47
CA GLY A 384 21.78 -2.87 20.80
C GLY A 384 20.36 -3.37 20.87
N GLY A 385 19.42 -2.50 20.44
CA GLY A 385 17.98 -2.76 20.38
C GLY A 385 17.65 -3.94 19.47
N GLY A 386 18.17 -3.87 18.23
CA GLY A 386 18.11 -4.93 17.22
C GLY A 386 18.43 -6.27 17.82
N LEU A 387 19.48 -6.36 18.65
CA LEU A 387 20.03 -7.63 19.12
C LEU A 387 19.26 -8.15 20.33
N LEU A 388 18.94 -7.28 21.32
CA LEU A 388 18.44 -7.74 22.64
C LEU A 388 16.95 -7.42 22.95
N GLN A 389 16.32 -6.50 22.24
CA GLN A 389 14.98 -6.04 22.57
C GLN A 389 14.04 -6.14 21.37
N LYS A 390 14.44 -5.77 20.17
CA LYS A 390 13.48 -5.75 19.03
C LYS A 390 13.17 -7.19 18.59
N LEU A 391 12.66 -7.99 19.54
CA LEU A 391 12.33 -9.43 19.43
C LEU A 391 11.05 -9.69 20.24
N THR A 392 10.19 -10.54 19.67
CA THR A 392 8.85 -10.90 20.19
C THR A 392 8.70 -12.43 20.19
N ARG A 393 7.79 -12.91 21.05
CA ARG A 393 7.38 -14.33 21.08
C ARG A 393 6.72 -14.66 19.73
N ASP A 394 6.19 -13.67 19.01
CA ASP A 394 5.52 -13.90 17.70
C ASP A 394 6.53 -14.27 16.59
N LEU A 395 7.81 -13.96 16.74
CA LEU A 395 8.76 -14.08 15.61
C LEU A 395 8.93 -15.59 15.25
N LEU A 396 9.18 -16.47 16.21
CA LEU A 396 9.30 -17.92 15.95
C LEU A 396 8.08 -18.70 16.43
N ASN A 397 6.98 -18.01 16.68
CA ASN A 397 5.77 -18.64 17.21
C ASN A 397 6.15 -19.62 18.35
N CYS A 398 6.85 -19.14 19.37
CA CYS A 398 7.12 -19.90 20.62
C CYS A 398 5.78 -20.10 21.37
N SER A 399 5.44 -21.36 21.74
CA SER A 399 4.07 -21.81 22.10
C SER A 399 4.15 -23.08 22.95
N PHE A 400 3.34 -23.12 23.99
CA PHE A 400 3.20 -24.19 24.99
C PHE A 400 1.72 -24.58 24.98
N LYS A 401 1.44 -25.86 24.72
CA LYS A 401 0.07 -26.35 24.52
C LYS A 401 -0.03 -27.71 25.19
N CYS A 402 -1.22 -28.03 25.71
CA CYS A 402 -1.59 -29.38 26.19
C CYS A 402 -1.88 -30.23 24.97
N SER A 403 -1.29 -31.44 24.90
CA SER A 403 -1.39 -32.42 23.79
C SER A 403 -1.97 -33.76 24.29
N TYR A 404 -1.95 -34.03 25.59
CA TYR A 404 -2.34 -35.36 26.15
C TYR A 404 -2.80 -35.17 27.57
N VAL A 405 -3.91 -35.81 27.93
CA VAL A 405 -4.43 -35.89 29.32
C VAL A 405 -4.97 -37.30 29.52
N VAL A 406 -4.89 -37.74 30.76
CA VAL A 406 -5.52 -39.00 31.27
C VAL A 406 -6.70 -38.58 32.14
N THR A 407 -7.92 -38.94 31.73
CA THR A 407 -9.24 -38.63 32.37
C THR A 407 -9.93 -39.97 32.69
N ASN A 408 -10.19 -40.24 33.95
CA ASN A 408 -10.77 -41.54 34.40
C ASN A 408 -9.83 -42.71 34.11
N GLY A 409 -8.50 -42.51 34.05
CA GLY A 409 -7.58 -43.61 33.71
C GLY A 409 -7.29 -43.72 32.22
N LEU A 410 -8.15 -43.20 31.31
CA LEU A 410 -7.97 -43.34 29.83
C LEU A 410 -7.25 -42.13 29.26
N GLY A 411 -6.03 -42.32 28.73
CA GLY A 411 -5.32 -41.32 27.93
C GLY A 411 -6.18 -40.88 26.78
N ILE A 412 -6.23 -39.58 26.50
CA ILE A 412 -6.85 -39.02 25.27
C ILE A 412 -5.91 -37.93 24.73
N ASN A 413 -5.82 -37.90 23.42
CA ASN A 413 -4.92 -37.02 22.64
C ASN A 413 -5.72 -35.76 22.35
N VAL A 414 -5.21 -34.62 22.81
CA VAL A 414 -5.90 -33.31 22.89
C VAL A 414 -5.13 -32.30 22.07
N PHE A 415 -5.81 -31.31 21.56
CA PHE A 415 -5.20 -30.27 20.70
C PHE A 415 -6.19 -29.11 20.50
N LYS A 416 -5.66 -27.99 20.03
CA LYS A 416 -6.48 -26.91 19.42
C LYS A 416 -6.37 -27.00 17.91
N ASP A 417 -7.40 -26.52 17.19
CA ASP A 417 -7.43 -26.49 15.71
C ASP A 417 -8.36 -25.39 15.25
N PRO A 418 -8.02 -24.10 15.47
CA PRO A 418 -8.93 -23.01 15.15
C PRO A 418 -9.27 -23.06 13.66
N VAL A 419 -10.54 -23.00 13.31
CA VAL A 419 -11.01 -23.07 11.90
C VAL A 419 -10.29 -21.97 11.08
N ALA A 420 -10.24 -20.74 11.59
CA ALA A 420 -9.74 -19.60 10.80
C ALA A 420 -8.23 -19.37 10.99
N ASP A 421 -7.46 -20.21 11.71
CA ASP A 421 -5.95 -20.16 11.67
C ASP A 421 -5.35 -21.56 11.79
N PRO A 422 -5.22 -22.27 10.65
CA PRO A 422 -4.52 -23.57 10.59
C PRO A 422 -3.14 -23.61 11.26
N ASN A 423 -2.42 -22.50 11.27
CA ASN A 423 -1.01 -22.49 11.76
C ASN A 423 -0.99 -22.48 13.27
N LYS A 424 -2.14 -22.27 13.93
CA LYS A 424 -2.24 -22.41 15.42
C LYS A 424 -2.75 -23.82 15.81
N ARG A 425 -3.10 -24.66 14.85
CA ARG A 425 -3.35 -26.10 15.16
C ARG A 425 -2.22 -26.61 16.05
N SER A 426 -2.55 -27.35 17.12
CA SER A 426 -1.52 -27.95 17.99
C SER A 426 -1.37 -29.43 17.66
N LYS A 427 -0.23 -29.99 18.06
CA LYS A 427 0.13 -31.43 17.95
C LYS A 427 -0.72 -32.26 18.91
N LYS A 428 -1.01 -33.50 18.54
CA LYS A 428 -1.85 -34.35 19.40
C LYS A 428 -0.96 -35.31 20.20
N GLY A 429 -1.26 -35.46 21.48
CA GLY A 429 -0.88 -36.63 22.26
C GLY A 429 0.54 -36.61 22.67
N ARG A 430 1.08 -37.78 22.99
CA ARG A 430 2.45 -37.92 23.56
C ARG A 430 3.44 -37.76 22.43
N LEU A 431 4.41 -36.89 22.64
CA LEU A 431 5.33 -36.42 21.60
C LEU A 431 6.72 -37.01 21.83
N SER A 432 7.40 -37.26 20.73
CA SER A 432 8.86 -37.52 20.73
C SER A 432 9.47 -36.87 19.49
N LEU A 433 10.76 -36.58 19.59
CA LEU A 433 11.65 -36.00 18.55
C LEU A 433 12.66 -37.03 18.03
N HIS A 434 12.72 -37.18 16.73
CA HIS A 434 13.52 -38.26 16.10
C HIS A 434 14.33 -37.70 14.94
N ARG A 435 15.52 -38.24 14.79
CA ARG A 435 16.36 -38.22 13.56
C ARG A 435 15.66 -39.02 12.50
N THR A 436 15.59 -38.45 11.31
CA THR A 436 15.05 -39.13 10.12
C THR A 436 16.18 -39.94 9.51
N PRO A 437 15.92 -40.84 8.52
CA PRO A 437 17.01 -41.39 7.71
C PRO A 437 17.93 -40.34 7.03
N ALA A 438 17.43 -39.18 6.60
CA ALA A 438 18.22 -38.17 5.84
C ALA A 438 18.94 -37.17 6.77
N GLY A 439 18.93 -37.41 8.07
CA GLY A 439 19.57 -36.55 9.10
C GLY A 439 18.80 -35.29 9.42
N ASN A 440 17.51 -35.26 9.13
CA ASN A 440 16.59 -34.17 9.54
C ASN A 440 15.87 -34.60 10.82
N PHE A 441 14.89 -33.83 11.26
CA PHE A 441 14.13 -34.08 12.52
C PHE A 441 12.69 -34.49 12.18
N VAL A 442 12.06 -35.37 12.96
CA VAL A 442 10.56 -35.45 12.97
C VAL A 442 10.04 -35.44 14.41
N THR A 443 8.93 -34.75 14.66
CA THR A 443 8.14 -34.87 15.91
C THR A 443 7.03 -35.88 15.65
N LEU A 444 7.06 -36.98 16.39
CA LEU A 444 6.03 -38.04 16.31
C LEU A 444 4.95 -37.70 17.32
N GLU A 445 3.69 -37.93 16.95
CA GLU A 445 2.45 -37.59 17.68
C GLU A 445 1.75 -38.89 18.10
N GLU A 446 0.65 -38.79 18.85
CA GLU A 446 -0.18 -39.97 19.27
C GLU A 446 0.71 -41.04 19.97
N GLY A 447 1.88 -40.69 20.51
CA GLY A 447 2.76 -41.65 21.20
C GLY A 447 3.40 -42.64 20.23
N LYS A 448 3.29 -42.41 18.90
CA LYS A 448 4.00 -43.22 17.85
C LYS A 448 5.52 -43.38 18.08
N GLY A 449 6.13 -42.65 19.02
CA GLY A 449 7.56 -42.78 19.35
C GLY A 449 7.90 -44.17 19.86
N ASP A 450 6.91 -44.86 20.44
CA ASP A 450 7.07 -46.12 21.19
C ASP A 450 7.05 -47.30 20.22
N LEU A 451 6.72 -47.06 18.96
CA LEU A 451 7.01 -48.02 17.87
C LEU A 451 8.51 -48.14 17.57
N GLU A 452 9.43 -47.28 18.04
CA GLU A 452 10.89 -47.34 17.65
C GLU A 452 11.02 -47.78 16.17
N GLU A 453 10.19 -47.20 15.28
CA GLU A 453 10.29 -47.27 13.80
C GLU A 453 11.28 -46.22 13.34
N TYR A 454 11.59 -45.29 14.23
CA TYR A 454 12.68 -44.30 14.14
C TYR A 454 13.64 -44.71 15.23
N GLY A 455 14.87 -44.20 15.20
CA GLY A 455 15.74 -44.27 16.37
C GLY A 455 14.95 -43.77 17.57
N GLN A 456 15.65 -43.19 18.53
CA GLN A 456 15.14 -43.02 19.89
C GLN A 456 14.92 -41.52 20.10
N ASP A 457 14.12 -41.24 21.10
CA ASP A 457 13.64 -39.90 21.46
C ASP A 457 14.87 -39.07 21.79
N LEU A 458 15.06 -38.00 21.03
CA LEU A 458 16.17 -37.02 21.29
C LEU A 458 15.81 -36.07 22.45
N LEU A 459 14.58 -35.97 22.98
CA LEU A 459 14.38 -35.17 24.23
C LEU A 459 14.89 -35.99 25.40
N HIS A 460 15.56 -35.40 26.39
CA HIS A 460 16.02 -36.09 27.61
C HIS A 460 15.41 -35.44 28.83
N THR A 461 15.32 -36.18 29.92
CA THR A 461 14.91 -35.70 31.25
C THR A 461 15.90 -34.61 31.69
N VAL A 462 15.44 -33.39 31.84
CA VAL A 462 16.32 -32.26 32.30
C VAL A 462 15.88 -31.90 33.72
N PHE A 463 14.61 -32.15 34.07
CA PHE A 463 13.98 -31.77 35.36
C PHE A 463 12.92 -32.81 35.77
N LYS A 464 13.06 -33.32 36.99
CA LYS A 464 12.15 -34.35 37.53
C LYS A 464 12.12 -34.17 39.05
N ASN A 465 10.91 -34.00 39.57
CA ASN A 465 10.56 -34.05 41.01
C ASN A 465 11.48 -33.13 41.83
N GLY A 466 11.72 -31.90 41.31
CA GLY A 466 12.48 -30.82 41.97
C GLY A 466 13.98 -30.84 41.70
N LYS A 467 14.46 -31.74 40.84
CA LYS A 467 15.93 -31.77 40.57
C LYS A 467 16.15 -31.48 39.10
N VAL A 468 17.15 -30.66 38.80
CA VAL A 468 17.86 -30.66 37.49
C VAL A 468 18.60 -32.01 37.40
N THR A 469 18.27 -32.80 36.40
CA THR A 469 18.73 -34.18 36.23
C THR A 469 19.79 -34.23 35.14
N LYS A 470 19.81 -33.28 34.21
CA LYS A 470 20.75 -33.29 33.08
C LYS A 470 21.12 -31.82 32.81
N SER A 471 22.44 -31.52 32.78
CA SER A 471 22.90 -30.17 32.39
C SER A 471 24.05 -30.19 31.38
N TYR A 472 24.19 -29.05 30.73
CA TYR A 472 25.06 -28.80 29.56
C TYR A 472 25.95 -27.62 29.94
N SER A 473 27.24 -27.71 29.63
CA SER A 473 28.19 -26.59 29.78
C SER A 473 27.86 -25.57 28.68
N PHE A 474 28.27 -24.35 28.89
CA PHE A 474 28.13 -23.30 27.85
C PHE A 474 28.95 -23.71 26.63
N ASP A 475 30.05 -24.41 26.86
CA ASP A 475 30.94 -24.91 25.77
C ASP A 475 30.19 -25.93 24.93
N GLU A 476 29.49 -26.89 25.56
CA GLU A 476 28.74 -27.96 24.84
C GLU A 476 27.70 -27.27 23.98
N ILE A 477 27.02 -26.28 24.56
CA ILE A 477 25.95 -25.52 23.85
C ILE A 477 26.55 -24.80 22.63
N ARG A 478 27.74 -24.24 22.79
CA ARG A 478 28.45 -23.50 21.70
C ARG A 478 28.70 -24.48 20.58
N LYS A 479 29.29 -25.62 20.94
CA LYS A 479 29.60 -26.72 20.00
C LYS A 479 28.33 -27.12 19.26
N ASN A 480 27.23 -27.32 19.98
CA ASN A 480 26.00 -27.82 19.35
C ASN A 480 25.48 -26.79 18.35
N ALA A 481 25.71 -25.50 18.65
CA ALA A 481 25.12 -24.36 17.91
C ALA A 481 26.02 -23.86 16.77
N GLN A 482 27.17 -24.50 16.52
CA GLN A 482 28.05 -24.23 15.36
C GLN A 482 27.21 -24.09 14.08
N LEU A 483 27.73 -23.31 13.14
CA LEU A 483 27.38 -23.36 11.70
C LEU A 483 27.99 -24.62 11.07
N ASN A 484 27.55 -24.94 9.85
CA ASN A 484 28.03 -26.06 9.00
C ASN A 484 29.45 -25.86 8.49
N PHE B 10 23.54 -8.93 42.99
CA PHE B 10 23.81 -7.74 42.12
C PHE B 10 25.02 -6.92 42.57
N ASN B 11 25.78 -6.44 41.59
CA ASN B 11 27.00 -5.62 41.75
C ASN B 11 26.96 -4.46 40.76
N ILE B 12 26.75 -3.24 41.20
CA ILE B 12 26.69 -2.05 40.29
C ILE B 12 28.00 -1.86 39.51
N LEU B 13 29.14 -2.38 39.97
CA LEU B 13 30.45 -2.31 39.25
C LEU B 13 30.38 -3.15 37.98
N LEU B 14 29.41 -4.10 37.94
CA LEU B 14 29.20 -5.09 36.85
C LEU B 14 27.92 -4.76 36.07
N ALA B 15 27.30 -3.60 36.34
CA ALA B 15 25.95 -3.26 35.80
C ALA B 15 26.04 -2.05 34.87
N THR B 16 27.12 -1.98 34.11
CA THR B 16 27.39 -0.94 33.08
C THR B 16 27.89 -1.62 31.80
N ASP B 17 27.82 -0.90 30.68
CA ASP B 17 28.46 -1.32 29.40
C ASP B 17 29.97 -1.43 29.64
N SER B 18 30.56 -2.56 29.25
CA SER B 18 32.02 -2.78 29.26
C SER B 18 32.80 -1.47 29.03
N TYR B 19 32.61 -0.76 27.91
CA TYR B 19 33.50 0.38 27.53
C TYR B 19 33.49 1.50 28.55
N LYS B 20 32.46 1.58 29.38
CA LYS B 20 32.33 2.69 30.36
C LYS B 20 33.34 2.42 31.47
N VAL B 21 33.71 1.15 31.62
CA VAL B 21 34.75 0.74 32.59
C VAL B 21 36.02 1.55 32.29
N THR B 22 36.26 1.86 31.01
CA THR B 22 37.53 2.45 30.48
C THR B 22 37.47 3.98 30.37
N HIS B 23 36.29 4.59 30.60
CA HIS B 23 35.98 6.00 30.26
C HIS B 23 36.73 6.98 31.18
N TYR B 24 37.06 6.58 32.41
CA TYR B 24 37.78 7.43 33.38
C TYR B 24 39.19 7.74 32.86
N LYS B 25 39.64 7.06 31.82
CA LYS B 25 40.94 7.34 31.14
C LYS B 25 40.69 8.06 29.81
N GLN B 26 39.54 8.68 29.58
CA GLN B 26 39.19 9.24 28.24
C GLN B 26 38.80 10.72 28.36
N TYR B 27 38.33 11.15 29.54
CA TYR B 27 37.80 12.51 29.79
C TYR B 27 38.99 13.46 29.81
N PRO B 28 38.81 14.76 29.48
CA PRO B 28 39.90 15.70 29.59
C PRO B 28 40.47 15.58 30.99
N PRO B 29 41.81 15.69 31.17
CA PRO B 29 42.38 15.75 32.51
C PRO B 29 41.83 16.97 33.31
N ASN B 30 41.66 16.79 34.62
CA ASN B 30 41.27 17.82 35.61
C ASN B 30 39.79 18.16 35.39
N THR B 31 39.00 17.11 35.16
CA THR B 31 37.54 17.18 34.99
C THR B 31 36.93 16.82 36.35
N SER B 32 36.24 17.78 36.99
CA SER B 32 35.71 17.72 38.38
C SER B 32 34.23 17.33 38.40
N LYS B 33 33.56 17.46 37.26
CA LYS B 33 32.07 17.31 37.13
C LYS B 33 31.69 16.85 35.72
N VAL B 34 30.97 15.73 35.63
CA VAL B 34 30.20 15.30 34.44
C VAL B 34 28.75 15.39 34.84
N TYR B 35 27.96 16.06 33.99
CA TYR B 35 26.52 16.33 34.22
C TYR B 35 25.77 15.89 32.97
N SER B 36 24.77 15.03 33.17
CA SER B 36 24.11 14.28 32.08
C SER B 36 22.60 14.26 32.33
N TYR B 37 21.83 14.33 31.25
CA TYR B 37 20.35 14.43 31.33
C TYR B 37 19.70 13.27 30.59
N PHE B 38 18.45 12.99 30.90
CA PHE B 38 17.62 11.99 30.17
C PHE B 38 16.47 12.68 29.48
N GLU B 39 16.31 12.51 28.18
CA GLU B 39 15.10 12.96 27.45
C GLU B 39 14.52 11.85 26.56
N CYS B 40 13.28 12.02 26.13
CA CYS B 40 12.64 11.24 25.03
C CYS B 40 12.78 12.11 23.78
N ARG B 41 13.85 11.90 23.02
CA ARG B 41 14.35 12.86 22.02
C ARG B 41 13.26 13.16 20.98
N GLU B 42 13.18 14.48 20.63
CA GLU B 42 12.70 15.09 19.37
C GLU B 42 11.33 15.74 19.60
N TYR B 55 3.34 9.87 19.37
CA TYR B 55 3.63 9.90 20.84
C TYR B 55 4.23 11.28 21.23
N GLU B 56 3.42 12.34 21.13
CA GLU B 56 3.83 13.73 21.43
C GLU B 56 4.23 13.91 22.89
N GLU B 57 3.91 13.02 23.80
CA GLU B 57 4.10 13.28 25.26
C GLU B 57 4.33 11.95 25.95
N THR B 58 5.14 11.93 27.00
CA THR B 58 5.57 10.66 27.61
C THR B 58 5.27 10.71 29.10
N VAL B 59 4.76 9.59 29.60
CA VAL B 59 4.64 9.33 31.06
C VAL B 59 6.03 9.08 31.63
N PHE B 60 6.49 9.92 32.54
CA PHE B 60 7.74 9.67 33.28
C PHE B 60 7.42 8.70 34.43
N TYR B 61 7.91 7.46 34.39
CA TYR B 61 7.69 6.53 35.51
C TYR B 61 8.79 5.48 35.50
N GLY B 62 9.22 5.02 36.66
CA GLY B 62 10.12 3.84 36.75
C GLY B 62 11.45 4.15 37.45
N LEU B 63 11.88 5.39 37.47
CA LEU B 63 13.15 5.83 38.07
C LEU B 63 13.29 5.33 39.51
N GLN B 64 12.22 5.41 40.29
CA GLN B 64 12.22 5.25 41.76
C GLN B 64 12.56 3.80 42.09
N TYR B 65 12.00 2.86 41.32
CA TYR B 65 12.40 1.42 41.33
C TYR B 65 13.93 1.32 41.28
N ILE B 66 14.52 1.91 40.24
CA ILE B 66 15.98 1.82 39.93
C ILE B 66 16.75 2.45 41.09
N LEU B 67 16.28 3.59 41.57
CA LEU B 67 16.98 4.32 42.66
C LEU B 67 17.07 3.41 43.88
N ASN B 68 15.98 2.71 44.21
CA ASN B 68 15.87 1.91 45.47
C ASN B 68 16.57 0.55 45.30
N LYS B 69 16.23 -0.16 44.20
CA LYS B 69 16.64 -1.57 44.02
C LYS B 69 18.13 -1.65 43.75
N TYR B 70 18.70 -0.60 43.13
CA TYR B 70 20.05 -0.68 42.48
C TYR B 70 21.02 0.39 42.97
N LEU B 71 20.60 1.66 43.20
CA LEU B 71 21.55 2.78 43.42
C LEU B 71 21.70 3.12 44.90
N LYS B 72 20.70 2.91 45.77
CA LYS B 72 20.73 3.52 47.11
C LYS B 72 21.53 2.67 48.11
N GLY B 73 22.03 3.33 49.16
CA GLY B 73 22.72 2.68 50.29
C GLY B 73 24.14 2.30 49.92
N LYS B 74 24.72 1.40 50.70
CA LYS B 74 26.08 0.83 50.47
C LYS B 74 26.02 -0.11 49.26
N VAL B 75 26.48 0.37 48.10
CA VAL B 75 26.43 -0.39 46.82
C VAL B 75 27.83 -0.92 46.49
N VAL B 76 28.87 -0.42 47.16
CA VAL B 76 30.29 -0.85 46.95
C VAL B 76 30.77 -1.52 48.22
N THR B 77 31.45 -2.66 48.07
CA THR B 77 32.10 -3.44 49.14
C THR B 77 33.44 -3.94 48.60
N LYS B 78 34.33 -4.33 49.52
CA LYS B 78 35.67 -4.85 49.21
C LYS B 78 35.54 -6.01 48.21
N GLU B 79 34.54 -6.87 48.44
CA GLU B 79 34.26 -8.08 47.63
C GLU B 79 33.77 -7.66 46.24
N LYS B 80 32.95 -6.60 46.16
CA LYS B 80 32.34 -6.15 44.88
C LYS B 80 33.43 -5.50 44.02
N ILE B 81 34.39 -4.82 44.63
CA ILE B 81 35.54 -4.24 43.89
C ILE B 81 36.40 -5.40 43.35
N GLN B 82 36.73 -6.39 44.18
CA GLN B 82 37.65 -7.49 43.80
C GLN B 82 37.01 -8.37 42.74
N GLU B 83 35.70 -8.65 42.82
CA GLU B 83 34.96 -9.46 41.80
C GLU B 83 35.09 -8.75 40.43
N ALA B 84 34.77 -7.45 40.40
CA ALA B 84 34.78 -6.63 39.17
C ALA B 84 36.20 -6.63 38.61
N LYS B 85 37.20 -6.39 39.46
CA LYS B 85 38.64 -6.33 39.09
C LYS B 85 38.99 -7.56 38.29
N ASP B 86 38.55 -8.73 38.80
CA ASP B 86 38.91 -10.08 38.31
C ASP B 86 38.19 -10.34 36.99
N VAL B 87 36.91 -9.95 36.91
CA VAL B 87 36.12 -10.20 35.67
C VAL B 87 36.66 -9.32 34.55
N TYR B 88 36.84 -8.02 34.83
CA TYR B 88 37.28 -7.02 33.81
C TYR B 88 38.70 -7.34 33.36
N LYS B 89 39.53 -7.83 34.27
CA LYS B 89 40.94 -8.24 33.96
C LYS B 89 40.86 -9.30 32.85
N GLU B 90 39.91 -10.26 32.95
CA GLU B 90 39.86 -11.35 31.95
C GLU B 90 39.01 -10.87 30.76
N HIS B 91 38.06 -9.96 30.95
CA HIS B 91 37.07 -9.54 29.92
C HIS B 91 37.77 -8.66 28.88
N PHE B 92 38.66 -7.80 29.33
CA PHE B 92 39.47 -6.86 28.50
C PHE B 92 40.85 -7.45 28.17
N GLN B 93 41.28 -8.44 28.94
CA GLN B 93 42.66 -8.98 28.92
C GLN B 93 43.61 -7.83 29.21
N ASP B 94 43.24 -6.95 30.16
CA ASP B 94 44.12 -5.95 30.82
C ASP B 94 43.39 -5.38 32.03
N ASP B 95 44.14 -4.75 32.92
CA ASP B 95 43.70 -4.29 34.26
C ASP B 95 43.35 -2.81 34.15
N VAL B 96 42.37 -2.54 33.29
CA VAL B 96 41.91 -1.18 32.84
C VAL B 96 40.85 -0.69 33.84
N PHE B 97 40.26 -1.58 34.64
CA PHE B 97 39.35 -1.25 35.77
C PHE B 97 39.91 -0.16 36.71
N ASN B 98 39.05 0.78 37.13
CA ASN B 98 39.42 1.91 38.05
C ASN B 98 39.24 1.51 39.51
N GLU B 99 40.14 0.69 40.06
CA GLU B 99 40.08 0.20 41.46
C GLU B 99 40.16 1.37 42.44
N LYS B 100 41.04 2.34 42.19
CA LYS B 100 41.31 3.51 43.09
C LYS B 100 40.03 4.35 43.27
N GLY B 101 39.39 4.70 42.15
CA GLY B 101 38.11 5.44 42.06
C GLY B 101 36.98 4.78 42.84
N TRP B 102 36.81 3.47 42.73
CA TRP B 102 35.78 2.71 43.48
C TRP B 102 36.19 2.49 44.94
N ASN B 103 37.47 2.36 45.24
CA ASN B 103 37.94 2.23 46.65
C ASN B 103 37.68 3.55 47.40
N TYR B 104 37.88 4.70 46.73
CA TYR B 104 37.53 6.06 47.24
C TYR B 104 36.06 6.12 47.69
N ILE B 105 35.12 5.67 46.83
CA ILE B 105 33.66 5.61 47.16
C ILE B 105 33.49 4.82 48.46
N LEU B 106 34.11 3.64 48.55
CA LEU B 106 34.00 2.73 49.71
C LEU B 106 34.51 3.43 50.98
N GLU B 107 35.64 4.12 50.91
CA GLU B 107 36.33 4.59 52.14
C GLU B 107 35.85 6.00 52.53
N LYS B 108 35.49 6.83 51.57
CA LYS B 108 34.97 8.20 51.84
C LYS B 108 33.49 8.11 52.28
N TYR B 109 32.66 7.38 51.53
CA TYR B 109 31.18 7.43 51.62
C TYR B 109 30.55 6.10 52.05
N ASP B 110 31.32 5.18 52.63
CA ASP B 110 30.79 3.87 53.09
C ASP B 110 30.01 3.20 51.95
N GLY B 111 30.51 3.35 50.71
CA GLY B 111 29.96 2.71 49.48
C GLY B 111 28.73 3.41 48.89
N HIS B 112 28.34 4.57 49.41
CA HIS B 112 27.16 5.34 48.93
C HIS B 112 27.59 6.18 47.74
N LEU B 113 26.87 6.11 46.63
CA LEU B 113 27.26 6.83 45.39
C LEU B 113 27.19 8.33 45.64
N PRO B 114 28.26 9.10 45.39
CA PRO B 114 28.17 10.56 45.41
C PRO B 114 27.63 11.10 44.07
N ILE B 115 26.34 10.85 43.88
CA ILE B 115 25.55 11.31 42.70
C ILE B 115 24.35 12.10 43.20
N GLU B 116 23.96 13.10 42.42
CA GLU B 116 22.72 13.88 42.63
C GLU B 116 21.89 13.69 41.38
N ILE B 117 20.72 13.11 41.54
CA ILE B 117 19.73 12.94 40.46
C ILE B 117 18.53 13.84 40.78
N LYS B 118 18.19 14.75 39.86
CA LYS B 118 16.95 15.56 39.88
C LYS B 118 16.02 15.01 38.80
N ALA B 119 14.73 14.92 39.09
CA ALA B 119 13.75 14.30 38.17
C ALA B 119 12.43 15.04 38.24
N VAL B 120 11.70 15.11 37.12
CA VAL B 120 10.27 15.51 37.06
C VAL B 120 9.49 14.47 37.86
N PRO B 121 8.38 14.81 38.59
CA PRO B 121 7.63 13.82 39.38
C PRO B 121 7.13 12.63 38.56
N GLU B 122 7.16 11.45 39.18
CA GLU B 122 6.68 10.22 38.49
C GLU B 122 5.17 10.39 38.20
N GLY B 123 4.74 9.93 37.03
CA GLY B 123 3.40 10.05 36.46
C GLY B 123 3.26 11.25 35.54
N PHE B 124 4.16 12.24 35.66
CA PHE B 124 4.08 13.49 34.89
C PHE B 124 4.01 13.15 33.39
N VAL B 125 3.11 13.85 32.70
CA VAL B 125 2.89 13.70 31.23
C VAL B 125 3.59 14.84 30.51
N ILE B 126 4.80 14.55 29.99
CA ILE B 126 5.78 15.56 29.51
C ILE B 126 5.83 15.54 28.01
N PRO B 127 5.76 16.67 27.29
CA PRO B 127 6.00 16.62 25.85
C PRO B 127 7.37 16.01 25.55
N ARG B 128 7.51 15.45 24.36
CA ARG B 128 8.81 14.94 23.84
C ARG B 128 9.90 16.04 23.92
N GLY B 129 11.17 15.65 24.16
CA GLY B 129 12.30 16.59 23.91
C GLY B 129 12.53 17.58 25.02
N ASN B 130 12.25 17.19 26.24
CA ASN B 130 12.42 17.94 27.50
C ASN B 130 13.24 17.08 28.45
N VAL B 131 13.87 17.70 29.41
CA VAL B 131 14.68 17.04 30.46
C VAL B 131 13.70 16.41 31.42
N LEU B 132 13.82 15.09 31.61
CA LEU B 132 12.98 14.34 32.59
C LEU B 132 13.78 14.04 33.87
N PHE B 133 15.10 13.82 33.72
CA PHE B 133 16.03 13.73 34.88
C PHE B 133 17.43 14.17 34.44
N THR B 134 18.24 14.50 35.45
CA THR B 134 19.65 14.85 35.36
C THR B 134 20.38 13.99 36.38
N VAL B 135 21.61 13.65 36.00
CA VAL B 135 22.61 13.00 36.88
C VAL B 135 23.86 13.84 36.89
N GLU B 136 24.48 14.00 38.05
CA GLU B 136 25.78 14.73 38.18
C GLU B 136 26.53 14.21 39.42
N ASN B 137 27.85 14.22 39.37
CA ASN B 137 28.66 13.83 40.55
C ASN B 137 28.74 15.01 41.52
N THR B 138 28.78 14.68 42.81
CA THR B 138 28.78 15.65 43.94
C THR B 138 30.17 15.76 44.56
N ASP B 139 31.12 15.01 44.02
CA ASP B 139 32.52 14.91 44.47
C ASP B 139 33.38 14.91 43.21
N PRO B 140 34.30 15.89 43.07
CA PRO B 140 35.15 15.99 41.88
C PRO B 140 35.94 14.73 41.56
N GLU B 141 36.31 13.92 42.56
CA GLU B 141 37.04 12.64 42.36
C GLU B 141 36.18 11.68 41.53
N CYS B 142 34.86 11.77 41.64
CA CYS B 142 33.89 10.82 41.02
C CYS B 142 33.26 11.40 39.73
N TYR B 143 34.01 12.25 39.02
CA TYR B 143 33.57 12.83 37.71
C TYR B 143 33.09 11.73 36.76
N TRP B 144 33.75 10.57 36.84
CA TRP B 144 33.62 9.42 35.91
C TRP B 144 32.35 8.62 36.21
N LEU B 145 31.75 8.83 37.40
CA LEU B 145 30.67 7.98 37.97
C LEU B 145 29.33 8.29 37.32
N THR B 146 29.17 9.51 36.81
CA THR B 146 27.87 10.01 36.28
C THR B 146 27.47 9.11 35.12
N ASN B 147 28.41 8.85 34.22
CA ASN B 147 28.06 8.13 32.97
C ASN B 147 28.28 6.62 33.17
N TRP B 148 28.95 6.21 34.25
CA TRP B 148 28.99 4.77 34.68
C TRP B 148 27.57 4.21 34.81
N ILE B 149 26.63 5.02 35.28
CA ILE B 149 25.26 4.59 35.65
C ILE B 149 24.30 4.98 34.52
N GLU B 150 24.78 5.39 33.34
CA GLU B 150 23.90 5.55 32.18
C GLU B 150 23.13 4.26 31.94
N THR B 151 23.85 3.14 31.78
CA THR B 151 23.22 1.92 31.22
C THR B 151 22.02 1.57 32.10
N ILE B 152 22.24 1.54 33.42
CA ILE B 152 21.25 1.10 34.45
C ILE B 152 20.06 2.07 34.44
N LEU B 153 20.36 3.37 34.45
CA LEU B 153 19.36 4.48 34.47
C LEU B 153 18.57 4.48 33.16
N VAL B 154 19.17 4.07 32.06
CA VAL B 154 18.51 4.23 30.73
C VAL B 154 17.52 3.09 30.51
N GLN B 155 17.64 1.99 31.26
CA GLN B 155 16.55 0.96 31.33
C GLN B 155 15.20 1.58 31.75
N SER B 156 15.17 2.83 32.19
CA SER B 156 13.93 3.62 32.48
C SER B 156 13.10 3.70 31.23
N TRP B 157 13.77 3.68 30.09
CA TRP B 157 13.06 3.79 28.79
C TRP B 157 11.82 2.89 28.87
N TYR B 158 11.96 1.73 29.51
CA TYR B 158 10.99 0.62 29.37
C TYR B 158 9.75 0.95 30.17
N PRO B 159 9.85 1.17 31.51
CA PRO B 159 8.68 1.60 32.28
C PRO B 159 8.04 2.82 31.63
N ILE B 160 8.85 3.78 31.18
CA ILE B 160 8.34 5.03 30.54
C ILE B 160 7.57 4.61 29.30
N THR B 161 8.15 3.75 28.47
CA THR B 161 7.62 3.40 27.14
C THR B 161 6.29 2.65 27.30
N VAL B 162 6.22 1.71 28.26
CA VAL B 162 5.03 0.83 28.48
C VAL B 162 3.92 1.76 28.93
N ALA B 163 4.24 2.63 29.91
CA ALA B 163 3.30 3.55 30.56
C ALA B 163 2.74 4.49 29.47
N THR B 164 3.58 4.96 28.55
CA THR B 164 3.15 5.87 27.47
C THR B 164 2.24 5.11 26.47
N ASN B 165 2.70 3.95 26.00
CA ASN B 165 1.93 3.21 24.97
C ASN B 165 0.59 2.68 25.58
N SER B 166 0.59 2.23 26.84
CA SER B 166 -0.65 1.82 27.57
C SER B 166 -1.63 3.02 27.66
N ARG B 167 -1.12 4.21 28.02
CA ARG B 167 -1.93 5.45 28.14
C ARG B 167 -2.47 5.86 26.77
N GLU B 168 -1.64 5.79 25.73
CA GLU B 168 -2.11 6.12 24.35
C GLU B 168 -3.33 5.25 24.05
N GLN B 169 -3.30 4.01 24.49
CA GLN B 169 -4.38 3.04 24.17
C GLN B 169 -5.66 3.37 24.97
N LYS B 170 -5.48 3.75 26.25
CA LYS B 170 -6.52 4.34 27.12
C LYS B 170 -7.23 5.51 26.41
N LYS B 171 -6.46 6.31 25.67
CA LYS B 171 -6.98 7.52 25.01
C LYS B 171 -7.95 7.07 23.90
N ILE B 172 -7.53 6.08 23.11
CA ILE B 172 -8.33 5.60 21.94
C ILE B 172 -9.63 5.01 22.48
N LEU B 173 -9.52 4.19 23.55
CA LEU B 173 -10.67 3.46 24.16
C LEU B 173 -11.65 4.51 24.70
N ALA B 174 -11.13 5.47 25.48
CA ALA B 174 -11.87 6.65 25.99
C ALA B 174 -12.54 7.40 24.83
N LYS B 175 -11.85 7.71 23.74
CA LYS B 175 -12.46 8.47 22.60
C LYS B 175 -13.72 7.75 22.08
N TYR B 176 -13.64 6.46 21.77
CA TYR B 176 -14.71 5.65 21.13
C TYR B 176 -15.81 5.24 22.13
N LEU B 177 -15.48 4.99 23.41
CA LEU B 177 -16.44 4.71 24.51
C LEU B 177 -17.33 5.95 24.73
N LEU B 178 -16.72 7.13 24.90
CA LEU B 178 -17.41 8.43 25.03
C LEU B 178 -18.30 8.64 23.81
N GLU B 179 -17.78 8.33 22.63
CA GLU B 179 -18.54 8.57 21.39
C GLU B 179 -19.74 7.60 21.29
N THR B 180 -19.61 6.36 21.72
CA THR B 180 -20.63 5.30 21.45
C THR B 180 -21.46 4.95 22.70
N SER B 181 -21.05 5.32 23.94
CA SER B 181 -21.81 5.09 25.22
C SER B 181 -22.18 6.41 25.90
N GLY B 182 -21.27 7.36 26.02
CA GLY B 182 -21.48 8.73 26.56
C GLY B 182 -20.90 8.86 27.96
N ASN B 183 -19.95 7.98 28.29
CA ASN B 183 -19.20 7.95 29.58
C ASN B 183 -17.96 7.03 29.43
N LEU B 184 -17.17 7.00 30.48
CA LEU B 184 -15.94 6.19 30.61
C LEU B 184 -16.10 5.02 31.59
N ASP B 185 -17.28 4.47 31.74
CA ASP B 185 -17.55 3.43 32.78
C ASP B 185 -16.80 2.14 32.48
N GLY B 186 -15.99 1.67 33.42
CA GLY B 186 -15.12 0.50 33.22
C GLY B 186 -13.88 0.82 32.38
N LEU B 187 -13.57 2.09 32.04
CA LEU B 187 -12.42 2.45 31.15
C LEU B 187 -11.11 1.78 31.64
N GLU B 188 -10.79 1.84 32.93
CA GLU B 188 -9.50 1.39 33.53
C GLU B 188 -9.46 -0.14 33.69
N TYR B 189 -10.50 -0.90 33.29
CA TYR B 189 -10.52 -2.39 33.23
C TYR B 189 -10.68 -2.86 31.76
N LYS B 190 -10.59 -1.98 30.78
CA LYS B 190 -10.88 -2.37 29.36
C LYS B 190 -9.64 -2.91 28.60
N LEU B 191 -8.40 -2.69 29.08
CA LEU B 191 -7.16 -3.22 28.42
C LEU B 191 -6.44 -4.10 29.44
N HIS B 192 -6.66 -5.42 29.33
CA HIS B 192 -6.09 -6.43 30.25
C HIS B 192 -4.71 -6.84 29.75
N ASP B 193 -3.77 -6.88 30.70
CA ASP B 193 -2.38 -7.31 30.52
C ASP B 193 -2.33 -8.84 30.47
N PHE B 194 -1.93 -9.39 29.30
CA PHE B 194 -1.76 -10.84 28.96
C PHE B 194 -0.28 -11.20 28.80
N GLY B 195 0.60 -10.24 29.07
CA GLY B 195 1.96 -10.18 28.57
C GLY B 195 2.93 -10.91 29.47
N TYR B 196 2.49 -11.69 30.47
CA TYR B 196 3.45 -12.33 31.41
C TYR B 196 4.39 -13.30 30.66
N ARG B 197 3.89 -14.20 29.81
CA ARG B 197 4.72 -15.12 29.02
C ARG B 197 5.49 -14.37 27.92
N GLY B 198 4.98 -13.21 27.47
CA GLY B 198 5.41 -12.55 26.21
C GLY B 198 6.65 -11.72 26.43
N VAL B 199 7.08 -11.53 27.69
CA VAL B 199 8.25 -10.71 28.07
C VAL B 199 9.52 -11.54 28.25
N SER B 200 10.63 -10.81 28.27
CA SER B 200 12.02 -11.33 28.33
C SER B 200 12.38 -11.76 29.74
N SER B 201 11.62 -11.49 30.81
CA SER B 201 12.11 -11.97 32.15
C SER B 201 11.12 -11.75 33.30
N GLN B 202 11.40 -12.31 34.49
CA GLN B 202 10.57 -12.07 35.70
C GLN B 202 10.70 -10.58 36.06
N GLU B 203 11.95 -10.05 36.09
CA GLU B 203 12.20 -8.65 36.46
C GLU B 203 11.39 -7.81 35.47
N THR B 204 11.46 -8.12 34.19
CA THR B 204 10.74 -7.36 33.11
C THR B 204 9.22 -7.44 33.33
N ALA B 205 8.67 -8.61 33.61
CA ALA B 205 7.21 -8.82 33.88
C ALA B 205 6.72 -7.78 34.91
N GLY B 206 7.36 -7.73 36.08
CA GLY B 206 7.00 -6.87 37.21
C GLY B 206 6.93 -5.41 36.77
N ILE B 207 8.03 -4.89 36.21
CA ILE B 207 8.23 -3.47 35.79
C ILE B 207 7.21 -3.12 34.70
N GLY B 208 7.00 -4.05 33.73
CA GLY B 208 6.12 -3.83 32.57
C GLY B 208 4.70 -3.73 33.02
N ALA B 209 4.33 -4.69 33.87
CA ALA B 209 2.96 -4.83 34.41
C ALA B 209 2.66 -3.67 35.34
N SER B 210 3.66 -3.20 36.13
CA SER B 210 3.60 -1.94 36.96
C SER B 210 3.40 -0.73 36.07
N ALA B 211 4.04 -0.66 34.93
CA ALA B 211 3.92 0.51 34.01
C ALA B 211 2.50 0.61 33.39
N HIS B 212 1.90 -0.53 33.05
CA HIS B 212 0.54 -0.63 32.51
C HIS B 212 -0.51 -0.27 33.57
N LEU B 213 -0.25 -0.57 34.85
CA LEU B 213 -1.16 -0.34 35.99
C LEU B 213 -1.14 1.14 36.36
N VAL B 214 -0.21 1.89 35.80
CA VAL B 214 -0.25 3.36 35.92
C VAL B 214 -1.56 3.80 35.26
N ASN B 215 -2.02 3.09 34.22
CA ASN B 215 -3.19 3.52 33.40
C ASN B 215 -4.45 2.65 33.63
N PHE B 216 -4.27 1.39 33.93
CA PHE B 216 -5.38 0.42 34.01
C PHE B 216 -5.28 -0.36 35.32
N LYS B 217 -6.34 -1.11 35.64
CA LYS B 217 -6.43 -1.88 36.89
C LYS B 217 -6.54 -3.38 36.58
N GLY B 218 -6.56 -3.76 35.29
CA GLY B 218 -6.73 -5.17 34.88
C GLY B 218 -5.45 -5.83 34.38
N THR B 219 -4.92 -6.78 35.15
CA THR B 219 -3.66 -7.51 34.85
C THR B 219 -3.77 -8.99 35.20
N ASP B 220 -3.15 -9.82 34.37
CA ASP B 220 -2.82 -11.25 34.69
C ASP B 220 -1.32 -11.35 35.04
N THR B 221 -0.55 -10.29 34.90
CA THR B 221 0.88 -10.35 35.18
C THR B 221 1.07 -10.09 36.68
N VAL B 222 0.99 -11.16 37.47
CA VAL B 222 1.03 -11.11 38.96
C VAL B 222 2.26 -10.36 39.49
N ALA B 223 3.43 -10.60 38.88
CA ALA B 223 4.71 -10.00 39.35
C ALA B 223 4.59 -8.47 39.52
N GLY B 224 3.73 -7.79 38.77
CA GLY B 224 3.61 -6.32 38.84
C GLY B 224 3.16 -5.86 40.22
N LEU B 225 2.29 -6.64 40.84
CA LEU B 225 1.62 -6.27 42.10
C LEU B 225 2.67 -6.12 43.22
N ALA B 226 3.51 -7.13 43.48
CA ALA B 226 4.55 -7.12 44.55
C ALA B 226 5.53 -5.97 44.33
N LEU B 227 5.78 -5.58 43.07
CA LEU B 227 6.75 -4.49 42.76
C LEU B 227 6.14 -3.16 43.27
N ILE B 228 4.88 -2.91 42.95
CA ILE B 228 4.18 -1.65 43.28
C ILE B 228 4.10 -1.53 44.80
N LYS B 229 3.66 -2.58 45.52
CA LYS B 229 3.64 -2.65 47.00
C LYS B 229 5.00 -2.27 47.62
N LYS B 230 6.12 -2.79 47.09
CA LYS B 230 7.47 -2.66 47.71
C LYS B 230 8.11 -1.30 47.33
N TYR B 231 7.81 -0.80 46.13
CA TYR B 231 8.58 0.31 45.50
C TYR B 231 7.77 1.60 45.39
N TYR B 232 6.43 1.54 45.43
CA TYR B 232 5.55 2.71 45.14
C TYR B 232 4.47 2.87 46.23
N GLY B 233 3.71 1.79 46.50
CA GLY B 233 2.65 1.76 47.54
C GLY B 233 1.31 2.19 46.98
N THR B 234 0.24 1.52 47.41
CA THR B 234 -1.17 1.93 47.18
C THR B 234 -1.94 1.86 48.50
N LYS B 235 -3.01 2.65 48.64
CA LYS B 235 -3.88 2.64 49.85
C LYS B 235 -4.69 1.34 49.81
N ASP B 236 -5.17 0.95 48.62
CA ASP B 236 -5.81 -0.36 48.34
C ASP B 236 -4.80 -1.50 48.48
N PRO B 237 -5.28 -2.73 48.76
CA PRO B 237 -4.41 -3.91 48.93
C PRO B 237 -3.48 -4.27 47.75
N VAL B 238 -4.03 -4.15 46.55
CA VAL B 238 -3.30 -4.38 45.27
C VAL B 238 -3.79 -3.30 44.31
N PRO B 239 -2.88 -2.90 43.39
CA PRO B 239 -3.21 -1.97 42.30
C PRO B 239 -3.94 -2.56 41.10
N GLY B 240 -4.10 -3.87 41.07
CA GLY B 240 -4.60 -4.56 39.85
C GLY B 240 -5.38 -5.79 40.19
N TYR B 241 -6.31 -6.16 39.33
CA TYR B 241 -7.36 -7.15 39.61
C TYR B 241 -7.46 -8.08 38.40
N SER B 242 -7.88 -9.34 38.63
CA SER B 242 -8.31 -10.28 37.55
C SER B 242 -9.64 -10.95 37.92
N VAL B 243 -10.23 -11.57 36.90
CA VAL B 243 -11.38 -12.52 37.04
C VAL B 243 -10.98 -13.89 36.52
N PRO B 244 -11.74 -14.94 36.91
CA PRO B 244 -11.51 -16.27 36.38
C PRO B 244 -11.68 -16.29 34.87
N ALA B 245 -10.80 -17.06 34.22
CA ALA B 245 -10.80 -17.24 32.76
C ALA B 245 -10.24 -18.62 32.40
N ALA B 246 -10.65 -19.11 31.22
CA ALA B 246 -10.21 -20.40 30.62
C ALA B 246 -9.02 -20.14 29.68
N GLU B 247 -8.19 -21.17 29.53
CA GLU B 247 -7.19 -21.27 28.45
C GLU B 247 -7.57 -22.47 27.59
N HIS B 248 -6.85 -22.68 26.49
CA HIS B 248 -7.10 -23.78 25.51
C HIS B 248 -6.90 -25.14 26.18
N SER B 249 -5.98 -25.25 27.13
CA SER B 249 -5.73 -26.48 27.92
C SER B 249 -6.99 -26.94 28.65
N THR B 250 -7.83 -26.04 29.21
CA THR B 250 -8.95 -26.39 30.12
C THR B 250 -10.23 -26.66 29.31
N ILE B 251 -10.33 -26.16 28.07
CA ILE B 251 -11.40 -26.54 27.11
C ILE B 251 -11.01 -27.84 26.38
N THR B 252 -9.84 -27.90 25.74
CA THR B 252 -9.49 -29.00 24.80
C THR B 252 -9.25 -30.30 25.57
N ALA B 253 -8.95 -30.24 26.88
CA ALA B 253 -8.70 -31.42 27.75
C ALA B 253 -9.95 -32.30 27.88
N TRP B 254 -11.14 -31.72 27.67
CA TRP B 254 -12.44 -32.44 27.65
C TRP B 254 -12.58 -33.32 26.41
N GLY B 255 -11.85 -33.05 25.34
CA GLY B 255 -11.90 -33.83 24.10
C GLY B 255 -12.63 -33.06 23.03
N LYS B 256 -12.17 -33.21 21.78
CA LYS B 256 -12.73 -32.44 20.65
C LYS B 256 -14.26 -32.60 20.56
N ASP B 257 -14.86 -33.63 21.14
CA ASP B 257 -16.35 -33.88 21.08
C ASP B 257 -17.15 -33.25 22.24
N HIS B 258 -16.50 -32.63 23.22
CA HIS B 258 -17.07 -32.22 24.53
C HIS B 258 -16.86 -30.71 24.84
N GLU B 259 -16.70 -29.85 23.83
CA GLU B 259 -16.43 -28.40 24.02
C GLU B 259 -17.57 -27.84 24.90
N LYS B 260 -18.82 -28.22 24.57
CA LYS B 260 -20.07 -27.82 25.28
C LYS B 260 -19.98 -28.21 26.76
N ASP B 261 -19.40 -29.37 27.09
CA ASP B 261 -19.29 -29.88 28.48
C ASP B 261 -18.29 -29.00 29.25
N ALA B 262 -17.18 -28.65 28.60
CA ALA B 262 -16.12 -27.79 29.17
C ALA B 262 -16.75 -26.41 29.51
N PHE B 263 -17.32 -25.74 28.51
CA PHE B 263 -18.03 -24.44 28.69
C PHE B 263 -19.04 -24.54 29.85
N GLU B 264 -19.82 -25.63 29.88
CA GLU B 264 -20.94 -25.70 30.83
C GLU B 264 -20.36 -25.83 32.25
N HIS B 265 -19.35 -26.67 32.39
CA HIS B 265 -18.63 -26.87 33.68
C HIS B 265 -18.06 -25.52 34.13
N ILE B 266 -17.56 -24.72 33.19
CA ILE B 266 -16.75 -23.52 33.51
C ILE B 266 -17.69 -22.38 33.96
N VAL B 267 -18.75 -22.13 33.21
CA VAL B 267 -19.71 -21.04 33.56
C VAL B 267 -20.39 -21.38 34.90
N THR B 268 -20.61 -22.67 35.20
CA THR B 268 -21.28 -23.18 36.42
C THR B 268 -20.31 -23.13 37.62
N GLN B 269 -19.03 -23.41 37.39
CA GLN B 269 -18.03 -23.31 38.48
C GLN B 269 -17.90 -21.83 38.87
N PHE B 270 -18.01 -20.93 37.91
CA PHE B 270 -17.85 -19.46 38.13
C PHE B 270 -19.17 -18.81 37.79
N SER B 271 -20.18 -19.13 38.58
CA SER B 271 -21.60 -18.75 38.33
C SER B 271 -21.83 -17.30 38.78
N SER B 272 -21.08 -16.88 39.82
CA SER B 272 -21.33 -15.67 40.66
C SER B 272 -20.27 -14.60 40.37
N VAL B 273 -19.31 -14.86 39.47
CA VAL B 273 -18.25 -13.87 39.15
C VAL B 273 -18.12 -13.82 37.64
N PRO B 274 -17.58 -12.70 37.10
CA PRO B 274 -17.27 -12.63 35.66
C PRO B 274 -16.34 -13.76 35.22
N VAL B 275 -16.44 -14.24 33.98
CA VAL B 275 -15.60 -15.40 33.55
C VAL B 275 -15.35 -15.24 32.05
N SER B 276 -14.07 -15.22 31.70
CA SER B 276 -13.58 -15.24 30.30
C SER B 276 -13.50 -16.70 29.84
N VAL B 277 -14.09 -17.03 28.69
CA VAL B 277 -13.97 -18.40 28.09
C VAL B 277 -13.63 -18.28 26.62
N VAL B 278 -12.36 -18.60 26.35
CA VAL B 278 -11.79 -18.71 25.01
C VAL B 278 -12.60 -19.74 24.26
N SER B 279 -13.06 -19.39 23.06
CA SER B 279 -14.15 -20.11 22.33
C SER B 279 -13.70 -20.44 20.90
N ASP B 280 -12.40 -20.40 20.65
CA ASP B 280 -11.84 -20.53 19.28
C ASP B 280 -11.09 -21.85 19.22
N SER B 281 -11.17 -22.73 20.24
CA SER B 281 -10.50 -24.07 20.28
C SER B 281 -10.66 -24.80 18.94
N TYR B 282 -11.84 -24.77 18.34
CA TYR B 282 -12.14 -25.48 17.07
C TYR B 282 -12.81 -24.50 16.09
N ASP B 283 -13.90 -23.89 16.53
CA ASP B 283 -14.78 -23.08 15.65
C ASP B 283 -15.43 -22.02 16.51
N ILE B 284 -14.78 -20.88 16.61
CA ILE B 284 -15.29 -19.66 17.29
C ILE B 284 -16.74 -19.39 16.89
N TYR B 285 -17.04 -19.42 15.60
CA TYR B 285 -18.33 -18.93 15.06
C TYR B 285 -19.42 -19.93 15.43
N ASN B 286 -19.12 -21.23 15.45
CA ASN B 286 -20.03 -22.30 15.94
C ASN B 286 -20.20 -22.19 17.45
N ALA B 287 -19.11 -21.97 18.20
CA ALA B 287 -19.15 -21.91 19.67
C ALA B 287 -20.06 -20.74 20.08
N CYS B 288 -19.96 -19.60 19.38
CA CYS B 288 -20.81 -18.44 19.69
C CYS B 288 -22.28 -18.73 19.34
N GLU B 289 -22.53 -19.25 18.13
CA GLU B 289 -23.86 -19.34 17.50
C GLU B 289 -24.59 -20.55 18.04
N LYS B 290 -23.95 -21.71 18.11
CA LYS B 290 -24.64 -23.01 18.40
C LYS B 290 -24.46 -23.40 19.85
N ILE B 291 -23.24 -23.24 20.40
CA ILE B 291 -22.95 -23.70 21.79
C ILE B 291 -23.39 -22.62 22.79
N TRP B 292 -22.92 -21.37 22.69
CA TRP B 292 -23.30 -20.32 23.67
C TRP B 292 -24.71 -19.85 23.35
N GLY B 293 -25.02 -19.73 22.05
CA GLY B 293 -26.18 -19.04 21.50
C GLY B 293 -27.43 -19.92 21.48
N GLU B 294 -27.26 -21.25 21.59
CA GLU B 294 -28.38 -22.20 21.56
C GLU B 294 -28.25 -23.19 22.73
N ASP B 295 -27.26 -24.07 22.74
CA ASP B 295 -27.29 -25.24 23.67
C ASP B 295 -27.10 -24.79 25.11
N LEU B 296 -26.31 -23.73 25.35
CA LEU B 296 -25.97 -23.26 26.73
C LEU B 296 -26.53 -21.86 26.98
N ARG B 297 -27.31 -21.35 26.04
CA ARG B 297 -27.91 -19.99 26.11
C ARG B 297 -28.54 -19.79 27.49
N HIS B 298 -29.19 -20.85 28.03
CA HIS B 298 -29.91 -20.88 29.32
C HIS B 298 -28.99 -20.59 30.53
N LEU B 299 -27.71 -20.95 30.47
CA LEU B 299 -26.73 -20.77 31.58
C LEU B 299 -26.13 -19.36 31.53
N ILE B 300 -26.30 -18.64 30.40
CA ILE B 300 -25.71 -17.29 30.21
C ILE B 300 -26.75 -16.22 30.54
N VAL B 301 -27.99 -16.33 30.05
CA VAL B 301 -29.03 -15.25 30.18
C VAL B 301 -29.50 -15.13 31.62
N SER B 302 -29.23 -16.15 32.45
CA SER B 302 -29.59 -16.19 33.89
C SER B 302 -28.56 -15.46 34.74
N ARG B 303 -27.36 -15.22 34.22
CA ARG B 303 -26.21 -14.71 35.00
C ARG B 303 -26.39 -13.23 35.35
N SER B 304 -25.85 -12.86 36.51
CA SER B 304 -25.81 -11.52 37.11
C SER B 304 -25.09 -10.53 36.19
N THR B 305 -25.50 -9.28 36.25
CA THR B 305 -24.89 -8.09 35.61
C THR B 305 -23.47 -7.90 36.18
N GLN B 306 -23.19 -8.44 37.38
CA GLN B 306 -21.92 -8.39 38.13
C GLN B 306 -21.01 -9.56 37.74
N ALA B 307 -21.50 -10.46 36.89
CA ALA B 307 -20.80 -11.73 36.57
C ALA B 307 -21.14 -12.17 35.16
N PRO B 308 -20.84 -11.37 34.12
CA PRO B 308 -21.17 -11.77 32.75
C PRO B 308 -20.27 -12.91 32.27
N LEU B 309 -20.69 -13.64 31.24
CA LEU B 309 -19.76 -14.41 30.37
C LEU B 309 -19.08 -13.43 29.42
N ILE B 310 -17.75 -13.52 29.34
CA ILE B 310 -16.90 -12.72 28.44
C ILE B 310 -16.34 -13.67 27.39
N ILE B 311 -16.94 -13.69 26.20
CA ILE B 311 -16.53 -14.65 25.14
C ILE B 311 -15.22 -14.12 24.60
N ARG B 312 -14.17 -14.96 24.66
CA ARG B 312 -12.80 -14.65 24.14
C ARG B 312 -12.57 -15.36 22.81
N PRO B 313 -12.61 -14.69 21.64
CA PRO B 313 -11.95 -15.19 20.43
C PRO B 313 -10.44 -15.09 20.64
N ASP B 314 -9.62 -15.87 19.90
CA ASP B 314 -8.14 -15.84 20.10
C ASP B 314 -7.35 -16.16 18.83
N SER B 315 -7.92 -15.98 17.64
CA SER B 315 -7.29 -16.41 16.34
C SER B 315 -8.08 -15.77 15.19
N GLY B 316 -7.47 -15.66 14.00
CA GLY B 316 -8.11 -15.05 12.83
C GLY B 316 -7.89 -13.55 12.77
N ASN B 317 -8.33 -12.95 11.68
CA ASN B 317 -8.34 -11.47 11.59
C ASN B 317 -9.02 -10.87 12.82
N PRO B 318 -8.29 -10.09 13.66
CA PRO B 318 -8.87 -9.54 14.90
C PRO B 318 -10.15 -8.71 14.63
N LEU B 319 -10.15 -7.86 13.61
CA LEU B 319 -11.31 -6.98 13.35
C LEU B 319 -12.44 -7.86 12.80
N ASP B 320 -12.16 -8.66 11.77
CA ASP B 320 -13.22 -9.49 11.13
C ASP B 320 -13.84 -10.43 12.17
N THR B 321 -13.05 -10.95 13.11
CA THR B 321 -13.53 -11.99 14.05
C THR B 321 -14.48 -11.30 15.03
N VAL B 322 -14.05 -10.16 15.59
CA VAL B 322 -14.86 -9.39 16.58
C VAL B 322 -16.22 -9.06 15.95
N LEU B 323 -16.24 -8.61 14.68
CA LEU B 323 -17.47 -8.13 13.96
C LEU B 323 -18.43 -9.29 13.66
N LYS B 324 -17.94 -10.48 13.30
CA LYS B 324 -18.78 -11.69 13.07
C LYS B 324 -19.20 -12.26 14.43
N VAL B 325 -18.31 -12.29 15.44
CA VAL B 325 -18.68 -12.73 16.81
C VAL B 325 -19.90 -11.90 17.28
N LEU B 326 -19.82 -10.55 17.19
CA LEU B 326 -20.89 -9.63 17.62
C LEU B 326 -22.16 -9.87 16.80
N GLU B 327 -22.06 -9.96 15.46
CA GLU B 327 -23.25 -10.17 14.60
C GLU B 327 -23.92 -11.48 15.00
N ILE B 328 -23.16 -12.54 15.27
CA ILE B 328 -23.73 -13.84 15.69
C ILE B 328 -24.43 -13.61 17.02
N LEU B 329 -23.75 -12.95 17.97
CA LEU B 329 -24.27 -12.83 19.35
C LEU B 329 -25.50 -11.89 19.34
N GLY B 330 -25.51 -10.87 18.49
CA GLY B 330 -26.62 -9.92 18.35
C GLY B 330 -27.88 -10.60 17.88
N LYS B 331 -27.73 -11.74 17.18
CA LYS B 331 -28.87 -12.49 16.56
C LYS B 331 -29.38 -13.62 17.47
N LYS B 332 -28.66 -13.96 18.54
CA LYS B 332 -29.03 -15.03 19.50
C LYS B 332 -29.34 -14.42 20.88
N PHE B 333 -29.09 -13.14 21.09
CA PHE B 333 -29.28 -12.50 22.41
C PHE B 333 -30.04 -11.20 22.19
N PRO B 334 -30.70 -10.70 23.24
CA PRO B 334 -31.41 -9.45 23.15
C PRO B 334 -30.42 -8.28 23.17
N VAL B 335 -30.39 -7.58 22.04
CA VAL B 335 -29.49 -6.40 21.87
CA VAL B 335 -29.49 -6.40 21.86
C VAL B 335 -30.30 -5.14 22.18
N THR B 336 -29.73 -4.24 22.99
CA THR B 336 -30.31 -2.92 23.31
C THR B 336 -29.63 -1.90 22.40
N GLU B 337 -30.34 -0.86 22.00
CA GLU B 337 -29.80 0.38 21.41
C GLU B 337 -29.72 1.36 22.58
N ASN B 338 -28.50 1.82 22.91
CA ASN B 338 -28.20 2.78 24.01
C ASN B 338 -28.48 4.21 23.50
N SER B 339 -28.18 5.21 24.32
CA SER B 339 -28.68 6.60 24.11
C SER B 339 -28.09 7.14 22.81
N LYS B 340 -26.94 6.59 22.40
CA LYS B 340 -26.13 7.18 21.28
C LYS B 340 -26.55 6.53 19.94
N GLY B 341 -27.42 5.53 19.94
CA GLY B 341 -27.91 4.84 18.72
C GLY B 341 -27.09 3.60 18.45
N TYR B 342 -26.22 3.25 19.40
CA TYR B 342 -25.26 2.11 19.26
C TYR B 342 -25.82 0.90 20.00
N LYS B 343 -25.52 -0.26 19.45
CA LYS B 343 -26.06 -1.57 19.91
C LYS B 343 -25.21 -2.09 21.06
N LEU B 344 -25.85 -2.83 21.95
CA LEU B 344 -25.30 -3.29 23.24
C LEU B 344 -25.82 -4.70 23.56
N LEU B 345 -24.91 -5.63 23.84
CA LEU B 345 -25.26 -6.98 24.32
C LEU B 345 -25.98 -6.80 25.65
N PRO B 346 -26.69 -7.84 26.11
CA PRO B 346 -27.29 -7.78 27.44
C PRO B 346 -26.13 -7.80 28.40
N PRO B 347 -26.30 -7.28 29.63
CA PRO B 347 -25.19 -7.07 30.55
C PRO B 347 -24.52 -8.35 31.09
N TYR B 348 -25.08 -9.50 30.80
CA TYR B 348 -24.54 -10.81 31.20
C TYR B 348 -23.52 -11.31 30.14
N LEU B 349 -23.42 -10.65 28.98
CA LEU B 349 -22.66 -11.10 27.78
C LEU B 349 -21.71 -9.99 27.26
N ARG B 350 -20.41 -10.21 27.39
CA ARG B 350 -19.37 -9.36 26.74
C ARG B 350 -18.44 -10.19 25.84
N VAL B 351 -17.53 -9.51 25.14
CA VAL B 351 -16.43 -10.02 24.27
C VAL B 351 -15.12 -9.40 24.75
N ILE B 352 -14.04 -10.17 24.68
CA ILE B 352 -12.64 -9.69 24.84
C ILE B 352 -11.84 -10.26 23.67
N GLN B 353 -11.27 -9.41 22.81
CA GLN B 353 -10.25 -9.76 21.76
C GLN B 353 -8.87 -9.69 22.42
N GLY B 354 -8.23 -10.82 22.65
CA GLY B 354 -6.95 -10.89 23.38
C GLY B 354 -5.78 -11.35 22.53
N ASP B 355 -5.91 -11.36 21.21
CA ASP B 355 -4.88 -11.92 20.27
C ASP B 355 -4.57 -10.94 19.17
N GLY B 356 -3.27 -10.69 18.95
CA GLY B 356 -2.79 -9.77 17.90
C GLY B 356 -3.14 -8.31 18.22
N VAL B 357 -3.39 -8.00 19.49
CA VAL B 357 -3.77 -6.63 19.92
C VAL B 357 -2.51 -5.83 20.28
N ASP B 358 -2.37 -4.75 19.54
CA ASP B 358 -1.44 -3.64 19.87
C ASP B 358 -2.23 -2.35 19.66
N ILE B 359 -1.61 -1.20 19.87
CA ILE B 359 -2.25 0.14 19.73
C ILE B 359 -2.90 0.28 18.36
N ASN B 360 -2.32 -0.31 17.31
CA ASN B 360 -2.79 -0.17 15.90
C ASN B 360 -4.04 -1.00 15.71
N THR B 361 -4.04 -2.25 16.17
CA THR B 361 -5.18 -3.17 15.92
C THR B 361 -6.30 -2.80 16.92
N LEU B 362 -6.00 -2.43 18.17
CA LEU B 362 -7.02 -1.92 19.12
C LEU B 362 -7.78 -0.79 18.42
N GLN B 363 -7.09 0.02 17.63
CA GLN B 363 -7.71 1.19 16.97
C GLN B 363 -8.51 0.72 15.74
N GLU B 364 -8.00 -0.24 14.98
CA GLU B 364 -8.76 -0.78 13.83
C GLU B 364 -10.11 -1.35 14.30
N ILE B 365 -10.12 -1.96 15.49
CA ILE B 365 -11.32 -2.72 15.97
C ILE B 365 -12.38 -1.72 16.43
N VAL B 366 -12.01 -0.79 17.32
CA VAL B 366 -13.00 0.18 17.86
C VAL B 366 -13.63 0.94 16.68
N GLU B 367 -12.83 1.33 15.70
CA GLU B 367 -13.30 2.14 14.56
C GLU B 367 -14.19 1.26 13.68
N GLY B 368 -13.80 0.01 13.48
CA GLY B 368 -14.61 -0.98 12.74
C GLY B 368 -15.95 -1.28 13.44
N MET B 369 -15.89 -1.55 14.75
CA MET B 369 -17.10 -1.71 15.62
C MET B 369 -18.01 -0.46 15.50
N LYS B 370 -17.44 0.74 15.57
CA LYS B 370 -18.25 1.99 15.51
C LYS B 370 -18.89 2.13 14.12
N GLN B 371 -18.20 1.81 13.04
CA GLN B 371 -18.80 1.86 11.68
C GLN B 371 -19.94 0.83 11.56
N LYS B 372 -19.94 -0.26 12.35
CA LYS B 372 -21.06 -1.24 12.33
C LYS B 372 -22.10 -0.93 13.43
N MET B 373 -22.03 0.25 14.05
CA MET B 373 -22.99 0.76 15.07
C MET B 373 -22.94 -0.12 16.33
N TRP B 374 -21.76 -0.64 16.67
CA TRP B 374 -21.58 -1.43 17.92
C TRP B 374 -20.96 -0.55 19.00
N SER B 375 -21.58 -0.48 20.16
CA SER B 375 -20.99 0.25 21.29
C SER B 375 -19.65 -0.41 21.65
N ILE B 376 -18.70 0.40 22.05
CA ILE B 376 -17.33 -0.03 22.48
C ILE B 376 -17.45 -0.63 23.89
N GLU B 377 -18.57 -0.46 24.59
CA GLU B 377 -18.73 -1.10 25.92
C GLU B 377 -18.98 -2.61 25.76
N ASN B 378 -19.26 -3.04 24.51
CA ASN B 378 -19.35 -4.47 24.13
C ASN B 378 -17.97 -5.14 24.26
N ILE B 379 -16.85 -4.43 24.02
CA ILE B 379 -15.53 -5.06 23.79
C ILE B 379 -14.55 -4.72 24.92
N ALA B 380 -13.77 -5.71 25.36
CA ALA B 380 -12.56 -5.51 26.18
C ALA B 380 -11.35 -5.94 25.34
N PHE B 381 -10.16 -5.55 25.77
CA PHE B 381 -8.92 -5.98 25.10
C PHE B 381 -7.98 -6.62 26.10
N GLY B 382 -7.42 -7.74 25.69
CA GLY B 382 -6.19 -8.33 26.24
C GLY B 382 -5.01 -8.05 25.28
N SER B 383 -3.89 -7.47 25.78
CA SER B 383 -2.65 -7.43 25.00
C SER B 383 -1.55 -8.01 25.87
N GLY B 384 -0.71 -8.87 25.26
CA GLY B 384 0.53 -9.39 25.84
C GLY B 384 1.73 -8.62 25.30
N GLY B 385 2.18 -9.05 24.11
CA GLY B 385 3.40 -8.53 23.46
C GLY B 385 3.27 -7.07 23.05
N GLY B 386 2.14 -6.68 22.43
CA GLY B 386 1.76 -5.29 22.15
C GLY B 386 2.05 -4.39 23.34
N LEU B 387 1.62 -4.81 24.52
CA LEU B 387 1.69 -3.92 25.72
C LEU B 387 3.04 -3.97 26.39
N LEU B 388 3.67 -5.13 26.52
CA LEU B 388 4.83 -5.35 27.42
C LEU B 388 6.11 -5.69 26.66
N GLN B 389 6.06 -6.27 25.44
CA GLN B 389 7.33 -6.73 24.76
C GLN B 389 7.64 -5.99 23.47
N LYS B 390 6.68 -5.74 22.58
CA LYS B 390 6.97 -5.18 21.24
C LYS B 390 7.24 -3.66 21.37
N LEU B 391 8.20 -3.31 22.22
CA LEU B 391 8.68 -1.93 22.53
C LEU B 391 10.21 -1.89 22.55
N THR B 392 10.78 -0.80 22.05
CA THR B 392 12.22 -0.48 22.09
C THR B 392 12.45 0.95 22.65
N ARG B 393 13.66 1.21 23.08
CA ARG B 393 14.21 2.53 23.44
C ARG B 393 14.11 3.43 22.21
N ASP B 394 14.12 2.86 21.01
CA ASP B 394 13.81 3.46 19.67
C ASP B 394 12.52 4.30 19.69
N LEU B 395 11.45 3.66 20.20
CA LEU B 395 10.06 4.12 19.95
C LEU B 395 9.88 5.58 20.39
N LEU B 396 10.39 5.92 21.57
CA LEU B 396 10.28 7.28 22.15
C LEU B 396 11.67 7.97 22.16
N ASN B 397 12.63 7.43 21.40
CA ASN B 397 14.02 7.91 21.41
C ASN B 397 14.44 8.21 22.86
N CYS B 398 14.31 7.26 23.80
CA CYS B 398 14.86 7.44 25.18
C CYS B 398 16.41 7.46 25.16
N SER B 399 17.03 8.50 25.77
CA SER B 399 18.42 8.92 25.53
C SER B 399 19.01 9.70 26.73
N PHE B 400 20.25 9.34 27.08
CA PHE B 400 21.03 9.92 28.19
C PHE B 400 22.33 10.46 27.57
N LYS B 401 22.54 11.76 27.73
CA LYS B 401 23.71 12.45 27.12
C LYS B 401 24.30 13.39 28.17
N CYS B 402 25.62 13.60 28.07
CA CYS B 402 26.34 14.67 28.77
C CYS B 402 25.99 15.97 28.08
N SER B 403 25.63 17.01 28.90
CA SER B 403 25.35 18.39 28.47
C SER B 403 26.34 19.40 29.09
N TYR B 404 27.05 19.02 30.18
CA TYR B 404 27.88 20.01 30.93
C TYR B 404 29.01 19.30 31.65
N VAL B 405 30.20 19.88 31.62
CA VAL B 405 31.39 19.39 32.39
C VAL B 405 32.15 20.62 32.87
N VAL B 406 32.82 20.44 34.01
CA VAL B 406 33.80 21.42 34.54
C VAL B 406 35.18 20.77 34.37
N THR B 407 36.08 21.39 33.60
CA THR B 407 37.52 21.01 33.45
C THR B 407 38.39 22.22 33.84
N ASN B 408 39.34 22.10 34.77
CA ASN B 408 40.22 23.21 35.23
C ASN B 408 39.42 24.34 35.87
N GLY B 409 38.24 24.07 36.47
CA GLY B 409 37.39 25.11 37.07
C GLY B 409 36.47 25.83 36.08
N LEU B 410 36.59 25.62 34.77
CA LEU B 410 35.74 26.27 33.72
C LEU B 410 34.62 25.29 33.36
N GLY B 411 33.38 25.61 33.72
CA GLY B 411 32.16 24.98 33.18
C GLY B 411 32.15 25.16 31.68
N ILE B 412 31.86 24.08 30.92
CA ILE B 412 31.67 24.18 29.44
C ILE B 412 30.46 23.35 29.03
N ASN B 413 29.77 23.90 28.02
CA ASN B 413 28.50 23.35 27.51
C ASN B 413 28.84 22.38 26.40
N VAL B 414 28.43 21.15 26.60
CA VAL B 414 28.89 19.94 25.87
C VAL B 414 27.67 19.36 25.17
N PHE B 415 27.88 19.00 23.90
CA PHE B 415 26.79 18.36 23.13
C PHE B 415 27.33 17.59 21.94
N LYS B 416 26.52 16.64 21.46
CA LYS B 416 26.69 15.98 20.12
C LYS B 416 25.71 16.68 19.15
N ASP B 417 26.07 16.68 17.86
CA ASP B 417 25.30 17.37 16.80
C ASP B 417 25.70 16.74 15.48
N PRO B 418 25.42 15.42 15.29
CA PRO B 418 25.84 14.69 14.11
C PRO B 418 25.45 15.44 12.85
N VAL B 419 26.37 15.50 11.91
CA VAL B 419 26.17 16.05 10.55
C VAL B 419 24.89 15.47 9.94
N ALA B 420 24.71 14.15 9.98
CA ALA B 420 23.70 13.52 9.10
C ALA B 420 22.39 13.34 9.87
N ASP B 421 22.33 13.78 11.13
CA ASP B 421 21.11 13.54 11.95
C ASP B 421 20.88 14.65 12.98
N PRO B 422 20.24 15.76 12.56
CA PRO B 422 19.75 16.76 13.53
C PRO B 422 18.84 16.21 14.67
N ASN B 423 18.14 15.10 14.43
CA ASN B 423 17.28 14.37 15.40
C ASN B 423 18.10 13.89 16.61
N LYS B 424 19.41 13.67 16.44
CA LYS B 424 20.31 13.19 17.51
C LYS B 424 21.10 14.34 18.16
N ARG B 425 20.92 15.60 17.70
CA ARG B 425 21.51 16.77 18.42
C ARG B 425 21.25 16.61 19.92
N SER B 426 22.20 16.88 20.78
CA SER B 426 21.96 16.91 22.25
C SER B 426 21.87 18.37 22.74
N LYS B 427 21.22 18.52 23.90
CA LYS B 427 20.95 19.81 24.59
C LYS B 427 22.22 20.27 25.30
N LYS B 428 22.43 21.59 25.42
CA LYS B 428 23.73 22.14 25.84
C LYS B 428 23.64 22.53 27.30
N GLY B 429 24.60 22.13 28.13
CA GLY B 429 24.90 22.81 29.39
C GLY B 429 23.88 22.46 30.44
N ARG B 430 23.77 23.27 31.49
CA ARG B 430 22.96 22.91 32.68
C ARG B 430 21.49 23.16 32.34
N LEU B 431 20.66 22.16 32.64
CA LEU B 431 19.26 22.09 32.19
C LEU B 431 18.34 22.31 33.39
N SER B 432 17.24 23.02 33.13
CA SER B 432 16.09 23.10 34.04
C SER B 432 14.80 22.97 33.21
N LEU B 433 13.72 22.53 33.86
CA LEU B 433 12.38 22.40 33.27
C LEU B 433 11.44 23.45 33.86
N HIS B 434 10.72 24.14 32.98
CA HIS B 434 9.94 25.32 33.39
C HIS B 434 8.55 25.27 32.79
N ARG B 435 7.61 25.94 33.49
CA ARG B 435 6.23 26.18 33.01
C ARG B 435 6.30 27.47 32.24
N THR B 436 5.73 27.47 31.04
CA THR B 436 5.56 28.66 30.19
C THR B 436 4.29 29.39 30.65
N PRO B 437 4.10 30.66 30.25
CA PRO B 437 2.90 31.39 30.65
C PRO B 437 1.58 30.77 30.15
N ALA B 438 1.55 30.08 29.00
CA ALA B 438 0.40 29.24 28.59
C ALA B 438 0.42 27.87 29.26
N GLY B 439 1.32 27.63 30.24
CA GLY B 439 1.29 26.45 31.12
C GLY B 439 1.79 25.18 30.43
N ASN B 440 2.63 25.34 29.41
CA ASN B 440 3.34 24.24 28.72
C ASN B 440 4.74 24.12 29.33
N PHE B 441 5.48 23.13 28.86
CA PHE B 441 6.84 22.79 29.36
C PHE B 441 7.88 23.25 28.33
N VAL B 442 8.99 23.66 28.89
CA VAL B 442 10.21 24.03 28.14
C VAL B 442 11.32 23.61 29.07
N THR B 443 12.34 23.04 28.45
CA THR B 443 13.66 22.81 29.05
C THR B 443 14.52 23.99 28.67
N LEU B 444 15.05 24.69 29.67
CA LEU B 444 16.04 25.77 29.45
C LEU B 444 17.42 25.13 29.41
N GLU B 445 18.29 25.62 28.54
CA GLU B 445 19.67 25.11 28.37
C GLU B 445 20.65 26.17 28.91
N GLU B 446 21.95 25.86 28.87
CA GLU B 446 23.08 26.81 29.15
C GLU B 446 22.84 27.53 30.48
N GLY B 447 22.23 26.82 31.44
CA GLY B 447 21.95 27.28 32.82
C GLY B 447 21.05 28.52 32.85
N LYS B 448 20.41 28.87 31.73
CA LYS B 448 19.46 30.01 31.60
C LYS B 448 18.30 29.91 32.62
N GLY B 449 18.13 28.80 33.35
CA GLY B 449 17.10 28.64 34.39
C GLY B 449 17.34 29.59 35.54
N ASP B 450 18.59 29.97 35.76
CA ASP B 450 19.07 30.80 36.91
C ASP B 450 18.82 32.29 36.62
N LEU B 451 18.61 32.67 35.36
CA LEU B 451 17.81 33.87 34.99
C LEU B 451 16.38 33.43 35.29
N GLU B 452 15.75 34.01 36.31
CA GLU B 452 14.45 33.51 36.84
C GLU B 452 13.33 34.14 35.98
N GLU B 453 13.35 33.85 34.68
CA GLU B 453 12.40 34.40 33.68
C GLU B 453 11.20 33.47 33.63
N TYR B 454 11.36 32.25 34.13
CA TYR B 454 10.36 31.15 33.91
C TYR B 454 9.92 30.53 35.23
N GLY B 455 10.07 31.27 36.33
CA GLY B 455 9.79 30.74 37.67
C GLY B 455 10.79 29.67 38.05
N GLN B 456 10.35 28.67 38.81
CA GLN B 456 11.25 27.68 39.45
C GLN B 456 11.31 26.38 38.65
N ASP B 457 12.45 25.74 38.78
CA ASP B 457 12.80 24.43 38.19
C ASP B 457 11.76 23.43 38.69
N LEU B 458 11.07 22.78 37.75
CA LEU B 458 10.09 21.71 38.05
C LEU B 458 10.77 20.38 38.40
N LEU B 459 12.06 20.13 38.09
CA LEU B 459 12.71 18.85 38.51
C LEU B 459 12.97 18.97 40.01
N HIS B 460 12.91 17.85 40.73
CA HIS B 460 13.21 17.81 42.19
C HIS B 460 14.40 16.88 42.42
N THR B 461 15.17 17.11 43.46
CA THR B 461 16.21 16.16 43.88
C THR B 461 15.50 14.87 44.32
N VAL B 462 15.75 13.75 43.65
CA VAL B 462 15.13 12.45 43.98
C VAL B 462 16.19 11.55 44.62
N PHE B 463 17.46 11.76 44.29
CA PHE B 463 18.60 10.97 44.81
C PHE B 463 19.79 11.88 45.04
N LYS B 464 20.40 11.76 46.22
CA LYS B 464 21.64 12.49 46.55
C LYS B 464 22.45 11.63 47.51
N ASN B 465 23.69 11.36 47.13
CA ASN B 465 24.75 10.78 48.00
C ASN B 465 24.26 9.51 48.71
N GLY B 466 23.60 8.64 47.93
CA GLY B 466 23.20 7.28 48.34
C GLY B 466 21.79 7.22 48.88
N LYS B 467 21.07 8.35 48.91
CA LYS B 467 19.79 8.39 49.62
C LYS B 467 18.72 8.77 48.59
N VAL B 468 17.53 8.19 48.74
CA VAL B 468 16.30 8.63 48.02
C VAL B 468 15.74 9.78 48.85
N THR B 469 15.64 10.95 48.24
CA THR B 469 15.32 12.24 48.91
C THR B 469 13.91 12.70 48.55
N LYS B 470 13.27 12.10 47.54
CA LYS B 470 11.86 12.37 47.18
C LYS B 470 11.28 11.14 46.45
N SER B 471 10.12 10.67 46.87
CA SER B 471 9.41 9.45 46.40
C SER B 471 7.89 9.70 46.34
N TYR B 472 7.23 8.91 45.51
CA TYR B 472 5.84 9.14 45.07
C TYR B 472 5.08 7.84 45.33
N SER B 473 3.85 7.93 45.86
CA SER B 473 2.97 6.75 45.98
C SER B 473 2.51 6.37 44.57
N PHE B 474 2.12 5.12 44.38
CA PHE B 474 1.57 4.67 43.09
C PHE B 474 0.27 5.43 42.83
N ASP B 475 -0.45 5.80 43.89
CA ASP B 475 -1.68 6.63 43.76
C ASP B 475 -1.33 8.01 43.18
N GLU B 476 -0.29 8.67 43.67
CA GLU B 476 0.16 10.02 43.20
C GLU B 476 0.50 9.90 41.70
N ILE B 477 1.22 8.85 41.35
CA ILE B 477 1.65 8.62 39.93
C ILE B 477 0.40 8.42 39.06
N ARG B 478 -0.60 7.70 39.58
CA ARG B 478 -1.86 7.43 38.84
C ARG B 478 -2.54 8.77 38.58
N LYS B 479 -2.64 9.58 39.62
CA LYS B 479 -3.24 10.94 39.57
C LYS B 479 -2.51 11.75 38.53
N ASN B 480 -1.18 11.73 38.56
CA ASN B 480 -0.37 12.58 37.66
C ASN B 480 -0.63 12.15 36.21
N ALA B 481 -0.91 10.85 36.00
CA ALA B 481 -0.93 10.24 34.64
C ALA B 481 -2.33 10.32 34.01
N GLN B 482 -3.37 10.73 34.76
CA GLN B 482 -4.76 10.81 34.27
C GLN B 482 -4.85 11.46 32.88
N LEU B 483 -5.86 11.06 32.12
CA LEU B 483 -6.18 11.68 30.80
C LEU B 483 -6.92 13.01 31.02
N ASN B 484 -6.63 14.03 30.20
CA ASN B 484 -7.55 15.18 29.95
C ASN B 484 -8.99 14.68 29.77
N PHE C 10 -12.90 0.07 -7.93
CA PHE C 10 -13.64 -0.53 -9.11
C PHE C 10 -14.44 -1.80 -8.71
N ASN C 11 -15.70 -1.79 -9.19
CA ASN C 11 -16.75 -2.77 -8.76
C ASN C 11 -17.44 -3.29 -10.01
N ILE C 12 -17.19 -4.55 -10.34
CA ILE C 12 -17.79 -5.18 -11.55
C ILE C 12 -19.33 -5.17 -11.53
N LEU C 13 -19.95 -5.10 -10.35
CA LEU C 13 -21.42 -5.07 -10.21
C LEU C 13 -21.95 -3.73 -10.74
N LEU C 14 -21.07 -2.72 -10.87
CA LEU C 14 -21.39 -1.34 -11.30
C LEU C 14 -20.79 -1.07 -12.68
N ALA C 15 -20.24 -2.08 -13.34
CA ALA C 15 -19.40 -1.94 -14.56
C ALA C 15 -20.09 -2.64 -15.74
N THR C 16 -21.41 -2.49 -15.83
CA THR C 16 -22.28 -3.05 -16.88
C THR C 16 -23.30 -2.00 -17.29
N ASP C 17 -23.95 -2.20 -18.42
CA ASP C 17 -25.12 -1.41 -18.86
C ASP C 17 -26.26 -1.60 -17.84
N SER C 18 -26.81 -0.51 -17.34
CA SER C 18 -27.96 -0.51 -16.42
C SER C 18 -28.93 -1.65 -16.74
N TYR C 19 -29.45 -1.74 -17.97
CA TYR C 19 -30.53 -2.68 -18.32
C TYR C 19 -30.15 -4.12 -18.08
N LYS C 20 -28.86 -4.44 -18.03
CA LYS C 20 -28.38 -5.84 -17.88
C LYS C 20 -28.61 -6.21 -16.42
N VAL C 21 -28.70 -5.20 -15.56
CA VAL C 21 -29.03 -5.42 -14.13
C VAL C 21 -30.37 -6.13 -14.06
N THR C 22 -31.29 -5.86 -15.02
CA THR C 22 -32.69 -6.37 -15.05
C THR C 22 -32.84 -7.70 -15.83
N HIS C 23 -31.79 -8.18 -16.51
CA HIS C 23 -31.86 -9.24 -17.55
C HIS C 23 -32.14 -10.63 -16.95
N TYR C 24 -31.73 -10.85 -15.70
CA TYR C 24 -31.91 -12.12 -14.98
C TYR C 24 -33.40 -12.39 -14.77
N LYS C 25 -34.27 -11.43 -15.04
CA LYS C 25 -35.74 -11.61 -14.98
C LYS C 25 -36.33 -11.89 -16.37
N GLN C 26 -35.52 -11.96 -17.43
CA GLN C 26 -36.03 -11.82 -18.83
C GLN C 26 -35.72 -13.06 -19.67
N TYR C 27 -34.79 -13.88 -19.22
CA TYR C 27 -34.36 -15.13 -19.87
C TYR C 27 -35.43 -16.15 -19.63
N PRO C 28 -35.66 -17.13 -20.52
CA PRO C 28 -36.70 -18.11 -20.25
C PRO C 28 -36.41 -18.71 -18.88
N PRO C 29 -37.43 -19.01 -18.06
CA PRO C 29 -37.21 -19.80 -16.84
C PRO C 29 -36.62 -21.20 -17.13
N ASN C 30 -35.76 -21.69 -16.24
CA ASN C 30 -35.14 -23.03 -16.25
C ASN C 30 -34.02 -23.02 -17.31
N THR C 31 -33.35 -21.88 -17.43
CA THR C 31 -32.17 -21.67 -18.30
C THR C 31 -30.94 -21.85 -17.41
N SER C 32 -30.10 -22.86 -17.69
CA SER C 32 -28.88 -23.25 -16.93
C SER C 32 -27.59 -22.66 -17.54
N LYS C 33 -27.66 -22.13 -18.77
CA LYS C 33 -26.47 -21.72 -19.58
C LYS C 33 -26.86 -20.67 -20.61
N VAL C 34 -26.18 -19.53 -20.56
CA VAL C 34 -26.11 -18.52 -21.65
C VAL C 34 -24.67 -18.56 -22.16
N TYR C 35 -24.55 -18.65 -23.47
CA TYR C 35 -23.27 -18.83 -24.19
C TYR C 35 -23.32 -17.80 -25.31
N SER C 36 -22.30 -16.95 -25.29
CA SER C 36 -22.20 -15.75 -26.12
C SER C 36 -20.79 -15.73 -26.75
N TYR C 37 -20.73 -15.25 -27.97
CA TYR C 37 -19.46 -15.16 -28.71
C TYR C 37 -19.20 -13.69 -29.05
N PHE C 38 -17.93 -13.37 -29.38
CA PHE C 38 -17.56 -12.06 -29.93
C PHE C 38 -17.05 -12.26 -31.33
N GLU C 39 -17.55 -11.53 -32.31
CA GLU C 39 -16.97 -11.45 -33.67
C GLU C 39 -16.80 -9.99 -34.13
N CYS C 40 -15.99 -9.79 -35.17
CA CYS C 40 -15.93 -8.53 -35.97
C CYS C 40 -16.80 -8.76 -37.21
N ARG C 41 -18.08 -8.38 -37.14
CA ARG C 41 -19.09 -8.67 -38.19
C ARG C 41 -18.67 -8.03 -39.53
N GLU C 42 -19.29 -8.48 -40.65
CA GLU C 42 -18.82 -8.43 -42.07
C GLU C 42 -19.21 -7.10 -42.71
N TYR C 55 -11.16 -3.55 -44.54
CA TYR C 55 -10.47 -4.12 -43.36
C TYR C 55 -10.78 -5.63 -43.19
N GLU C 56 -10.33 -6.42 -44.15
CA GLU C 56 -10.75 -7.86 -44.33
C GLU C 56 -10.38 -8.75 -43.14
N GLU C 57 -9.46 -8.38 -42.26
CA GLU C 57 -8.98 -9.31 -41.20
C GLU C 57 -8.59 -8.52 -39.97
N THR C 58 -8.64 -9.11 -38.78
CA THR C 58 -8.51 -8.35 -37.53
C THR C 58 -7.38 -8.92 -36.69
N VAL C 59 -6.59 -8.04 -36.12
CA VAL C 59 -5.75 -8.36 -34.94
C VAL C 59 -6.62 -8.54 -33.71
N PHE C 60 -6.61 -9.75 -33.15
CA PHE C 60 -7.15 -10.01 -31.80
C PHE C 60 -6.13 -9.55 -30.76
N TYR C 61 -6.38 -8.51 -30.00
CA TYR C 61 -5.48 -8.09 -28.89
C TYR C 61 -6.27 -7.28 -27.86
N GLY C 62 -5.96 -7.41 -26.59
CA GLY C 62 -6.49 -6.50 -25.55
C GLY C 62 -7.19 -7.27 -24.44
N LEU C 63 -7.91 -8.32 -24.76
CA LEU C 63 -8.72 -9.12 -23.79
C LEU C 63 -7.94 -9.42 -22.50
N GLN C 64 -6.65 -9.76 -22.60
CA GLN C 64 -5.84 -10.27 -21.46
C GLN C 64 -5.71 -9.16 -20.36
N TYR C 65 -5.53 -7.93 -20.80
CA TYR C 65 -5.59 -6.70 -19.96
C TYR C 65 -6.85 -6.79 -19.08
N ILE C 66 -8.00 -6.88 -19.78
CA ILE C 66 -9.35 -6.82 -19.15
C ILE C 66 -9.46 -8.02 -18.22
N LEU C 67 -9.03 -9.21 -18.65
CA LEU C 67 -9.16 -10.45 -17.82
C LEU C 67 -8.46 -10.21 -16.48
N ASN C 68 -7.27 -9.59 -16.50
CA ASN C 68 -6.41 -9.44 -15.29
C ASN C 68 -6.87 -8.26 -14.44
N LYS C 69 -7.04 -7.12 -15.06
CA LYS C 69 -7.31 -5.83 -14.38
C LYS C 69 -8.71 -5.84 -13.75
N TYR C 70 -9.66 -6.55 -14.38
CA TYR C 70 -11.12 -6.41 -14.13
C TYR C 70 -11.88 -7.71 -13.80
N LEU C 71 -11.60 -8.85 -14.44
CA LEU C 71 -12.44 -10.09 -14.25
C LEU C 71 -11.87 -11.09 -13.25
N LYS C 72 -10.57 -11.15 -13.02
CA LYS C 72 -9.98 -12.32 -12.29
C LYS C 72 -9.99 -12.09 -10.77
N GLY C 73 -9.91 -13.19 -10.03
CA GLY C 73 -9.84 -13.22 -8.56
C GLY C 73 -11.17 -12.93 -7.92
N LYS C 74 -11.13 -12.54 -6.66
CA LYS C 74 -12.31 -12.11 -5.87
C LYS C 74 -12.80 -10.75 -6.38
N VAL C 75 -13.84 -10.75 -7.21
CA VAL C 75 -14.39 -9.49 -7.82
C VAL C 75 -15.70 -9.12 -7.11
N VAL C 76 -16.28 -10.00 -6.30
CA VAL C 76 -17.49 -9.70 -5.47
C VAL C 76 -17.09 -9.70 -3.98
N THR C 77 -17.57 -8.71 -3.23
CA THR C 77 -17.49 -8.64 -1.75
C THR C 77 -18.85 -8.16 -1.22
N LYS C 78 -19.07 -8.37 0.08
CA LYS C 78 -20.33 -7.99 0.76
C LYS C 78 -20.59 -6.50 0.52
N GLU C 79 -19.52 -5.68 0.60
CA GLU C 79 -19.58 -4.21 0.44
C GLU C 79 -19.88 -3.87 -1.02
N LYS C 80 -19.35 -4.63 -1.98
CA LYS C 80 -19.58 -4.36 -3.42
C LYS C 80 -21.02 -4.71 -3.80
N ILE C 81 -21.60 -5.73 -3.17
CA ILE C 81 -23.03 -6.08 -3.35
C ILE C 81 -23.89 -4.92 -2.81
N GLN C 82 -23.61 -4.46 -1.58
CA GLN C 82 -24.39 -3.42 -0.87
C GLN C 82 -24.28 -2.09 -1.64
N GLU C 83 -23.11 -1.72 -2.17
CA GLU C 83 -22.87 -0.45 -2.92
C GLU C 83 -23.77 -0.49 -4.17
N ALA C 84 -23.71 -1.59 -4.93
CA ALA C 84 -24.50 -1.75 -6.18
C ALA C 84 -25.99 -1.66 -5.83
N LYS C 85 -26.43 -2.38 -4.80
CA LYS C 85 -27.85 -2.46 -4.33
C LYS C 85 -28.36 -1.04 -4.14
N ASP C 86 -27.54 -0.19 -3.53
CA ASP C 86 -27.89 1.18 -3.09
C ASP C 86 -27.97 2.09 -4.31
N VAL C 87 -27.04 1.93 -5.25
CA VAL C 87 -27.01 2.78 -6.47
C VAL C 87 -28.23 2.41 -7.34
N TYR C 88 -28.42 1.12 -7.59
CA TYR C 88 -29.45 0.60 -8.51
C TYR C 88 -30.84 0.96 -7.94
N LYS C 89 -30.97 0.88 -6.61
CA LYS C 89 -32.21 1.29 -5.91
C LYS C 89 -32.57 2.73 -6.33
N GLU C 90 -31.60 3.64 -6.38
CA GLU C 90 -31.85 5.07 -6.71
C GLU C 90 -31.88 5.24 -8.24
N HIS C 91 -31.11 4.46 -8.97
CA HIS C 91 -30.90 4.60 -10.44
C HIS C 91 -32.18 4.18 -11.18
N PHE C 92 -32.81 3.09 -10.73
CA PHE C 92 -34.05 2.53 -11.33
C PHE C 92 -35.29 3.10 -10.60
N GLN C 93 -35.12 3.59 -9.37
CA GLN C 93 -36.22 3.99 -8.47
C GLN C 93 -37.06 2.73 -8.27
N ASP C 94 -36.36 1.61 -8.04
CA ASP C 94 -36.94 0.23 -8.04
C ASP C 94 -35.87 -0.71 -7.54
N ASP C 95 -36.26 -1.82 -6.88
CA ASP C 95 -35.26 -2.71 -6.20
C ASP C 95 -35.05 -3.97 -7.02
N VAL C 96 -34.71 -3.81 -8.31
CA VAL C 96 -34.72 -4.81 -9.42
C VAL C 96 -33.37 -5.55 -9.43
N PHE C 97 -32.34 -5.03 -8.77
CA PHE C 97 -31.02 -5.67 -8.54
C PHE C 97 -31.12 -7.14 -8.05
N ASN C 98 -30.28 -8.02 -8.61
CA ASN C 98 -30.21 -9.47 -8.27
C ASN C 98 -29.18 -9.70 -7.15
N GLU C 99 -29.55 -9.38 -5.91
CA GLU C 99 -28.68 -9.53 -4.71
C GLU C 99 -28.34 -11.01 -4.52
N LYS C 100 -29.35 -11.88 -4.64
CA LYS C 100 -29.26 -13.34 -4.35
C LYS C 100 -28.20 -13.98 -5.28
N GLY C 101 -28.29 -13.70 -6.58
CA GLY C 101 -27.37 -14.17 -7.63
C GLY C 101 -25.92 -13.81 -7.38
N TRP C 102 -25.65 -12.56 -6.96
CA TRP C 102 -24.30 -12.08 -6.62
C TRP C 102 -23.85 -12.63 -5.26
N ASN C 103 -24.75 -12.79 -4.29
CA ASN C 103 -24.40 -13.36 -2.97
C ASN C 103 -23.94 -14.82 -3.14
N TYR C 104 -24.62 -15.58 -4.01
CA TYR C 104 -24.27 -16.97 -4.39
C TYR C 104 -22.81 -17.06 -4.88
N ILE C 105 -22.39 -16.20 -5.82
CA ILE C 105 -21.00 -16.25 -6.35
C ILE C 105 -20.05 -15.94 -5.18
N LEU C 106 -20.36 -14.98 -4.30
CA LEU C 106 -19.51 -14.65 -3.12
C LEU C 106 -19.36 -15.88 -2.22
N GLU C 107 -20.44 -16.60 -1.94
CA GLU C 107 -20.44 -17.60 -0.85
C GLU C 107 -20.06 -18.99 -1.41
N LYS C 108 -20.38 -19.27 -2.67
CA LYS C 108 -19.99 -20.52 -3.36
C LYS C 108 -18.49 -20.43 -3.76
N TYR C 109 -18.07 -19.35 -4.42
CA TYR C 109 -16.77 -19.28 -5.15
C TYR C 109 -15.84 -18.18 -4.63
N ASP C 110 -16.04 -17.71 -3.40
CA ASP C 110 -15.17 -16.65 -2.80
C ASP C 110 -15.08 -15.44 -3.77
N GLY C 111 -16.16 -15.12 -4.49
CA GLY C 111 -16.30 -13.93 -5.36
C GLY C 111 -15.69 -14.11 -6.74
N HIS C 112 -15.23 -15.33 -7.07
CA HIS C 112 -14.59 -15.63 -8.37
C HIS C 112 -15.71 -15.92 -9.36
N LEU C 113 -15.66 -15.30 -10.54
CA LEU C 113 -16.77 -15.41 -11.53
C LEU C 113 -16.73 -16.83 -12.04
N PRO C 114 -17.84 -17.61 -11.99
CA PRO C 114 -17.88 -18.94 -12.63
C PRO C 114 -18.17 -18.77 -14.12
N ILE C 115 -17.13 -18.29 -14.82
CA ILE C 115 -17.15 -17.97 -16.27
C ILE C 115 -16.02 -18.74 -16.93
N GLU C 116 -16.27 -19.16 -18.17
CA GLU C 116 -15.23 -19.77 -19.01
C GLU C 116 -15.18 -18.91 -20.24
N ILE C 117 -14.03 -18.32 -20.49
CA ILE C 117 -13.78 -17.54 -21.73
C ILE C 117 -12.72 -18.29 -22.51
N LYS C 118 -13.05 -18.65 -23.75
CA LYS C 118 -12.13 -19.26 -24.75
C LYS C 118 -11.89 -18.18 -25.78
N ALA C 119 -10.65 -18.05 -26.23
CA ALA C 119 -10.24 -16.98 -27.15
C ALA C 119 -9.20 -17.52 -28.13
N VAL C 120 -9.20 -17.00 -29.35
CA VAL C 120 -8.05 -17.14 -30.31
C VAL C 120 -6.82 -16.45 -29.68
N PRO C 121 -5.59 -16.91 -29.89
CA PRO C 121 -4.41 -16.32 -29.23
C PRO C 121 -4.17 -14.83 -29.59
N GLU C 122 -3.71 -14.07 -28.62
CA GLU C 122 -3.54 -12.61 -28.83
C GLU C 122 -2.43 -12.37 -29.90
N GLY C 123 -2.68 -11.41 -30.81
CA GLY C 123 -1.89 -11.10 -31.99
C GLY C 123 -2.40 -11.80 -33.23
N PHE C 124 -3.25 -12.83 -33.07
CA PHE C 124 -3.80 -13.59 -34.23
C PHE C 124 -4.50 -12.60 -35.18
N VAL C 125 -4.23 -12.76 -36.48
CA VAL C 125 -4.87 -11.96 -37.55
C VAL C 125 -5.98 -12.77 -38.21
N ILE C 126 -7.23 -12.53 -37.81
CA ILE C 126 -8.42 -13.35 -38.21
C ILE C 126 -9.28 -12.66 -39.26
N PRO C 127 -9.66 -13.29 -40.38
CA PRO C 127 -10.60 -12.65 -41.32
C PRO C 127 -11.90 -12.28 -40.59
N ARG C 128 -12.61 -11.29 -41.12
CA ARG C 128 -13.86 -10.73 -40.55
C ARG C 128 -14.87 -11.85 -40.42
N GLY C 129 -15.78 -11.81 -39.44
CA GLY C 129 -16.97 -12.69 -39.44
C GLY C 129 -16.68 -14.06 -38.81
N ASN C 130 -15.70 -14.10 -37.93
CA ASN C 130 -15.17 -15.32 -37.28
C ASN C 130 -15.23 -15.08 -35.77
N VAL C 131 -15.42 -16.13 -35.01
CA VAL C 131 -15.45 -16.11 -33.54
C VAL C 131 -14.06 -15.83 -33.06
N LEU C 132 -13.90 -14.80 -32.23
CA LEU C 132 -12.59 -14.48 -31.63
C LEU C 132 -12.56 -14.89 -30.16
N PHE C 133 -13.71 -14.86 -29.49
CA PHE C 133 -13.87 -15.43 -28.13
C PHE C 133 -15.33 -15.84 -27.90
N THR C 134 -15.48 -16.67 -26.87
CA THR C 134 -16.73 -17.16 -26.34
C THR C 134 -16.69 -16.92 -24.82
N VAL C 135 -17.87 -16.62 -24.31
CA VAL C 135 -18.16 -16.55 -22.86
C VAL C 135 -19.34 -17.48 -22.58
N GLU C 136 -19.21 -18.23 -21.49
CA GLU C 136 -20.29 -19.12 -21.00
C GLU C 136 -20.16 -19.25 -19.47
N ASN C 137 -21.29 -19.44 -18.81
CA ASN C 137 -21.28 -19.69 -17.35
C ASN C 137 -20.95 -21.17 -17.13
N THR C 138 -20.24 -21.43 -16.02
CA THR C 138 -19.81 -22.79 -15.60
C THR C 138 -20.65 -23.28 -14.42
N ASP C 139 -21.62 -22.49 -14.00
CA ASP C 139 -22.59 -22.84 -12.93
C ASP C 139 -23.98 -22.47 -13.42
N PRO C 140 -24.95 -23.42 -13.45
CA PRO C 140 -26.30 -23.13 -13.93
C PRO C 140 -26.99 -21.97 -13.22
N GLU C 141 -26.68 -21.71 -11.94
CA GLU C 141 -27.26 -20.57 -11.16
C GLU C 141 -26.82 -19.25 -11.82
N CYS C 142 -25.66 -19.20 -12.47
CA CYS C 142 -25.07 -17.96 -13.02
C CYS C 142 -25.31 -17.84 -14.53
N TYR C 143 -26.43 -18.39 -15.04
CA TYR C 143 -26.86 -18.28 -16.46
C TYR C 143 -26.81 -16.81 -16.91
N TRP C 144 -27.18 -15.90 -16.00
CA TRP C 144 -27.40 -14.45 -16.26
C TRP C 144 -26.06 -13.69 -16.33
N LEU C 145 -24.97 -14.29 -15.87
CA LEU C 145 -23.67 -13.62 -15.61
C LEU C 145 -22.89 -13.48 -16.91
N THR C 146 -23.15 -14.33 -17.89
CA THR C 146 -22.41 -14.37 -19.18
C THR C 146 -22.52 -12.99 -19.82
N ASN C 147 -23.76 -12.50 -19.87
CA ASN C 147 -24.07 -11.27 -20.63
C ASN C 147 -23.95 -10.05 -19.71
N TRP C 148 -23.86 -10.22 -18.39
CA TRP C 148 -23.56 -9.15 -17.41
C TRP C 148 -22.26 -8.50 -17.84
N ILE C 149 -21.28 -9.29 -18.32
CA ILE C 149 -19.91 -8.83 -18.56
C ILE C 149 -19.73 -8.59 -20.06
N GLU C 150 -20.79 -8.55 -20.86
CA GLU C 150 -20.70 -8.08 -22.26
C GLU C 150 -19.98 -6.74 -22.31
N THR C 151 -20.51 -5.75 -21.61
CA THR C 151 -20.13 -4.34 -21.76
C THR C 151 -18.61 -4.26 -21.63
N ILE C 152 -18.06 -4.76 -20.53
CA ILE C 152 -16.60 -4.71 -20.21
C ILE C 152 -15.76 -5.47 -21.27
N LEU C 153 -16.19 -6.68 -21.62
CA LEU C 153 -15.55 -7.60 -22.61
C LEU C 153 -15.59 -6.98 -23.99
N VAL C 154 -16.64 -6.24 -24.30
CA VAL C 154 -16.81 -5.68 -25.67
C VAL C 154 -15.94 -4.42 -25.84
N GLN C 155 -15.46 -3.81 -24.76
CA GLN C 155 -14.50 -2.67 -24.82
C GLN C 155 -13.17 -3.17 -25.45
N SER C 156 -13.05 -4.48 -25.71
CA SER C 156 -11.88 -5.02 -26.42
C SER C 156 -11.94 -4.54 -27.86
N TRP C 157 -13.12 -4.13 -28.34
CA TRP C 157 -13.24 -3.55 -29.71
C TRP C 157 -12.07 -2.59 -29.94
N TYR C 158 -11.68 -1.85 -28.90
CA TYR C 158 -10.82 -0.65 -29.02
C TYR C 158 -9.40 -1.13 -29.26
N PRO C 159 -8.76 -1.89 -28.34
CA PRO C 159 -7.42 -2.41 -28.60
C PRO C 159 -7.39 -3.18 -29.94
N ILE C 160 -8.44 -3.94 -30.23
CA ILE C 160 -8.55 -4.72 -31.51
C ILE C 160 -8.50 -3.71 -32.64
N THR C 161 -9.30 -2.67 -32.55
CA THR C 161 -9.50 -1.70 -33.67
C THR C 161 -8.19 -0.91 -33.90
N VAL C 162 -7.50 -0.50 -32.83
CA VAL C 162 -6.28 0.37 -32.91
C VAL C 162 -5.19 -0.51 -33.56
N ALA C 163 -5.07 -1.76 -33.06
CA ALA C 163 -4.10 -2.77 -33.50
C ALA C 163 -4.34 -3.05 -34.99
N THR C 164 -5.60 -3.13 -35.41
CA THR C 164 -5.99 -3.46 -36.80
C THR C 164 -5.63 -2.25 -37.68
N ASN C 165 -6.04 -1.06 -37.26
CA ASN C 165 -5.88 0.14 -38.11
C ASN C 165 -4.38 0.46 -38.19
N SER C 166 -3.62 0.30 -37.11
CA SER C 166 -2.16 0.51 -37.05
C SER C 166 -1.48 -0.45 -38.02
N ARG C 167 -1.85 -1.73 -38.00
CA ARG C 167 -1.32 -2.76 -38.91
C ARG C 167 -1.69 -2.43 -40.36
N GLU C 168 -2.94 -2.04 -40.63
CA GLU C 168 -3.35 -1.66 -42.00
C GLU C 168 -2.42 -0.56 -42.50
N GLN C 169 -2.01 0.33 -41.61
CA GLN C 169 -1.18 1.52 -42.01
C GLN C 169 0.27 1.04 -42.28
N LYS C 170 0.78 0.13 -41.43
CA LYS C 170 2.05 -0.62 -41.59
C LYS C 170 2.10 -1.26 -42.97
N LYS C 171 0.94 -1.75 -43.45
CA LYS C 171 0.88 -2.54 -44.71
C LYS C 171 1.13 -1.55 -45.84
N ILE C 172 0.46 -0.40 -45.79
CA ILE C 172 0.59 0.66 -46.87
C ILE C 172 2.04 1.15 -46.92
N LEU C 173 2.64 1.41 -45.74
CA LEU C 173 4.02 1.91 -45.54
C LEU C 173 4.99 0.86 -46.12
N ALA C 174 4.83 -0.39 -45.70
CA ALA C 174 5.55 -1.56 -46.23
C ALA C 174 5.42 -1.63 -47.77
N LYS C 175 4.21 -1.52 -48.32
CA LYS C 175 3.99 -1.62 -49.78
C LYS C 175 4.85 -0.56 -50.52
N TYR C 176 4.79 0.71 -50.13
CA TYR C 176 5.46 1.87 -50.83
C TYR C 176 6.98 1.95 -50.52
N LEU C 177 7.42 1.54 -49.33
CA LEU C 177 8.84 1.44 -48.94
C LEU C 177 9.54 0.38 -49.79
N LEU C 178 8.94 -0.81 -49.86
CA LEU C 178 9.40 -1.95 -50.69
C LEU C 178 9.44 -1.50 -52.15
N GLU C 179 8.43 -0.76 -52.58
CA GLU C 179 8.35 -0.37 -54.01
C GLU C 179 9.44 0.66 -54.32
N THR C 180 9.76 1.59 -53.40
CA THR C 180 10.62 2.75 -53.72
C THR C 180 12.03 2.62 -53.13
N SER C 181 12.30 1.73 -52.15
CA SER C 181 13.64 1.52 -51.55
C SER C 181 14.13 0.08 -51.81
N GLY C 182 13.29 -0.92 -51.57
CA GLY C 182 13.60 -2.34 -51.79
C GLY C 182 14.04 -3.02 -50.50
N ASN C 183 13.49 -2.56 -49.42
CA ASN C 183 13.65 -3.12 -48.05
C ASN C 183 12.51 -2.55 -47.16
N LEU C 184 12.46 -3.11 -45.96
CA LEU C 184 11.53 -2.72 -44.87
C LEU C 184 12.30 -2.08 -43.71
N ASP C 185 13.46 -1.55 -43.96
CA ASP C 185 14.39 -1.01 -42.95
C ASP C 185 13.77 0.22 -42.24
N GLY C 186 13.63 0.13 -40.91
CA GLY C 186 13.04 1.19 -40.11
C GLY C 186 11.51 1.26 -40.20
N LEU C 187 10.83 0.29 -40.85
CA LEU C 187 9.33 0.22 -40.93
C LEU C 187 8.68 0.37 -39.54
N GLU C 188 9.22 -0.26 -38.49
CA GLU C 188 8.63 -0.30 -37.12
C GLU C 188 8.68 1.06 -36.43
N TYR C 189 9.42 2.06 -36.95
CA TYR C 189 9.62 3.41 -36.39
C TYR C 189 9.04 4.46 -37.36
N LYS C 190 8.34 4.05 -38.41
CA LYS C 190 7.82 5.00 -39.42
C LYS C 190 6.42 5.56 -39.09
N LEU C 191 5.65 4.98 -38.15
CA LEU C 191 4.32 5.53 -37.72
C LEU C 191 4.46 5.77 -36.21
N HIS C 192 4.71 7.02 -35.83
CA HIS C 192 4.85 7.42 -34.42
C HIS C 192 3.46 7.75 -33.87
N ASP C 193 3.21 7.26 -32.67
CA ASP C 193 2.03 7.60 -31.86
C ASP C 193 2.21 8.98 -31.20
N PHE C 194 1.36 9.96 -31.56
CA PHE C 194 1.23 11.36 -31.04
C PHE C 194 -0.08 11.55 -30.24
N GLY C 195 -0.81 10.46 -30.05
CA GLY C 195 -2.22 10.47 -29.66
C GLY C 195 -2.45 10.62 -28.19
N TYR C 196 -1.43 10.89 -27.35
CA TYR C 196 -1.68 10.91 -25.87
C TYR C 196 -2.68 12.03 -25.47
N ARG C 197 -2.53 13.27 -25.99
CA ARG C 197 -3.46 14.38 -25.70
C ARG C 197 -4.82 14.16 -26.38
N GLY C 198 -4.87 13.32 -27.43
CA GLY C 198 -5.98 13.25 -28.40
C GLY C 198 -6.99 12.19 -28.04
N VAL C 199 -6.75 11.41 -26.97
CA VAL C 199 -7.60 10.29 -26.54
C VAL C 199 -8.51 10.71 -25.38
N SER C 200 -9.52 9.90 -25.12
CA SER C 200 -10.62 10.21 -24.16
C SER C 200 -10.16 9.96 -22.72
N SER C 201 -8.99 9.33 -22.42
CA SER C 201 -8.68 9.13 -20.99
C SER C 201 -7.27 8.58 -20.74
N GLN C 202 -6.83 8.54 -19.46
CA GLN C 202 -5.48 8.03 -19.11
C GLN C 202 -5.48 6.53 -19.46
N GLU C 203 -6.53 5.84 -18.96
CA GLU C 203 -6.70 4.40 -19.17
C GLU C 203 -6.69 4.16 -20.69
N THR C 204 -7.43 4.96 -21.47
CA THR C 204 -7.50 4.80 -22.95
C THR C 204 -6.11 5.00 -23.57
N ALA C 205 -5.35 6.01 -23.18
CA ALA C 205 -3.97 6.24 -23.67
C ALA C 205 -3.13 4.95 -23.62
N GLY C 206 -3.03 4.34 -22.45
CA GLY C 206 -2.23 3.12 -22.21
C GLY C 206 -2.61 2.00 -23.17
N ILE C 207 -3.88 1.66 -23.21
CA ILE C 207 -4.47 0.56 -24.05
C ILE C 207 -4.25 0.87 -25.54
N GLY C 208 -4.53 2.11 -25.97
CA GLY C 208 -4.43 2.53 -27.38
C GLY C 208 -2.99 2.47 -27.84
N ALA C 209 -2.11 2.99 -27.00
CA ALA C 209 -0.66 3.08 -27.27
C ALA C 209 -0.03 1.70 -27.28
N SER C 210 -0.48 0.80 -26.39
CA SER C 210 -0.14 -0.66 -26.37
C SER C 210 -0.64 -1.34 -27.62
N ALA C 211 -1.79 -0.95 -28.15
CA ALA C 211 -2.38 -1.60 -29.37
C ALA C 211 -1.54 -1.27 -30.60
N HIS C 212 -1.06 -0.02 -30.68
CA HIS C 212 -0.20 0.46 -31.79
C HIS C 212 1.19 -0.22 -31.75
N LEU C 213 1.70 -0.53 -30.55
CA LEU C 213 3.05 -1.12 -30.32
C LEU C 213 3.01 -2.62 -30.66
N VAL C 214 1.83 -3.16 -30.90
CA VAL C 214 1.72 -4.51 -31.47
C VAL C 214 2.41 -4.47 -32.83
N ASN C 215 2.36 -3.32 -33.53
CA ASN C 215 2.84 -3.22 -34.93
C ASN C 215 4.12 -2.35 -35.07
N PHE C 216 4.35 -1.41 -34.19
CA PHE C 216 5.41 -0.39 -34.32
C PHE C 216 6.16 -0.28 -32.99
N LYS C 217 7.27 0.45 -32.99
CA LYS C 217 8.15 0.60 -31.81
C LYS C 217 8.24 2.07 -31.43
N GLY C 218 7.63 2.99 -32.22
CA GLY C 218 7.75 4.45 -32.02
C GLY C 218 6.51 5.06 -31.37
N THR C 219 6.64 5.53 -30.10
CA THR C 219 5.50 6.12 -29.33
C THR C 219 5.97 7.32 -28.49
N ASP C 220 5.13 8.34 -28.41
CA ASP C 220 5.17 9.43 -27.39
C ASP C 220 4.14 9.15 -26.27
N THR C 221 3.28 8.20 -26.45
CA THR C 221 2.24 7.87 -25.45
C THR C 221 2.86 6.94 -24.39
N VAL C 222 3.53 7.54 -23.41
CA VAL C 222 4.29 6.85 -22.33
C VAL C 222 3.44 5.75 -21.63
N ALA C 223 2.18 6.08 -21.33
CA ALA C 223 1.25 5.22 -20.59
C ALA C 223 1.22 3.78 -21.19
N GLY C 224 1.49 3.61 -22.49
CA GLY C 224 1.43 2.29 -23.13
C GLY C 224 2.46 1.34 -22.58
N LEU C 225 3.61 1.89 -22.25
CA LEU C 225 4.81 1.07 -21.86
C LEU C 225 4.51 0.30 -20.56
N ALA C 226 4.04 0.99 -19.49
CA ALA C 226 3.69 0.41 -18.16
C ALA C 226 2.65 -0.70 -18.30
N LEU C 227 1.75 -0.56 -19.26
CA LEU C 227 0.60 -1.49 -19.40
C LEU C 227 1.17 -2.81 -19.95
N ILE C 228 2.00 -2.72 -20.98
CA ILE C 228 2.64 -3.88 -21.65
C ILE C 228 3.48 -4.62 -20.60
N LYS C 229 4.38 -3.96 -19.87
CA LYS C 229 5.22 -4.60 -18.83
C LYS C 229 4.38 -5.35 -17.79
N LYS C 230 3.27 -4.78 -17.31
CA LYS C 230 2.47 -5.29 -16.16
C LYS C 230 1.50 -6.40 -16.65
N TYR C 231 1.03 -6.34 -17.89
CA TYR C 231 -0.09 -7.18 -18.38
C TYR C 231 0.36 -8.20 -19.45
N TYR C 232 1.48 -7.99 -20.11
CA TYR C 232 1.90 -8.76 -21.31
C TYR C 232 3.38 -9.19 -21.16
N GLY C 233 4.28 -8.22 -20.91
CA GLY C 233 5.74 -8.43 -20.72
C GLY C 233 6.49 -8.37 -22.04
N THR C 234 7.71 -7.84 -22.05
CA THR C 234 8.68 -7.98 -23.17
C THR C 234 10.05 -8.39 -22.60
N LYS C 235 10.86 -9.11 -23.37
CA LYS C 235 12.27 -9.47 -23.00
C LYS C 235 13.12 -8.19 -23.12
N ASP C 236 12.84 -7.36 -24.13
CA ASP C 236 13.32 -5.95 -24.28
C ASP C 236 12.92 -5.11 -23.06
N PRO C 237 13.76 -4.14 -22.63
CA PRO C 237 13.45 -3.30 -21.45
C PRO C 237 12.13 -2.50 -21.50
N VAL C 238 11.80 -1.93 -22.66
CA VAL C 238 10.54 -1.21 -22.95
C VAL C 238 10.17 -1.56 -24.39
N PRO C 239 8.86 -1.61 -24.72
CA PRO C 239 8.39 -2.05 -26.04
C PRO C 239 8.38 -0.95 -27.12
N GLY C 240 8.73 0.23 -26.73
CA GLY C 240 8.51 1.46 -27.51
C GLY C 240 9.53 2.51 -27.11
N TYR C 241 9.89 3.33 -28.09
CA TYR C 241 11.09 4.17 -28.05
C TYR C 241 10.68 5.56 -28.55
N SER C 242 11.33 6.60 -28.04
CA SER C 242 11.23 7.98 -28.59
C SER C 242 12.59 8.65 -28.75
N VAL C 243 12.57 9.75 -29.49
CA VAL C 243 13.70 10.72 -29.65
C VAL C 243 13.25 12.08 -29.13
N PRO C 244 14.24 12.94 -28.77
CA PRO C 244 13.95 14.31 -28.41
C PRO C 244 13.33 15.06 -29.60
N ALA C 245 12.34 15.87 -29.29
CA ALA C 245 11.58 16.66 -30.28
C ALA C 245 11.15 18.00 -29.64
N ALA C 246 10.90 18.97 -30.51
CA ALA C 246 10.36 20.31 -30.18
C ALA C 246 8.84 20.31 -30.32
N GLU C 247 8.20 21.20 -29.58
CA GLU C 247 6.77 21.58 -29.76
C GLU C 247 6.83 23.08 -30.02
N HIS C 248 5.70 23.69 -30.34
CA HIS C 248 5.59 25.15 -30.63
C HIS C 248 5.96 25.95 -29.39
N SER C 249 5.74 25.46 -28.17
CA SER C 249 6.17 26.18 -26.92
C SER C 249 7.68 26.46 -26.89
N THR C 250 8.53 25.56 -27.39
CA THR C 250 10.01 25.63 -27.22
C THR C 250 10.62 26.41 -28.39
N ILE C 251 9.95 26.52 -29.53
CA ILE C 251 10.35 27.42 -30.65
C ILE C 251 9.83 28.84 -30.35
N THR C 252 8.49 29.00 -30.16
CA THR C 252 7.86 30.34 -30.17
C THR C 252 8.29 31.16 -28.95
N ALA C 253 8.74 30.52 -27.87
CA ALA C 253 9.11 31.20 -26.60
C ALA C 253 10.41 32.06 -26.79
N TRP C 254 11.21 31.78 -27.83
CA TRP C 254 12.40 32.57 -28.24
C TRP C 254 11.97 33.92 -28.84
N GLY C 255 10.74 34.03 -29.32
CA GLY C 255 10.22 35.27 -29.92
C GLY C 255 10.13 35.09 -31.44
N LYS C 256 9.09 35.68 -32.05
CA LYS C 256 8.82 35.57 -33.50
C LYS C 256 10.11 35.87 -34.30
N ASP C 257 11.09 36.63 -33.76
CA ASP C 257 12.30 37.07 -34.53
C ASP C 257 13.53 36.16 -34.34
N HIS C 258 13.44 35.12 -33.52
CA HIS C 258 14.59 34.29 -33.07
C HIS C 258 14.35 32.80 -33.39
N GLU C 259 13.56 32.46 -34.43
CA GLU C 259 13.24 31.05 -34.79
C GLU C 259 14.60 30.36 -35.02
N LYS C 260 15.52 31.04 -35.71
CA LYS C 260 16.86 30.52 -36.08
C LYS C 260 17.61 30.17 -34.79
N ASP C 261 17.50 30.99 -33.74
CA ASP C 261 18.18 30.77 -32.44
C ASP C 261 17.59 29.55 -31.74
N ALA C 262 16.25 29.38 -31.79
CA ALA C 262 15.55 28.23 -31.20
C ALA C 262 16.06 26.94 -31.88
N PHE C 263 15.93 26.85 -33.19
CA PHE C 263 16.45 25.74 -34.03
C PHE C 263 17.92 25.46 -33.66
N GLU C 264 18.73 26.52 -33.62
CA GLU C 264 20.21 26.36 -33.46
C GLU C 264 20.44 25.77 -32.06
N HIS C 265 19.75 26.31 -31.06
CA HIS C 265 19.87 25.85 -29.66
C HIS C 265 19.45 24.39 -29.56
N ILE C 266 18.43 24.00 -30.31
CA ILE C 266 17.75 22.68 -30.15
C ILE C 266 18.59 21.60 -30.83
N VAL C 267 19.05 21.84 -32.06
CA VAL C 267 19.90 20.86 -32.80
C VAL C 267 21.22 20.67 -32.04
N THR C 268 21.73 21.71 -31.39
CA THR C 268 23.01 21.71 -30.65
C THR C 268 22.84 21.02 -29.28
N GLN C 269 21.70 21.22 -28.63
CA GLN C 269 21.39 20.50 -27.37
C GLN C 269 21.33 19.00 -27.67
N PHE C 270 20.77 18.63 -28.83
CA PHE C 270 20.55 17.21 -29.21
C PHE C 270 21.38 16.95 -30.46
N SER C 271 22.69 16.99 -30.28
CA SER C 271 23.69 16.95 -31.38
C SER C 271 23.91 15.51 -31.83
N SER C 272 23.73 14.54 -30.91
CA SER C 272 24.27 13.15 -31.02
C SER C 272 23.12 12.13 -31.12
N VAL C 273 21.88 12.61 -31.13
CA VAL C 273 20.70 11.70 -31.26
C VAL C 273 19.78 12.29 -32.32
N PRO C 274 18.88 11.51 -32.91
CA PRO C 274 17.85 12.04 -33.82
C PRO C 274 16.97 13.09 -33.12
N VAL C 275 16.46 14.09 -33.84
CA VAL C 275 15.71 15.22 -33.16
C VAL C 275 14.67 15.74 -34.13
N SER C 276 13.41 15.69 -33.70
CA SER C 276 12.26 16.25 -34.44
C SER C 276 12.12 17.74 -34.10
N VAL C 277 12.02 18.61 -35.12
CA VAL C 277 11.80 20.07 -34.91
C VAL C 277 10.69 20.53 -35.83
N VAL C 278 9.53 20.78 -35.19
CA VAL C 278 8.37 21.44 -35.84
C VAL C 278 8.85 22.77 -36.38
N SER C 279 8.57 23.04 -37.65
CA SER C 279 9.19 24.16 -38.42
C SER C 279 8.13 25.06 -39.07
N ASP C 280 6.91 25.01 -38.57
CA ASP C 280 5.75 25.64 -39.21
C ASP C 280 5.26 26.79 -38.33
N SER C 281 6.01 27.16 -37.28
CA SER C 281 5.63 28.22 -36.30
C SER C 281 5.10 29.44 -37.05
N TYR C 282 5.77 29.85 -38.13
CA TYR C 282 5.45 31.11 -38.86
C TYR C 282 5.38 30.78 -40.35
N ASP C 283 6.47 30.19 -40.86
CA ASP C 283 6.58 29.80 -42.29
C ASP C 283 7.44 28.56 -42.43
N ILE C 284 6.82 27.40 -42.50
CA ILE C 284 7.43 26.10 -42.86
C ILE C 284 8.37 26.22 -44.06
N TYR C 285 7.93 26.85 -45.14
CA TYR C 285 8.68 26.84 -46.43
C TYR C 285 9.91 27.75 -46.28
N ASN C 286 9.80 28.83 -45.51
CA ASN C 286 10.97 29.70 -45.17
C ASN C 286 11.95 28.95 -44.26
N ALA C 287 11.40 28.29 -43.23
CA ALA C 287 12.20 27.56 -42.22
C ALA C 287 12.99 26.47 -42.93
N CYS C 288 12.39 25.77 -43.89
CA CYS C 288 13.11 24.73 -44.64
C CYS C 288 14.21 25.34 -45.54
N GLU C 289 13.86 26.36 -46.32
CA GLU C 289 14.65 26.85 -47.46
C GLU C 289 15.75 27.77 -46.98
N LYS C 290 15.43 28.69 -46.07
CA LYS C 290 16.37 29.73 -45.60
C LYS C 290 17.02 29.31 -44.28
N ILE C 291 16.25 28.81 -43.31
CA ILE C 291 16.81 28.60 -41.93
C ILE C 291 17.53 27.24 -41.86
N TRP C 292 16.89 26.13 -42.24
CA TRP C 292 17.54 24.81 -42.26
C TRP C 292 18.50 24.74 -43.46
N GLY C 293 18.08 25.31 -44.59
CA GLY C 293 18.64 25.06 -45.93
C GLY C 293 19.83 25.96 -46.24
N GLU C 294 19.99 27.05 -45.47
CA GLU C 294 21.09 28.00 -45.58
C GLU C 294 21.69 28.32 -44.20
N ASP C 295 20.97 28.98 -43.29
CA ASP C 295 21.64 29.66 -42.13
C ASP C 295 22.21 28.61 -41.19
N LEU C 296 21.53 27.47 -41.04
CA LEU C 296 21.91 26.38 -40.09
C LEU C 296 22.26 25.13 -40.89
N ARG C 297 22.30 25.19 -42.21
CA ARG C 297 22.70 24.07 -43.09
C ARG C 297 23.97 23.44 -42.55
N HIS C 298 24.93 24.25 -42.05
CA HIS C 298 26.26 23.77 -41.57
C HIS C 298 26.14 22.89 -40.31
N LEU C 299 25.11 23.10 -39.48
CA LEU C 299 24.88 22.31 -38.24
C LEU C 299 24.14 20.99 -38.56
N ILE C 300 23.58 20.87 -39.77
CA ILE C 300 22.74 19.73 -40.21
C ILE C 300 23.59 18.73 -40.98
N VAL C 301 24.39 19.18 -41.96
CA VAL C 301 25.14 18.29 -42.90
C VAL C 301 26.30 17.63 -42.15
N SER C 302 26.65 18.12 -40.95
CA SER C 302 27.75 17.57 -40.10
C SER C 302 27.22 16.39 -39.27
N ARG C 303 25.89 16.30 -39.08
CA ARG C 303 25.30 15.40 -38.08
C ARG C 303 25.37 13.92 -38.54
N SER C 304 25.52 13.01 -37.58
CA SER C 304 25.72 11.55 -37.82
C SER C 304 24.44 10.91 -38.44
N THR C 305 24.63 9.80 -39.12
CA THR C 305 23.64 8.99 -39.85
C THR C 305 22.63 8.42 -38.81
N GLN C 306 23.05 8.31 -37.54
CA GLN C 306 22.21 7.74 -36.45
C GLN C 306 21.60 8.89 -35.64
N ALA C 307 21.67 10.13 -36.13
CA ALA C 307 21.18 11.32 -35.42
C ALA C 307 20.81 12.42 -36.40
N PRO C 308 19.90 12.14 -37.37
CA PRO C 308 19.53 13.15 -38.34
C PRO C 308 18.68 14.26 -37.68
N LEU C 309 18.56 15.40 -38.35
CA LEU C 309 17.43 16.33 -38.11
C LEU C 309 16.21 15.80 -38.86
N ILE C 310 15.09 15.74 -38.16
CA ILE C 310 13.77 15.32 -38.72
C ILE C 310 12.89 16.59 -38.76
N ILE C 311 12.76 17.18 -39.95
CA ILE C 311 11.95 18.40 -40.12
C ILE C 311 10.49 17.99 -40.03
N ARG C 312 9.77 18.55 -39.06
CA ARG C 312 8.30 18.32 -38.84
C ARG C 312 7.46 19.49 -39.33
N PRO C 313 6.78 19.43 -40.49
CA PRO C 313 5.70 20.35 -40.80
C PRO C 313 4.51 20.00 -39.89
N ASP C 314 3.59 20.96 -39.61
CA ASP C 314 2.47 20.67 -38.68
C ASP C 314 1.17 21.39 -39.02
N SER C 315 0.99 21.79 -40.26
CA SER C 315 -0.19 22.58 -40.72
C SER C 315 -0.19 22.59 -42.25
N GLY C 316 -1.35 22.77 -42.82
CA GLY C 316 -1.51 22.85 -44.28
C GLY C 316 -1.98 21.54 -44.81
N ASN C 317 -2.42 21.57 -46.05
CA ASN C 317 -2.65 20.31 -46.81
C ASN C 317 -1.48 19.36 -46.58
N PRO C 318 -1.73 18.20 -45.92
CA PRO C 318 -0.66 17.26 -45.59
C PRO C 318 0.12 16.83 -46.84
N LEU C 319 -0.57 16.53 -47.94
CA LEU C 319 0.11 15.98 -49.13
C LEU C 319 0.90 17.13 -49.73
N ASP C 320 0.24 18.27 -49.99
CA ASP C 320 0.90 19.39 -50.70
C ASP C 320 2.13 19.82 -49.89
N THR C 321 2.05 19.81 -48.56
CA THR C 321 3.10 20.37 -47.68
C THR C 321 4.31 19.44 -47.73
N VAL C 322 4.09 18.13 -47.59
CA VAL C 322 5.18 17.10 -47.64
C VAL C 322 5.94 17.25 -48.97
N LEU C 323 5.21 17.41 -50.09
CA LEU C 323 5.76 17.47 -51.48
C LEU C 323 6.59 18.75 -51.69
N LYS C 324 6.14 19.90 -51.18
CA LYS C 324 6.88 21.18 -51.27
C LYS C 324 8.04 21.16 -50.26
N VAL C 325 7.85 20.61 -49.05
CA VAL C 325 8.97 20.51 -48.07
C VAL C 325 10.12 19.71 -48.72
N LEU C 326 9.83 18.57 -49.33
CA LEU C 326 10.85 17.73 -50.02
C LEU C 326 11.47 18.45 -51.22
N GLU C 327 10.66 19.10 -52.06
CA GLU C 327 11.19 19.85 -53.23
C GLU C 327 12.15 20.93 -52.72
N ILE C 328 11.80 21.63 -51.63
CA ILE C 328 12.67 22.69 -51.06
C ILE C 328 13.95 22.00 -50.62
N LEU C 329 13.82 20.91 -49.87
CA LEU C 329 14.99 20.29 -49.20
C LEU C 329 15.88 19.61 -50.27
N GLY C 330 15.28 19.10 -51.33
CA GLY C 330 15.97 18.46 -52.47
C GLY C 330 16.85 19.43 -53.19
N LYS C 331 16.52 20.73 -53.11
CA LYS C 331 17.26 21.79 -53.85
C LYS C 331 18.34 22.44 -52.99
N LYS C 332 18.36 22.20 -51.69
CA LYS C 332 19.33 22.79 -50.71
C LYS C 332 20.25 21.72 -50.11
N PHE C 333 19.99 20.46 -50.41
CA PHE C 333 20.77 19.33 -49.85
C PHE C 333 21.05 18.38 -50.99
N PRO C 334 22.12 17.57 -50.86
CA PRO C 334 22.46 16.61 -51.91
C PRO C 334 21.47 15.44 -51.87
N VAL C 335 20.71 15.33 -52.95
CA VAL C 335 19.74 14.22 -53.11
C VAL C 335 20.41 13.12 -53.92
N THR C 336 20.28 11.87 -53.48
CA THR C 336 20.76 10.67 -54.20
C THR C 336 19.57 10.10 -54.94
N GLU C 337 19.79 9.42 -56.07
CA GLU C 337 18.88 8.44 -56.68
C GLU C 337 19.31 7.07 -56.17
N ASN C 338 18.39 6.33 -55.52
CA ASN C 338 18.57 4.94 -55.02
C ASN C 338 18.30 3.95 -56.16
N SER C 339 18.36 2.65 -55.86
CA SER C 339 18.50 1.63 -56.94
C SER C 339 17.19 1.57 -57.73
N LYS C 340 16.10 2.09 -57.16
CA LYS C 340 14.75 2.00 -57.77
C LYS C 340 14.45 3.20 -58.68
N GLY C 341 15.33 4.23 -58.71
CA GLY C 341 15.13 5.45 -59.51
C GLY C 341 14.50 6.55 -58.66
N TYR C 342 14.37 6.31 -57.35
CA TYR C 342 13.71 7.24 -56.40
C TYR C 342 14.77 8.07 -55.66
N LYS C 343 14.36 9.28 -55.30
CA LYS C 343 15.23 10.30 -54.70
C LYS C 343 15.25 10.11 -53.20
N LEU C 344 16.38 10.42 -52.61
CA LEU C 344 16.68 10.19 -51.18
C LEU C 344 17.48 11.40 -50.67
N LEU C 345 17.01 11.99 -49.57
CA LEU C 345 17.79 13.00 -48.82
C LEU C 345 19.07 12.32 -48.33
N PRO C 346 20.10 13.10 -47.96
CA PRO C 346 21.23 12.55 -47.24
C PRO C 346 20.70 12.01 -45.91
N PRO C 347 21.37 11.01 -45.32
CA PRO C 347 20.89 10.34 -44.10
C PRO C 347 20.87 11.21 -42.83
N TYR C 348 21.39 12.42 -42.87
CA TYR C 348 21.33 13.36 -41.72
C TYR C 348 19.98 14.16 -41.72
N LEU C 349 19.18 14.04 -42.80
CA LEU C 349 17.96 14.84 -43.06
C LEU C 349 16.75 13.95 -43.35
N ARG C 350 15.76 13.95 -42.46
CA ARG C 350 14.42 13.35 -42.74
C ARG C 350 13.27 14.37 -42.54
N VAL C 351 12.05 13.97 -42.89
CA VAL C 351 10.74 14.62 -42.69
C VAL C 351 9.81 13.65 -41.93
N ILE C 352 9.00 14.20 -41.05
CA ILE C 352 7.88 13.54 -40.38
C ILE C 352 6.67 14.47 -40.56
N GLN C 353 5.62 13.99 -41.24
CA GLN C 353 4.28 14.62 -41.30
C GLN C 353 3.46 14.12 -40.11
N GLY C 354 3.25 14.97 -39.11
CA GLY C 354 2.68 14.55 -37.82
C GLY C 354 1.35 15.20 -37.51
N ASP C 355 0.67 15.75 -38.53
CA ASP C 355 -0.59 16.52 -38.42
C ASP C 355 -1.57 16.06 -39.50
N GLY C 356 -2.84 15.79 -39.15
CA GLY C 356 -3.86 15.33 -40.11
C GLY C 356 -3.60 13.91 -40.67
N VAL C 357 -2.82 13.09 -39.98
CA VAL C 357 -2.52 11.71 -40.49
C VAL C 357 -3.51 10.68 -39.98
N ASP C 358 -4.24 10.10 -40.89
CA ASP C 358 -5.01 8.84 -40.65
C ASP C 358 -4.64 7.88 -41.79
N ILE C 359 -5.15 6.66 -41.78
CA ILE C 359 -4.85 5.60 -42.79
C ILE C 359 -5.09 6.14 -44.18
N ASN C 360 -6.10 7.01 -44.39
CA ASN C 360 -6.49 7.61 -45.69
C ASN C 360 -5.42 8.60 -46.14
N THR C 361 -4.99 9.51 -45.28
CA THR C 361 -4.05 10.60 -45.68
C THR C 361 -2.63 9.98 -45.72
N LEU C 362 -2.28 9.07 -44.83
CA LEU C 362 -1.00 8.33 -44.91
C LEU C 362 -0.91 7.72 -46.31
N GLN C 363 -2.01 7.24 -46.84
CA GLN C 363 -2.02 6.59 -48.18
C GLN C 363 -1.96 7.65 -49.29
N GLU C 364 -2.65 8.75 -49.16
CA GLU C 364 -2.62 9.85 -50.17
C GLU C 364 -1.17 10.33 -50.32
N ILE C 365 -0.44 10.39 -49.19
CA ILE C 365 0.90 11.02 -49.14
C ILE C 365 1.90 10.07 -49.82
N VAL C 366 1.97 8.81 -49.38
CA VAL C 366 3.00 7.87 -49.93
C VAL C 366 2.79 7.75 -51.43
N GLU C 367 1.55 7.69 -51.89
CA GLU C 367 1.21 7.53 -53.32
C GLU C 367 1.59 8.82 -54.06
N GLY C 368 1.32 9.97 -53.45
CA GLY C 368 1.72 11.28 -53.99
C GLY C 368 3.25 11.42 -54.06
N MET C 369 3.94 11.08 -52.96
CA MET C 369 5.41 11.03 -52.88
C MET C 369 5.96 10.10 -53.98
N LYS C 370 5.39 8.91 -54.17
CA LYS C 370 5.87 7.95 -55.19
C LYS C 370 5.67 8.54 -56.60
N GLN C 371 4.55 9.21 -56.87
CA GLN C 371 4.33 9.84 -58.19
C GLN C 371 5.34 10.98 -58.41
N LYS C 372 5.89 11.59 -57.35
CA LYS C 372 6.91 12.66 -57.48
C LYS C 372 8.33 12.07 -57.34
N MET C 373 8.46 10.75 -57.39
CA MET C 373 9.72 9.97 -57.46
C MET C 373 10.49 10.18 -56.15
N TRP C 374 9.78 10.32 -55.03
CA TRP C 374 10.43 10.46 -53.70
C TRP C 374 10.39 9.13 -52.98
N SER C 375 11.54 8.62 -52.54
CA SER C 375 11.54 7.37 -51.77
C SER C 375 10.75 7.61 -50.49
N ILE C 376 10.02 6.59 -50.06
CA ILE C 376 9.20 6.61 -48.82
C ILE C 376 10.14 6.55 -47.61
N GLU C 377 11.43 6.23 -47.79
CA GLU C 377 12.39 6.23 -46.66
C GLU C 377 12.71 7.68 -46.24
N ASN C 378 12.31 8.67 -47.06
CA ASN C 378 12.41 10.11 -46.72
C ASN C 378 11.42 10.44 -45.58
N ILE C 379 10.26 9.77 -45.50
CA ILE C 379 9.09 10.27 -44.73
C ILE C 379 8.83 9.36 -43.53
N ALA C 380 8.55 9.94 -42.35
CA ALA C 380 7.90 9.24 -41.24
C ALA C 380 6.51 9.84 -41.03
N PHE C 381 5.70 9.19 -40.23
CA PHE C 381 4.37 9.72 -39.84
C PHE C 381 4.25 9.71 -38.33
N GLY C 382 3.69 10.81 -37.81
CA GLY C 382 3.07 10.91 -36.49
C GLY C 382 1.56 10.98 -36.63
N SER C 383 0.82 10.18 -35.85
CA SER C 383 -0.66 10.20 -35.86
C SER C 383 -1.13 10.21 -34.42
N GLY C 384 -2.09 11.09 -34.12
CA GLY C 384 -2.65 11.29 -32.76
C GLY C 384 -4.08 10.75 -32.74
N GLY C 385 -5.05 11.55 -33.18
CA GLY C 385 -6.46 11.14 -33.24
C GLY C 385 -6.73 10.05 -34.26
N GLY C 386 -6.17 10.17 -35.46
CA GLY C 386 -6.14 9.11 -36.50
C GLY C 386 -5.80 7.76 -35.89
N LEU C 387 -4.79 7.70 -35.04
CA LEU C 387 -4.14 6.43 -34.57
C LEU C 387 -4.95 5.90 -33.38
N LEU C 388 -5.37 6.76 -32.44
CA LEU C 388 -5.86 6.33 -31.11
C LEU C 388 -7.34 6.69 -30.89
N GLN C 389 -7.88 7.79 -31.46
CA GLN C 389 -9.25 8.31 -31.14
C GLN C 389 -10.25 8.16 -32.29
N LYS C 390 -9.93 8.41 -33.57
CA LYS C 390 -10.97 8.48 -34.62
C LYS C 390 -11.42 7.06 -35.02
N LEU C 391 -11.73 6.23 -34.03
CA LEU C 391 -12.12 4.80 -34.15
C LEU C 391 -13.42 4.52 -33.35
N THR C 392 -14.24 3.65 -33.92
CA THR C 392 -15.54 3.20 -33.39
C THR C 392 -15.61 1.66 -33.34
N ARG C 393 -16.46 1.15 -32.46
CA ARG C 393 -16.92 -0.24 -32.39
C ARG C 393 -17.58 -0.61 -33.72
N ASP C 394 -18.12 0.36 -34.45
CA ASP C 394 -18.74 0.20 -35.78
C ASP C 394 -17.69 -0.13 -36.85
N LEU C 395 -16.51 0.53 -36.77
CA LEU C 395 -15.49 0.41 -37.84
C LEU C 395 -15.24 -1.07 -38.14
N LEU C 396 -15.13 -1.93 -37.13
CA LEU C 396 -14.93 -3.39 -37.40
C LEU C 396 -16.19 -4.21 -37.00
N ASN C 397 -17.32 -3.55 -36.84
CA ASN C 397 -18.55 -4.15 -36.30
C ASN C 397 -18.20 -5.17 -35.22
N CYS C 398 -17.48 -4.73 -34.16
CA CYS C 398 -17.25 -5.59 -32.96
C CYS C 398 -18.60 -5.73 -32.22
N SER C 399 -18.96 -6.98 -31.89
CA SER C 399 -20.32 -7.41 -31.56
C SER C 399 -20.30 -8.72 -30.74
N PHE C 400 -21.06 -8.67 -29.62
CA PHE C 400 -21.16 -9.77 -28.65
C PHE C 400 -22.64 -10.19 -28.60
N LYS C 401 -22.93 -11.45 -28.92
CA LYS C 401 -24.31 -11.96 -29.09
C LYS C 401 -24.33 -13.37 -28.49
N CYS C 402 -25.48 -13.71 -27.94
CA CYS C 402 -25.86 -15.07 -27.54
C CYS C 402 -26.10 -15.89 -28.82
N SER C 403 -25.51 -17.10 -28.85
CA SER C 403 -25.63 -18.11 -29.94
C SER C 403 -26.25 -19.41 -29.42
N TYR C 404 -26.23 -19.62 -28.10
CA TYR C 404 -26.59 -20.94 -27.51
C TYR C 404 -27.05 -20.71 -26.08
N VAL C 405 -28.18 -21.34 -25.74
CA VAL C 405 -28.62 -21.47 -24.33
C VAL C 405 -29.06 -22.92 -24.14
N VAL C 406 -28.93 -23.37 -22.90
CA VAL C 406 -29.58 -24.59 -22.38
C VAL C 406 -30.75 -24.12 -21.50
N THR C 407 -31.99 -24.49 -21.86
CA THR C 407 -33.25 -24.20 -21.13
C THR C 407 -33.92 -25.54 -20.84
N ASN C 408 -34.12 -25.90 -19.58
CA ASN C 408 -34.76 -27.20 -19.18
C ASN C 408 -33.97 -28.42 -19.65
N GLY C 409 -32.63 -28.33 -19.70
CA GLY C 409 -31.77 -29.44 -20.13
C GLY C 409 -31.54 -29.49 -21.64
N LEU C 410 -32.36 -28.84 -22.46
CA LEU C 410 -32.30 -28.87 -23.94
C LEU C 410 -31.47 -27.68 -24.42
N GLY C 411 -30.31 -27.94 -25.04
CA GLY C 411 -29.59 -26.91 -25.80
C GLY C 411 -30.48 -26.38 -26.90
N ILE C 412 -30.49 -25.06 -27.11
CA ILE C 412 -31.16 -24.44 -28.29
C ILE C 412 -30.23 -23.41 -28.89
N ASN C 413 -30.20 -23.41 -30.21
CA ASN C 413 -29.36 -22.52 -31.04
C ASN C 413 -30.14 -21.23 -31.25
N VAL C 414 -29.55 -20.13 -30.83
CA VAL C 414 -30.18 -18.80 -30.74
C VAL C 414 -29.40 -17.84 -31.60
N PHE C 415 -30.09 -16.82 -32.07
CA PHE C 415 -29.53 -15.83 -33.02
C PHE C 415 -30.56 -14.71 -33.23
N LYS C 416 -30.05 -13.55 -33.66
CA LYS C 416 -30.88 -12.44 -34.22
C LYS C 416 -30.75 -12.49 -35.75
N ASP C 417 -31.74 -11.95 -36.45
CA ASP C 417 -31.79 -11.95 -37.94
C ASP C 417 -32.73 -10.84 -38.38
N PRO C 418 -32.34 -9.55 -38.14
CA PRO C 418 -33.22 -8.42 -38.33
C PRO C 418 -33.72 -8.39 -39.77
N VAL C 419 -35.00 -8.15 -39.96
CA VAL C 419 -35.66 -8.24 -41.29
C VAL C 419 -34.98 -7.26 -42.26
N ALA C 420 -34.67 -6.05 -41.82
CA ALA C 420 -34.23 -4.97 -42.73
C ALA C 420 -32.71 -4.92 -42.85
N ASP C 421 -32.01 -5.87 -42.21
CA ASP C 421 -30.53 -5.81 -42.04
C ASP C 421 -29.91 -7.21 -41.92
N PRO C 422 -29.81 -7.97 -43.04
CA PRO C 422 -29.12 -9.27 -43.01
C PRO C 422 -27.66 -9.22 -42.50
N ASN C 423 -26.99 -8.05 -42.59
CA ASN C 423 -25.62 -7.83 -42.08
C ASN C 423 -25.54 -8.00 -40.57
N LYS C 424 -26.66 -7.84 -39.85
CA LYS C 424 -26.68 -7.95 -38.36
C LYS C 424 -27.13 -9.38 -37.96
N ARG C 425 -27.48 -10.25 -38.91
CA ARG C 425 -27.70 -11.68 -38.59
C ARG C 425 -26.61 -12.18 -37.64
N SER C 426 -26.93 -12.86 -36.57
CA SER C 426 -25.91 -13.47 -35.69
C SER C 426 -25.79 -15.00 -35.95
N LYS C 427 -24.71 -15.60 -35.46
CA LYS C 427 -24.34 -17.02 -35.65
C LYS C 427 -25.15 -17.89 -34.68
N LYS C 428 -25.40 -19.16 -35.04
CA LYS C 428 -26.23 -20.09 -34.26
C LYS C 428 -25.33 -21.01 -33.47
N GLY C 429 -25.63 -21.20 -32.20
CA GLY C 429 -25.28 -22.40 -31.42
C GLY C 429 -23.83 -22.37 -31.03
N ARG C 430 -23.27 -23.52 -30.68
CA ARG C 430 -21.93 -23.62 -30.10
C ARG C 430 -20.91 -23.48 -31.23
N LEU C 431 -19.95 -22.57 -31.01
CA LEU C 431 -18.99 -22.13 -32.03
C LEU C 431 -17.60 -22.71 -31.76
N SER C 432 -16.86 -22.97 -32.84
CA SER C 432 -15.41 -23.24 -32.85
C SER C 432 -14.80 -22.53 -34.08
N LEU C 433 -13.51 -22.21 -34.00
CA LEU C 433 -12.69 -21.62 -35.08
C LEU C 433 -11.67 -22.64 -35.60
N HIS C 434 -11.56 -22.77 -36.91
CA HIS C 434 -10.77 -23.86 -37.49
C HIS C 434 -9.94 -23.30 -38.64
N ARG C 435 -8.81 -23.97 -38.88
CA ARG C 435 -8.08 -23.96 -40.16
C ARG C 435 -8.82 -24.83 -41.14
N THR C 436 -9.05 -24.29 -42.32
CA THR C 436 -9.62 -24.99 -43.49
C THR C 436 -8.49 -25.69 -44.21
N PRO C 437 -8.77 -26.63 -45.11
CA PRO C 437 -7.70 -27.38 -45.76
C PRO C 437 -6.75 -26.53 -46.63
N ALA C 438 -7.21 -25.43 -47.24
CA ALA C 438 -6.33 -24.41 -47.87
C ALA C 438 -5.80 -23.42 -46.83
N GLY C 439 -5.95 -23.68 -45.52
CA GLY C 439 -5.25 -22.95 -44.44
C GLY C 439 -5.82 -21.57 -44.17
N ASN C 440 -7.08 -21.37 -44.51
CA ASN C 440 -7.89 -20.17 -44.17
C ASN C 440 -8.70 -20.49 -42.91
N PHE C 441 -9.60 -19.60 -42.54
CA PHE C 441 -10.38 -19.70 -41.28
C PHE C 441 -11.83 -19.93 -41.61
N VAL C 442 -12.49 -20.64 -40.70
CA VAL C 442 -13.94 -20.93 -40.74
C VAL C 442 -14.29 -21.05 -39.28
N THR C 443 -15.41 -20.38 -38.97
CA THR C 443 -16.15 -20.51 -37.71
C THR C 443 -17.24 -21.51 -37.97
N LEU C 444 -17.20 -22.65 -37.26
CA LEU C 444 -18.22 -23.71 -37.41
C LEU C 444 -19.31 -23.41 -36.38
N GLU C 445 -20.57 -23.63 -36.75
CA GLU C 445 -21.73 -23.28 -35.91
C GLU C 445 -22.40 -24.58 -35.41
N GLU C 446 -23.50 -24.45 -34.62
CA GLU C 446 -24.43 -25.56 -34.32
C GLU C 446 -23.63 -26.75 -33.73
N GLY C 447 -22.50 -26.46 -33.06
CA GLY C 447 -21.64 -27.43 -32.37
C GLY C 447 -20.97 -28.42 -33.34
N LYS C 448 -21.11 -28.24 -34.65
CA LYS C 448 -20.48 -29.06 -35.72
C LYS C 448 -18.92 -29.09 -35.60
N GLY C 449 -18.26 -28.35 -34.68
CA GLY C 449 -16.82 -28.55 -34.38
C GLY C 449 -16.52 -29.98 -33.86
N ASP C 450 -17.52 -30.64 -33.27
CA ASP C 450 -17.41 -31.93 -32.56
C ASP C 450 -17.53 -33.09 -33.55
N LEU C 451 -17.95 -32.82 -34.78
CA LEU C 451 -17.75 -33.79 -35.88
C LEU C 451 -16.24 -34.07 -36.06
N GLU C 452 -15.37 -33.05 -35.95
CA GLU C 452 -13.88 -33.20 -35.96
C GLU C 452 -13.39 -33.38 -37.39
N GLU C 453 -14.08 -32.80 -38.39
CA GLU C 453 -13.79 -32.91 -39.84
C GLU C 453 -12.80 -31.81 -40.20
N TYR C 454 -12.63 -30.85 -39.29
CA TYR C 454 -11.50 -29.90 -39.33
C TYR C 454 -10.43 -30.31 -38.32
N GLY C 455 -9.26 -29.69 -38.45
CA GLY C 455 -8.21 -29.69 -37.42
C GLY C 455 -8.75 -29.12 -36.13
N GLN C 456 -7.83 -28.83 -35.21
CA GLN C 456 -8.17 -28.50 -33.82
C GLN C 456 -8.71 -27.06 -33.74
N ASP C 457 -9.64 -26.89 -32.83
CA ASP C 457 -10.26 -25.60 -32.46
C ASP C 457 -9.11 -24.69 -32.04
N LEU C 458 -8.98 -23.56 -32.74
CA LEU C 458 -7.94 -22.54 -32.40
C LEU C 458 -8.37 -21.67 -31.20
N LEU C 459 -9.61 -21.73 -30.66
CA LEU C 459 -9.88 -21.01 -29.39
C LEU C 459 -9.30 -21.83 -28.26
N HIS C 460 -8.69 -21.19 -27.27
CA HIS C 460 -8.15 -21.82 -26.04
C HIS C 460 -8.85 -21.19 -24.83
N THR C 461 -8.94 -21.92 -23.73
CA THR C 461 -9.43 -21.38 -22.45
C THR C 461 -8.42 -20.36 -22.00
N VAL C 462 -8.83 -19.09 -21.86
CA VAL C 462 -7.95 -18.01 -21.38
C VAL C 462 -8.35 -17.67 -19.95
N PHE C 463 -9.62 -17.94 -19.59
CA PHE C 463 -10.22 -17.60 -18.29
C PHE C 463 -11.24 -18.67 -17.91
N LYS C 464 -11.11 -19.15 -16.68
CA LYS C 464 -12.10 -20.07 -16.08
C LYS C 464 -12.13 -19.85 -14.57
N ASN C 465 -13.33 -19.63 -14.04
CA ASN C 465 -13.68 -19.68 -12.59
C ASN C 465 -12.76 -18.74 -11.80
N GLY C 466 -12.54 -17.53 -12.34
CA GLY C 466 -11.78 -16.43 -11.73
C GLY C 466 -10.30 -16.47 -12.03
N LYS C 467 -9.86 -17.33 -12.92
CA LYS C 467 -8.39 -17.53 -13.09
C LYS C 467 -8.07 -17.27 -14.54
N VAL C 468 -6.98 -16.57 -14.79
CA VAL C 468 -6.33 -16.48 -16.14
C VAL C 468 -5.54 -17.79 -16.32
N THR C 469 -5.85 -18.55 -17.36
CA THR C 469 -5.41 -19.94 -17.53
C THR C 469 -4.38 -20.06 -18.64
N LYS C 470 -4.40 -19.16 -19.61
CA LYS C 470 -3.36 -19.09 -20.67
C LYS C 470 -3.15 -17.60 -20.95
N SER C 471 -1.89 -17.15 -20.90
CA SER C 471 -1.44 -15.76 -21.17
C SER C 471 -0.27 -15.70 -22.18
N TYR C 472 -0.14 -14.55 -22.79
CA TYR C 472 0.70 -14.29 -23.98
C TYR C 472 1.67 -13.18 -23.61
N SER C 473 2.95 -13.36 -23.91
CA SER C 473 3.95 -12.27 -23.81
C SER C 473 3.64 -11.27 -24.92
N PHE C 474 4.07 -10.03 -24.74
CA PHE C 474 3.88 -9.02 -25.80
C PHE C 474 4.73 -9.44 -27.00
N ASP C 475 5.81 -10.19 -26.77
CA ASP C 475 6.67 -10.70 -27.87
C ASP C 475 5.87 -11.70 -28.71
N GLU C 476 5.13 -12.64 -28.07
CA GLU C 476 4.29 -13.63 -28.76
C GLU C 476 3.30 -12.87 -29.64
N ILE C 477 2.66 -11.87 -29.05
CA ILE C 477 1.62 -11.07 -29.76
C ILE C 477 2.24 -10.36 -30.98
N ARG C 478 3.44 -9.84 -30.83
CA ARG C 478 4.17 -9.13 -31.91
C ARG C 478 4.41 -10.13 -33.05
N LYS C 479 4.92 -11.31 -32.69
CA LYS C 479 5.22 -12.40 -33.64
C LYS C 479 3.94 -12.71 -34.37
N ASN C 480 2.84 -12.89 -33.64
CA ASN C 480 1.58 -13.37 -34.23
C ASN C 480 1.08 -12.32 -35.23
N ALA C 481 1.37 -11.03 -34.96
CA ALA C 481 0.75 -9.90 -35.68
C ALA C 481 1.47 -9.54 -36.99
N GLN C 482 2.72 -10.00 -37.16
CA GLN C 482 3.58 -9.55 -38.28
C GLN C 482 2.86 -9.54 -39.63
N LEU C 483 3.30 -8.75 -40.59
CA LEU C 483 2.85 -8.79 -42.00
C LEU C 483 3.62 -9.92 -42.71
N ASN C 484 2.91 -10.60 -43.64
CA ASN C 484 3.37 -11.70 -44.53
C ASN C 484 4.77 -11.36 -45.08
N ILE C 485 4.97 -10.24 -45.79
CA ILE C 485 6.33 -9.71 -46.10
C ILE C 485 6.94 -9.11 -44.81
N PHE D 10 -0.49 5.68 -9.99
CA PHE D 10 -0.37 6.73 -11.05
C PHE D 10 0.83 7.66 -10.84
N ASN D 11 1.55 7.93 -11.96
CA ASN D 11 2.83 8.67 -11.92
C ASN D 11 2.81 9.78 -12.96
N ILE D 12 2.62 11.01 -12.52
CA ILE D 12 2.58 12.20 -13.41
C ILE D 12 3.90 12.36 -14.20
N LEU D 13 5.02 11.81 -13.72
CA LEU D 13 6.31 11.87 -14.41
C LEU D 13 6.23 10.99 -15.68
N LEU D 14 5.27 10.06 -15.73
CA LEU D 14 5.06 9.08 -16.83
C LEU D 14 3.82 9.41 -17.64
N ALA D 15 3.17 10.55 -17.35
CA ALA D 15 1.81 10.88 -17.83
C ALA D 15 1.87 12.08 -18.76
N THR D 16 2.92 12.22 -19.54
CA THR D 16 3.11 13.29 -20.56
C THR D 16 3.64 12.66 -21.86
N ASP D 17 3.59 13.43 -22.95
CA ASP D 17 4.23 13.05 -24.23
C ASP D 17 5.76 12.93 -23.99
N SER D 18 6.33 11.82 -24.43
CA SER D 18 7.79 11.53 -24.39
C SER D 18 8.61 12.82 -24.60
N TYR D 19 8.42 13.51 -25.72
CA TYR D 19 9.30 14.62 -26.13
C TYR D 19 9.28 15.77 -25.13
N LYS D 20 8.26 15.87 -24.30
CA LYS D 20 8.13 16.98 -23.33
C LYS D 20 9.15 16.71 -22.21
N VAL D 21 9.53 15.46 -22.06
CA VAL D 21 10.61 15.06 -21.11
C VAL D 21 11.87 15.85 -21.46
N THR D 22 12.08 16.17 -22.75
CA THR D 22 13.33 16.81 -23.29
C THR D 22 13.22 18.34 -23.37
N HIS D 23 12.04 18.92 -23.12
CA HIS D 23 11.69 20.34 -23.42
C HIS D 23 12.39 21.32 -22.48
N TYR D 24 12.69 20.90 -21.25
CA TYR D 24 13.39 21.75 -20.26
C TYR D 24 14.81 22.09 -20.78
N LYS D 25 15.29 21.44 -21.84
CA LYS D 25 16.60 21.79 -22.47
C LYS D 25 16.39 22.58 -23.76
N GLN D 26 15.18 23.09 -24.03
CA GLN D 26 14.85 23.70 -25.36
C GLN D 26 14.42 25.18 -25.23
N TYR D 27 13.95 25.59 -24.06
CA TYR D 27 13.43 26.97 -23.79
C TYR D 27 14.64 27.91 -23.74
N PRO D 28 14.52 29.19 -24.10
CA PRO D 28 15.61 30.12 -23.95
C PRO D 28 16.16 30.01 -22.54
N PRO D 29 17.48 30.09 -22.33
CA PRO D 29 18.04 30.17 -20.98
C PRO D 29 17.55 31.43 -20.23
N ASN D 30 17.35 31.30 -18.92
CA ASN D 30 16.86 32.37 -18.00
C ASN D 30 15.41 32.70 -18.29
N THR D 31 14.63 31.67 -18.52
CA THR D 31 13.16 31.70 -18.63
C THR D 31 12.63 31.30 -17.25
N SER D 32 11.96 32.24 -16.54
CA SER D 32 11.47 32.14 -15.14
C SER D 32 9.97 31.75 -15.09
N LYS D 33 9.28 31.89 -16.23
CA LYS D 33 7.83 31.74 -16.36
C LYS D 33 7.45 31.33 -17.78
N VAL D 34 6.69 30.25 -17.86
CA VAL D 34 5.94 29.79 -19.05
C VAL D 34 4.47 29.91 -18.65
N TYR D 35 3.72 30.56 -19.53
CA TYR D 35 2.29 30.83 -19.35
C TYR D 35 1.59 30.37 -20.62
N SER D 36 0.64 29.48 -20.41
CA SER D 36 -0.06 28.72 -21.49
C SER D 36 -1.57 28.73 -21.24
N TYR D 37 -2.34 28.71 -22.32
CA TYR D 37 -3.82 28.78 -22.24
C TYR D 37 -4.46 27.63 -23.00
N PHE D 38 -5.72 27.31 -22.76
CA PHE D 38 -6.49 26.32 -23.53
C PHE D 38 -7.65 27.03 -24.22
N GLU D 39 -7.81 26.85 -25.54
CA GLU D 39 -9.07 27.32 -26.20
C GLU D 39 -9.68 26.24 -27.11
N CYS D 40 -10.94 26.44 -27.46
CA CYS D 40 -11.66 25.76 -28.55
C CYS D 40 -11.59 26.68 -29.77
N ARG D 41 -10.59 26.57 -30.62
CA ARG D 41 -10.25 27.59 -31.67
C ARG D 41 -11.38 27.72 -32.71
N GLU D 42 -11.51 28.91 -33.32
CA GLU D 42 -12.28 29.30 -34.55
C GLU D 42 -13.76 29.47 -34.21
N TYR D 55 -21.40 24.03 -33.97
CA TYR D 55 -20.66 23.92 -32.68
C TYR D 55 -20.07 25.29 -32.26
N GLU D 56 -20.84 26.34 -32.46
CA GLU D 56 -20.52 27.76 -32.13
C GLU D 56 -20.16 27.92 -30.66
N GLU D 57 -20.73 27.11 -29.77
CA GLU D 57 -20.46 27.28 -28.32
C GLU D 57 -20.29 25.95 -27.63
N THR D 58 -19.46 25.97 -26.60
CA THR D 58 -18.89 24.75 -26.02
C THR D 58 -19.09 24.85 -24.51
N VAL D 59 -19.58 23.78 -23.92
CA VAL D 59 -19.71 23.60 -22.46
C VAL D 59 -18.33 23.28 -21.95
N PHE D 60 -17.85 24.09 -21.04
CA PHE D 60 -16.60 23.83 -20.32
C PHE D 60 -16.93 22.87 -19.18
N TYR D 61 -16.43 21.64 -19.24
CA TYR D 61 -16.67 20.65 -18.18
C TYR D 61 -15.57 19.63 -18.20
N GLY D 62 -15.11 19.16 -17.04
CA GLY D 62 -14.19 17.99 -17.00
C GLY D 62 -12.84 18.34 -16.38
N LEU D 63 -12.46 19.63 -16.31
CA LEU D 63 -11.09 19.98 -15.83
C LEU D 63 -10.94 19.52 -14.38
N GLN D 64 -12.03 19.63 -13.61
CA GLN D 64 -12.02 19.49 -12.12
C GLN D 64 -11.67 18.04 -11.78
N TYR D 65 -12.24 17.11 -12.52
CA TYR D 65 -11.89 15.65 -12.49
C TYR D 65 -10.35 15.51 -12.51
N ILE D 66 -9.75 16.05 -13.56
CA ILE D 66 -8.29 15.93 -13.84
C ILE D 66 -7.53 16.61 -12.69
N LEU D 67 -7.97 17.79 -12.26
CA LEU D 67 -7.27 18.53 -11.17
C LEU D 67 -7.20 17.63 -9.91
N ASN D 68 -8.30 16.92 -9.61
CA ASN D 68 -8.43 16.17 -8.33
C ASN D 68 -7.75 14.82 -8.44
N LYS D 69 -8.07 14.08 -9.49
CA LYS D 69 -7.63 12.67 -9.68
C LYS D 69 -6.13 12.60 -9.94
N TYR D 70 -5.55 13.63 -10.56
CA TYR D 70 -4.20 13.61 -11.18
C TYR D 70 -3.25 14.70 -10.68
N LEU D 71 -3.67 15.95 -10.48
CA LEU D 71 -2.70 17.12 -10.35
C LEU D 71 -2.51 17.54 -8.89
N LYS D 72 -3.47 17.37 -8.00
CA LYS D 72 -3.43 17.97 -6.65
C LYS D 72 -2.65 17.09 -5.67
N GLY D 73 -2.17 17.70 -4.59
CA GLY D 73 -1.50 17.02 -3.46
C GLY D 73 -0.08 16.66 -3.82
N LYS D 74 0.49 15.72 -3.05
CA LYS D 74 1.85 15.14 -3.29
C LYS D 74 1.78 14.24 -4.52
N VAL D 75 2.24 14.73 -5.66
CA VAL D 75 2.19 13.98 -6.96
C VAL D 75 3.57 13.39 -7.26
N VAL D 76 4.63 13.85 -6.57
CA VAL D 76 6.02 13.38 -6.83
C VAL D 76 6.50 12.66 -5.56
N THR D 77 7.19 11.53 -5.73
CA THR D 77 7.87 10.80 -4.64
C THR D 77 9.23 10.34 -5.13
N LYS D 78 10.12 10.01 -4.19
CA LYS D 78 11.49 9.49 -4.44
C LYS D 78 11.40 8.35 -5.45
N GLU D 79 10.44 7.45 -5.24
CA GLU D 79 10.24 6.22 -6.04
C GLU D 79 9.70 6.62 -7.40
N LYS D 80 8.85 7.63 -7.50
CA LYS D 80 8.24 8.04 -8.79
C LYS D 80 9.27 8.74 -9.66
N ILE D 81 10.22 9.45 -9.04
CA ILE D 81 11.39 10.04 -9.78
C ILE D 81 12.26 8.90 -10.34
N GLN D 82 12.60 7.92 -9.50
CA GLN D 82 13.50 6.79 -9.87
C GLN D 82 12.83 5.91 -10.95
N GLU D 83 11.52 5.65 -10.86
CA GLU D 83 10.75 4.83 -11.85
C GLU D 83 10.82 5.53 -13.22
N ALA D 84 10.53 6.83 -13.26
CA ALA D 84 10.56 7.63 -14.50
C ALA D 84 11.98 7.62 -15.08
N LYS D 85 12.99 7.85 -14.23
CA LYS D 85 14.43 7.88 -14.61
C LYS D 85 14.76 6.61 -15.38
N ASP D 86 14.27 5.47 -14.87
CA ASP D 86 14.59 4.10 -15.32
C ASP D 86 13.89 3.87 -16.65
N VAL D 87 12.64 4.30 -16.75
CA VAL D 87 11.84 4.07 -17.99
C VAL D 87 12.42 4.94 -19.09
N TYR D 88 12.64 6.22 -18.82
CA TYR D 88 13.11 7.22 -19.83
C TYR D 88 14.51 6.81 -20.30
N LYS D 89 15.33 6.30 -19.39
CA LYS D 89 16.68 5.76 -19.72
C LYS D 89 16.51 4.70 -20.82
N GLU D 90 15.54 3.80 -20.70
CA GLU D 90 15.29 2.72 -21.68
C GLU D 90 14.50 3.25 -22.89
N HIS D 91 13.61 4.22 -22.68
CA HIS D 91 12.63 4.70 -23.70
C HIS D 91 13.38 5.53 -24.76
N PHE D 92 14.30 6.38 -24.31
CA PHE D 92 15.13 7.29 -25.15
C PHE D 92 16.48 6.61 -25.53
N GLN D 93 16.85 5.55 -24.79
CA GLN D 93 18.14 4.86 -24.89
C GLN D 93 19.21 5.93 -24.63
N ASP D 94 18.94 6.81 -23.66
CA ASP D 94 19.72 8.03 -23.35
C ASP D 94 19.20 8.59 -22.02
N ASP D 95 20.05 9.36 -21.35
CA ASP D 95 19.76 9.96 -20.03
C ASP D 95 19.38 11.42 -20.20
N VAL D 96 18.11 11.71 -20.50
CA VAL D 96 17.62 13.07 -20.91
C VAL D 96 16.61 13.57 -19.88
N PHE D 97 16.07 12.67 -19.07
CA PHE D 97 15.15 12.99 -17.94
C PHE D 97 15.68 14.11 -17.01
N ASN D 98 14.80 15.05 -16.61
CA ASN D 98 15.13 16.16 -15.68
C ASN D 98 14.89 15.73 -14.22
N GLU D 99 15.77 14.91 -13.66
CA GLU D 99 15.72 14.40 -12.26
C GLU D 99 15.80 15.59 -11.29
N LYS D 100 16.69 16.55 -11.53
CA LYS D 100 16.99 17.67 -10.59
C LYS D 100 15.77 18.59 -10.46
N GLY D 101 15.12 18.91 -11.58
CA GLY D 101 13.86 19.70 -11.63
C GLY D 101 12.73 19.07 -10.86
N TRP D 102 12.54 17.75 -10.97
CA TRP D 102 11.48 17.00 -10.23
C TRP D 102 11.92 16.81 -8.75
N ASN D 103 13.22 16.66 -8.47
CA ASN D 103 13.71 16.54 -7.08
C ASN D 103 13.44 17.86 -6.33
N TYR D 104 13.65 19.02 -6.98
CA TYR D 104 13.31 20.37 -6.45
C TYR D 104 11.84 20.44 -5.99
N ILE D 105 10.88 20.01 -6.84
CA ILE D 105 9.43 20.01 -6.46
C ILE D 105 9.24 19.14 -5.21
N LEU D 106 9.86 17.97 -5.16
CA LEU D 106 9.77 17.04 -4.00
C LEU D 106 10.32 17.72 -2.72
N GLU D 107 11.45 18.39 -2.81
CA GLU D 107 12.20 18.84 -1.61
C GLU D 107 11.74 20.22 -1.16
N LYS D 108 11.35 21.07 -2.10
CA LYS D 108 10.81 22.42 -1.80
C LYS D 108 9.36 22.25 -1.33
N TYR D 109 8.51 21.55 -2.07
CA TYR D 109 7.03 21.64 -1.96
C TYR D 109 6.38 20.30 -1.58
N ASP D 110 7.13 19.34 -1.01
CA ASP D 110 6.58 18.02 -0.60
C ASP D 110 5.80 17.40 -1.78
N GLY D 111 6.30 17.56 -3.01
CA GLY D 111 5.75 16.98 -4.26
C GLY D 111 4.53 17.72 -4.82
N HIS D 112 4.14 18.87 -4.26
CA HIS D 112 2.94 19.65 -4.69
C HIS D 112 3.36 20.50 -5.87
N LEU D 113 2.62 20.44 -6.99
CA LEU D 113 3.02 21.17 -8.21
C LEU D 113 2.90 22.67 -7.94
N PRO D 114 3.98 23.49 -8.13
CA PRO D 114 3.87 24.95 -8.09
C PRO D 114 3.33 25.50 -9.42
N ILE D 115 2.04 25.30 -9.58
CA ILE D 115 1.25 25.58 -10.80
C ILE D 115 0.08 26.46 -10.35
N GLU D 116 -0.30 27.42 -11.20
CA GLU D 116 -1.56 28.16 -11.05
C GLU D 116 -2.36 27.92 -12.29
N ILE D 117 -3.53 27.30 -12.13
CA ILE D 117 -4.54 27.16 -13.21
C ILE D 117 -5.73 28.03 -12.83
N LYS D 118 -6.12 28.93 -13.75
CA LYS D 118 -7.35 29.75 -13.72
C LYS D 118 -8.25 29.19 -14.79
N ALA D 119 -9.56 29.20 -14.57
CA ALA D 119 -10.52 28.55 -15.49
C ALA D 119 -11.83 29.36 -15.44
N VAL D 120 -12.54 29.39 -16.56
CA VAL D 120 -13.99 29.70 -16.64
C VAL D 120 -14.76 28.71 -15.76
N PRO D 121 -15.86 29.11 -15.08
CA PRO D 121 -16.66 28.18 -14.29
C PRO D 121 -17.23 26.99 -15.08
N GLU D 122 -17.24 25.82 -14.46
CA GLU D 122 -17.65 24.59 -15.18
C GLU D 122 -19.16 24.70 -15.45
N GLY D 123 -19.58 24.23 -16.64
CA GLY D 123 -20.92 24.43 -17.20
C GLY D 123 -21.03 25.65 -18.08
N PHE D 124 -20.10 26.60 -17.96
CA PHE D 124 -20.14 27.87 -18.73
C PHE D 124 -20.18 27.56 -20.22
N VAL D 125 -21.08 28.23 -20.94
CA VAL D 125 -21.29 28.04 -22.39
C VAL D 125 -20.64 29.21 -23.11
N ILE D 126 -19.41 29.03 -23.60
CA ILE D 126 -18.56 30.13 -24.13
C ILE D 126 -18.43 29.95 -25.64
N PRO D 127 -18.69 30.97 -26.47
CA PRO D 127 -18.39 30.85 -27.88
C PRO D 127 -16.92 30.48 -28.15
N ARG D 128 -16.72 29.80 -29.28
CA ARG D 128 -15.39 29.38 -29.82
C ARG D 128 -14.42 30.56 -29.79
N GLY D 129 -13.15 30.21 -29.58
CA GLY D 129 -12.02 31.11 -29.74
C GLY D 129 -11.84 31.95 -28.52
N ASN D 130 -12.22 31.44 -27.35
CA ASN D 130 -12.10 32.16 -26.07
C ASN D 130 -11.25 31.32 -25.14
N VAL D 131 -10.48 31.99 -24.29
CA VAL D 131 -9.64 31.30 -23.27
C VAL D 131 -10.57 30.67 -22.27
N LEU D 132 -10.41 29.38 -22.02
CA LEU D 132 -11.23 28.61 -21.05
C LEU D 132 -10.42 28.33 -19.77
N PHE D 133 -9.11 28.15 -19.91
CA PHE D 133 -8.18 28.03 -18.75
C PHE D 133 -6.79 28.49 -19.17
N THR D 134 -6.04 28.90 -18.14
CA THR D 134 -4.64 29.34 -18.21
C THR D 134 -3.84 28.54 -17.19
N VAL D 135 -2.61 28.25 -17.55
CA VAL D 135 -1.64 27.44 -16.77
C VAL D 135 -0.35 28.24 -16.70
N GLU D 136 0.25 28.35 -15.52
CA GLU D 136 1.50 29.13 -15.31
C GLU D 136 2.28 28.52 -14.13
N ASN D 137 3.61 28.60 -14.17
CA ASN D 137 4.41 28.15 -13.01
C ASN D 137 4.47 29.31 -12.01
N THR D 138 4.49 28.96 -10.72
CA THR D 138 4.52 29.90 -9.59
C THR D 138 5.91 29.92 -8.93
N ASP D 139 6.86 29.17 -9.49
CA ASP D 139 8.28 29.15 -9.06
C ASP D 139 9.15 29.22 -10.32
N PRO D 140 10.08 30.19 -10.44
CA PRO D 140 10.94 30.31 -11.64
C PRO D 140 11.70 29.03 -12.02
N GLU D 141 12.07 28.20 -11.03
CA GLU D 141 12.77 26.91 -11.26
C GLU D 141 11.85 25.95 -12.04
N CYS D 142 10.52 26.09 -11.94
CA CYS D 142 9.53 25.17 -12.58
C CYS D 142 8.96 25.77 -13.88
N TYR D 143 9.74 26.58 -14.59
CA TYR D 143 9.42 27.09 -15.95
C TYR D 143 8.95 25.97 -16.87
N TRP D 144 9.56 24.79 -16.72
CA TRP D 144 9.39 23.61 -17.61
C TRP D 144 8.11 22.87 -17.29
N LEU D 145 7.50 23.11 -16.13
CA LEU D 145 6.40 22.27 -15.58
C LEU D 145 5.07 22.63 -16.25
N THR D 146 4.93 23.86 -16.74
CA THR D 146 3.65 24.38 -17.28
C THR D 146 3.24 23.48 -18.42
N ASN D 147 4.17 23.22 -19.34
CA ASN D 147 3.83 22.53 -20.58
C ASN D 147 4.05 21.02 -20.41
N TRP D 148 4.68 20.57 -19.32
CA TRP D 148 4.73 19.15 -18.91
C TRP D 148 3.30 18.61 -18.82
N ILE D 149 2.38 19.42 -18.34
CA ILE D 149 0.98 19.01 -17.99
C ILE D 149 0.03 19.49 -19.08
N GLU D 150 0.53 19.95 -20.25
CA GLU D 150 -0.36 20.13 -21.42
C GLU D 150 -1.10 18.80 -21.69
N THR D 151 -0.35 17.70 -21.88
CA THR D 151 -0.95 16.46 -22.45
C THR D 151 -2.17 16.08 -21.61
N ILE D 152 -1.98 16.04 -20.29
CA ILE D 152 -2.97 15.56 -19.28
C ILE D 152 -4.17 16.50 -19.28
N LEU D 153 -3.89 17.80 -19.25
CA LEU D 153 -4.93 18.86 -19.21
C LEU D 153 -5.70 18.88 -20.52
N VAL D 154 -5.08 18.51 -21.64
CA VAL D 154 -5.72 18.67 -22.96
C VAL D 154 -6.72 17.52 -23.19
N GLN D 155 -6.63 16.42 -22.44
CA GLN D 155 -7.68 15.32 -22.43
C GLN D 155 -9.04 15.91 -21.98
N SER D 156 -9.08 17.18 -21.57
CA SER D 156 -10.35 17.84 -21.21
C SER D 156 -11.12 18.05 -22.49
N TRP D 157 -10.45 18.05 -23.64
CA TRP D 157 -11.19 18.15 -24.92
C TRP D 157 -12.41 17.23 -24.87
N TYR D 158 -12.27 16.05 -24.25
CA TYR D 158 -13.21 14.93 -24.41
C TYR D 158 -14.49 15.24 -23.64
N PRO D 159 -14.42 15.40 -22.29
CA PRO D 159 -15.61 15.80 -21.52
C PRO D 159 -16.24 17.06 -22.13
N ILE D 160 -15.42 18.01 -22.58
CA ILE D 160 -15.94 19.30 -23.16
C ILE D 160 -16.73 18.90 -24.41
N THR D 161 -16.14 18.08 -25.28
CA THR D 161 -16.78 17.86 -26.59
C THR D 161 -18.04 16.99 -26.42
N VAL D 162 -18.07 16.04 -25.46
CA VAL D 162 -19.26 15.17 -25.18
C VAL D 162 -20.39 16.07 -24.67
N ALA D 163 -20.05 16.91 -23.69
CA ALA D 163 -20.97 17.89 -23.03
C ALA D 163 -21.53 18.80 -24.09
N THR D 164 -20.71 19.28 -25.01
CA THR D 164 -21.15 20.23 -26.08
C THR D 164 -22.07 19.48 -27.08
N ASN D 165 -21.68 18.30 -27.51
CA ASN D 165 -22.41 17.61 -28.58
C ASN D 165 -23.73 17.14 -27.98
N SER D 166 -23.75 16.66 -26.72
CA SER D 166 -24.98 16.30 -25.98
C SER D 166 -25.94 17.51 -25.91
N ARG D 167 -25.40 18.69 -25.55
CA ARG D 167 -26.18 19.94 -25.43
C ARG D 167 -26.74 20.35 -26.79
N GLU D 168 -25.92 20.32 -27.82
CA GLU D 168 -26.40 20.70 -29.17
C GLU D 168 -27.56 19.77 -29.51
N GLN D 169 -27.57 18.54 -29.07
CA GLN D 169 -28.65 17.59 -29.43
C GLN D 169 -29.92 17.90 -28.62
N LYS D 170 -29.76 18.28 -27.35
CA LYS D 170 -30.83 18.86 -26.51
C LYS D 170 -31.50 20.07 -27.20
N LYS D 171 -30.71 20.87 -27.94
CA LYS D 171 -31.22 22.06 -28.64
C LYS D 171 -32.17 21.60 -29.74
N ILE D 172 -31.76 20.59 -30.51
CA ILE D 172 -32.58 20.06 -31.65
C ILE D 172 -33.89 19.45 -31.07
N LEU D 173 -33.78 18.71 -29.97
CA LEU D 173 -34.91 17.99 -29.31
C LEU D 173 -35.89 19.03 -28.78
N ALA D 174 -35.35 20.01 -28.02
CA ALA D 174 -36.08 21.21 -27.54
C ALA D 174 -36.79 21.89 -28.73
N LYS D 175 -36.09 22.19 -29.83
CA LYS D 175 -36.72 22.91 -30.97
C LYS D 175 -37.97 22.14 -31.47
N TYR D 176 -37.85 20.83 -31.79
CA TYR D 176 -38.90 19.99 -32.43
C TYR D 176 -40.03 19.58 -31.44
N LEU D 177 -39.72 19.36 -30.16
CA LEU D 177 -40.71 19.05 -29.09
C LEU D 177 -41.61 20.27 -28.87
N LEU D 178 -40.98 21.44 -28.68
CA LEU D 178 -41.68 22.74 -28.52
CA LEU D 178 -41.67 22.76 -28.53
C LEU D 178 -42.56 23.00 -29.74
N GLU D 179 -42.03 22.70 -30.92
CA GLU D 179 -42.81 22.96 -32.16
C GLU D 179 -43.99 21.97 -32.27
N THR D 180 -43.86 20.71 -31.86
CA THR D 180 -44.86 19.66 -32.18
C THR D 180 -45.69 19.24 -30.95
N SER D 181 -45.27 19.56 -29.70
CA SER D 181 -46.00 19.24 -28.44
C SER D 181 -46.56 20.52 -27.78
N GLY D 182 -45.77 21.59 -27.75
CA GLY D 182 -46.05 22.84 -27.02
C GLY D 182 -45.38 22.83 -25.66
N ASN D 183 -44.42 21.91 -25.40
CA ASN D 183 -43.74 21.82 -24.09
C ASN D 183 -42.41 21.11 -24.24
N LEU D 184 -41.65 21.11 -23.17
CA LEU D 184 -40.32 20.50 -23.01
C LEU D 184 -40.40 19.40 -21.96
N ASP D 185 -41.61 18.91 -21.70
CA ASP D 185 -41.86 17.81 -20.74
C ASP D 185 -41.11 16.53 -21.17
N GLY D 186 -40.28 16.00 -20.27
CA GLY D 186 -39.54 14.77 -20.53
C GLY D 186 -38.27 14.96 -21.37
N LEU D 187 -37.88 16.21 -21.72
CA LEU D 187 -36.65 16.48 -22.54
C LEU D 187 -35.41 15.84 -21.89
N GLU D 188 -35.27 15.83 -20.55
CA GLU D 188 -34.04 15.37 -19.86
C GLU D 188 -33.86 13.86 -19.95
N TYR D 189 -34.88 13.11 -20.40
CA TYR D 189 -34.87 11.63 -20.57
C TYR D 189 -35.05 11.27 -22.05
N LYS D 190 -34.91 12.24 -22.96
CA LYS D 190 -35.15 11.98 -24.40
C LYS D 190 -33.87 11.53 -25.13
N LEU D 191 -32.68 11.74 -24.57
CA LEU D 191 -31.40 11.24 -25.18
C LEU D 191 -30.77 10.31 -24.13
N HIS D 192 -30.96 9.00 -24.29
CA HIS D 192 -30.37 8.02 -23.37
C HIS D 192 -28.95 7.66 -23.86
N ASP D 193 -28.03 7.61 -22.92
CA ASP D 193 -26.60 7.24 -23.14
C ASP D 193 -26.49 5.72 -23.15
N PHE D 194 -26.10 5.13 -24.31
CA PHE D 194 -25.99 3.64 -24.56
C PHE D 194 -24.51 3.22 -24.76
N GLY D 195 -23.61 4.17 -24.59
CA GLY D 195 -22.27 4.13 -25.19
C GLY D 195 -21.26 3.40 -24.36
N TYR D 196 -21.63 2.82 -23.24
CA TYR D 196 -20.69 2.09 -22.34
C TYR D 196 -19.90 0.97 -23.07
N ARG D 197 -20.49 0.07 -23.90
CA ARG D 197 -19.71 -1.00 -24.59
C ARG D 197 -18.89 -0.40 -25.75
N GLY D 198 -19.28 0.78 -26.24
CA GLY D 198 -18.76 1.36 -27.50
C GLY D 198 -17.61 2.32 -27.29
N VAL D 199 -17.18 2.53 -26.04
CA VAL D 199 -16.07 3.46 -25.70
C VAL D 199 -14.78 2.69 -25.44
N SER D 200 -13.67 3.40 -25.40
CA SER D 200 -12.30 2.81 -25.40
C SER D 200 -11.89 2.29 -24.01
N SER D 201 -12.60 2.58 -22.95
CA SER D 201 -12.22 2.10 -21.61
C SER D 201 -13.25 2.54 -20.54
N GLN D 202 -13.08 1.99 -19.35
CA GLN D 202 -13.93 2.22 -18.16
C GLN D 202 -13.81 3.70 -17.80
N GLU D 203 -12.57 4.18 -17.71
CA GLU D 203 -12.24 5.57 -17.33
C GLU D 203 -12.95 6.47 -18.33
N THR D 204 -12.87 6.20 -19.65
CA THR D 204 -13.58 7.02 -20.68
C THR D 204 -15.10 6.93 -20.45
N ALA D 205 -15.68 5.76 -20.20
CA ALA D 205 -17.15 5.63 -19.96
C ALA D 205 -17.60 6.63 -18.89
N GLY D 206 -16.97 6.61 -17.71
CA GLY D 206 -17.32 7.46 -16.55
C GLY D 206 -17.39 8.93 -16.95
N ILE D 207 -16.28 9.43 -17.51
CA ILE D 207 -16.07 10.86 -17.95
C ILE D 207 -17.13 11.25 -19.01
N GLY D 208 -17.30 10.41 -20.03
CA GLY D 208 -18.19 10.68 -21.18
C GLY D 208 -19.62 10.68 -20.71
N ALA D 209 -19.99 9.72 -19.86
CA ALA D 209 -21.35 9.57 -19.30
C ALA D 209 -21.61 10.74 -18.35
N SER D 210 -20.66 11.13 -17.55
CA SER D 210 -20.76 12.34 -16.68
C SER D 210 -20.94 13.59 -17.56
N ALA D 211 -20.26 13.68 -18.72
CA ALA D 211 -20.36 14.86 -19.63
C ALA D 211 -21.79 15.01 -20.20
N HIS D 212 -22.38 13.89 -20.58
CA HIS D 212 -23.77 13.79 -21.12
C HIS D 212 -24.80 14.19 -20.04
N LEU D 213 -24.56 13.84 -18.78
CA LEU D 213 -25.51 14.07 -17.64
C LEU D 213 -25.48 15.54 -17.24
N VAL D 214 -24.55 16.29 -17.81
CA VAL D 214 -24.58 17.76 -17.68
C VAL D 214 -25.87 18.21 -18.34
N ASN D 215 -26.34 17.54 -19.37
CA ASN D 215 -27.50 18.01 -20.21
C ASN D 215 -28.72 17.10 -20.05
N PHE D 216 -28.56 15.81 -19.76
CA PHE D 216 -29.72 14.89 -19.67
C PHE D 216 -29.60 14.03 -18.41
N LYS D 217 -30.60 13.19 -18.13
CA LYS D 217 -30.72 12.47 -16.83
C LYS D 217 -30.82 10.98 -17.06
N GLY D 218 -30.84 10.56 -18.35
CA GLY D 218 -31.07 9.18 -18.82
C GLY D 218 -29.81 8.49 -19.28
N THR D 219 -29.30 7.52 -18.50
CA THR D 219 -28.02 6.82 -18.80
C THR D 219 -28.12 5.31 -18.51
N ASP D 220 -27.47 4.50 -19.35
CA ASP D 220 -27.09 3.09 -19.05
C ASP D 220 -25.62 3.01 -18.63
N THR D 221 -24.89 4.12 -18.67
CA THR D 221 -23.43 4.12 -18.43
C THR D 221 -23.21 4.38 -16.94
N VAL D 222 -23.34 3.35 -16.14
CA VAL D 222 -23.30 3.35 -14.65
C VAL D 222 -22.07 4.08 -14.12
N ALA D 223 -20.88 3.83 -14.69
CA ALA D 223 -19.57 4.42 -14.29
C ALA D 223 -19.67 5.95 -14.16
N GLY D 224 -20.58 6.62 -14.86
CA GLY D 224 -20.78 8.08 -14.81
C GLY D 224 -21.20 8.52 -13.41
N LEU D 225 -21.98 7.69 -12.75
CA LEU D 225 -22.62 8.06 -11.45
C LEU D 225 -21.52 8.21 -10.39
N ALA D 226 -20.66 7.21 -10.16
CA ALA D 226 -19.59 7.26 -9.12
C ALA D 226 -18.64 8.46 -9.39
N LEU D 227 -18.46 8.85 -10.66
CA LEU D 227 -17.52 9.94 -11.00
C LEU D 227 -18.09 11.27 -10.51
N ILE D 228 -19.38 11.50 -10.84
CA ILE D 228 -20.14 12.73 -10.47
C ILE D 228 -20.13 12.87 -8.94
N LYS D 229 -20.54 11.83 -8.22
CA LYS D 229 -20.58 11.82 -6.74
C LYS D 229 -19.24 12.19 -6.12
N LYS D 230 -18.13 11.63 -6.63
CA LYS D 230 -16.76 11.77 -6.01
C LYS D 230 -16.11 13.12 -6.38
N TYR D 231 -16.39 13.65 -7.58
CA TYR D 231 -15.61 14.75 -8.19
C TYR D 231 -16.44 16.04 -8.28
N TYR D 232 -17.76 15.99 -8.23
CA TYR D 232 -18.64 17.14 -8.53
C TYR D 232 -19.72 17.23 -7.44
N GLY D 233 -20.48 16.15 -7.21
CA GLY D 233 -21.53 16.08 -6.19
C GLY D 233 -22.87 16.49 -6.76
N THR D 234 -23.96 15.84 -6.33
CA THR D 234 -25.36 16.28 -6.63
C THR D 234 -26.18 16.27 -5.34
N LYS D 235 -27.22 17.11 -5.25
CA LYS D 235 -28.15 17.19 -4.08
C LYS D 235 -28.99 15.92 -4.09
N ASP D 236 -29.47 15.51 -5.28
CA ASP D 236 -30.17 14.20 -5.53
C ASP D 236 -29.20 13.04 -5.31
N PRO D 237 -29.72 11.86 -4.90
CA PRO D 237 -28.91 10.65 -4.72
C PRO D 237 -28.06 10.19 -5.92
N VAL D 238 -28.61 10.28 -7.13
CA VAL D 238 -27.85 9.97 -8.37
C VAL D 238 -28.23 11.00 -9.43
N PRO D 239 -27.27 11.37 -10.30
CA PRO D 239 -27.53 12.27 -11.41
C PRO D 239 -28.23 11.67 -12.63
N GLY D 240 -28.42 10.36 -12.64
CA GLY D 240 -28.93 9.71 -13.83
C GLY D 240 -29.67 8.44 -13.50
N TYR D 241 -30.64 8.16 -14.34
CA TYR D 241 -31.70 7.18 -14.06
C TYR D 241 -31.87 6.31 -15.32
N SER D 242 -32.25 5.05 -15.15
CA SER D 242 -32.63 4.19 -16.29
C SER D 242 -33.96 3.50 -15.99
N VAL D 243 -34.44 2.74 -16.96
CA VAL D 243 -35.62 1.84 -16.86
C VAL D 243 -35.17 0.44 -17.25
N PRO D 244 -35.90 -0.58 -16.79
CA PRO D 244 -35.74 -1.95 -17.28
C PRO D 244 -35.98 -2.04 -18.79
N ALA D 245 -35.11 -2.78 -19.46
CA ALA D 245 -35.13 -2.97 -20.93
C ALA D 245 -34.62 -4.38 -21.31
N ALA D 246 -35.08 -4.89 -22.46
CA ALA D 246 -34.63 -6.10 -23.15
C ALA D 246 -33.43 -5.78 -24.07
N GLU D 247 -32.54 -6.77 -24.21
CA GLU D 247 -31.44 -6.83 -25.21
C GLU D 247 -31.74 -8.06 -26.04
N HIS D 248 -31.04 -8.24 -27.16
CA HIS D 248 -31.28 -9.39 -28.07
C HIS D 248 -31.14 -10.74 -27.36
N SER D 249 -30.20 -10.87 -26.42
CA SER D 249 -30.00 -12.14 -25.64
C SER D 249 -31.27 -12.60 -24.92
N THR D 250 -32.08 -11.69 -24.36
CA THR D 250 -33.21 -12.01 -23.42
C THR D 250 -34.53 -12.19 -24.21
N ILE D 251 -34.62 -11.70 -25.45
CA ILE D 251 -35.66 -12.09 -26.45
C ILE D 251 -35.24 -13.47 -27.09
N THR D 252 -34.07 -13.57 -27.70
CA THR D 252 -33.76 -14.65 -28.67
C THR D 252 -33.53 -15.96 -27.94
N ALA D 253 -33.20 -15.91 -26.65
CA ALA D 253 -33.00 -17.10 -25.76
C ALA D 253 -34.29 -17.97 -25.65
N TRP D 254 -35.47 -17.38 -25.87
CA TRP D 254 -36.79 -18.06 -25.84
C TRP D 254 -36.97 -18.94 -27.07
N GLY D 255 -36.24 -18.68 -28.14
CA GLY D 255 -36.29 -19.53 -29.35
C GLY D 255 -36.96 -18.75 -30.45
N LYS D 256 -36.45 -18.84 -31.67
CA LYS D 256 -36.91 -18.08 -32.86
C LYS D 256 -38.44 -17.95 -32.92
N ASP D 257 -39.23 -18.95 -32.44
CA ASP D 257 -40.71 -19.06 -32.64
C ASP D 257 -41.47 -18.72 -31.35
N HIS D 258 -40.80 -18.16 -30.33
CA HIS D 258 -41.37 -17.76 -29.02
C HIS D 258 -41.09 -16.26 -28.72
N GLU D 259 -40.94 -15.42 -29.74
CA GLU D 259 -40.67 -13.96 -29.56
C GLU D 259 -41.81 -13.41 -28.69
N LYS D 260 -43.04 -13.80 -29.02
CA LYS D 260 -44.31 -13.38 -28.33
C LYS D 260 -44.21 -13.70 -26.84
N ASP D 261 -43.67 -14.87 -26.51
CA ASP D 261 -43.58 -15.35 -25.10
C ASP D 261 -42.54 -14.51 -24.37
N ALA D 262 -41.41 -14.21 -25.02
CA ALA D 262 -40.34 -13.35 -24.46
C ALA D 262 -40.94 -12.00 -24.12
N PHE D 263 -41.47 -11.28 -25.11
CA PHE D 263 -42.22 -9.98 -24.95
C PHE D 263 -43.18 -10.09 -23.75
N GLU D 264 -44.02 -11.12 -23.75
CA GLU D 264 -45.14 -11.19 -22.81
C GLU D 264 -44.56 -11.38 -21.41
N HIS D 265 -43.55 -12.24 -21.27
CA HIS D 265 -42.90 -12.51 -19.98
C HIS D 265 -42.28 -11.21 -19.47
N ILE D 266 -41.74 -10.43 -20.39
CA ILE D 266 -40.85 -9.29 -20.02
C ILE D 266 -41.73 -8.10 -19.63
N VAL D 267 -42.75 -7.77 -20.40
CA VAL D 267 -43.67 -6.64 -20.07
C VAL D 267 -44.45 -6.96 -18.78
N THR D 268 -44.72 -8.23 -18.48
CA THR D 268 -45.44 -8.68 -17.27
C THR D 268 -44.51 -8.69 -16.04
N GLN D 269 -43.24 -9.01 -16.24
CA GLN D 269 -42.22 -8.90 -15.17
C GLN D 269 -42.10 -7.43 -14.77
N PHE D 270 -42.19 -6.54 -15.74
CA PHE D 270 -42.02 -5.08 -15.56
C PHE D 270 -43.32 -4.40 -15.93
N SER D 271 -44.35 -4.69 -15.15
CA SER D 271 -45.75 -4.29 -15.44
C SER D 271 -45.96 -2.84 -14.99
N SER D 272 -45.22 -2.42 -13.94
CA SER D 272 -45.48 -1.24 -13.07
C SER D 272 -44.42 -0.16 -13.30
N VAL D 273 -43.49 -0.41 -14.21
CA VAL D 273 -42.43 0.59 -14.54
C VAL D 273 -42.37 0.67 -16.05
N PRO D 274 -41.82 1.77 -16.60
CA PRO D 274 -41.52 1.83 -18.04
C PRO D 274 -40.59 0.68 -18.47
N VAL D 275 -40.74 0.17 -19.68
CA VAL D 275 -39.91 -1.00 -20.09
C VAL D 275 -39.66 -0.86 -21.57
N SER D 276 -38.36 -0.75 -21.92
CA SER D 276 -37.87 -0.85 -23.32
C SER D 276 -37.79 -2.35 -23.74
N VAL D 277 -38.27 -2.65 -24.91
CA VAL D 277 -38.28 -4.03 -25.50
C VAL D 277 -37.84 -3.94 -26.96
N VAL D 278 -36.60 -4.31 -27.22
CA VAL D 278 -36.07 -4.48 -28.59
C VAL D 278 -36.97 -5.52 -29.33
N SER D 279 -37.42 -5.14 -30.53
CA SER D 279 -38.51 -5.83 -31.27
C SER D 279 -38.11 -6.21 -32.68
N ASP D 280 -36.81 -6.16 -32.98
CA ASP D 280 -36.29 -6.27 -34.36
C ASP D 280 -35.55 -7.58 -34.48
N SER D 281 -35.57 -8.43 -33.45
CA SER D 281 -34.89 -9.74 -33.41
C SER D 281 -35.12 -10.50 -34.71
N TYR D 282 -36.35 -10.53 -35.26
CA TYR D 282 -36.64 -11.33 -36.48
C TYR D 282 -37.32 -10.45 -37.53
N ASP D 283 -38.38 -9.73 -37.11
CA ASP D 283 -39.09 -8.76 -37.95
C ASP D 283 -39.74 -7.70 -37.08
N ILE D 284 -39.12 -6.54 -36.97
CA ILE D 284 -39.70 -5.33 -36.32
C ILE D 284 -41.17 -5.08 -36.73
N TYR D 285 -41.47 -5.13 -38.02
CA TYR D 285 -42.75 -4.66 -38.58
C TYR D 285 -43.83 -5.67 -38.19
N ASN D 286 -43.47 -6.95 -38.12
CA ASN D 286 -44.37 -8.06 -37.66
C ASN D 286 -44.58 -7.91 -36.15
N ALA D 287 -43.48 -7.69 -35.41
CA ALA D 287 -43.52 -7.58 -33.93
C ALA D 287 -44.42 -6.40 -33.55
N CYS D 288 -44.36 -5.30 -34.28
CA CYS D 288 -45.22 -4.12 -33.99
C CYS D 288 -46.67 -4.43 -34.36
N GLU D 289 -46.92 -4.96 -35.56
CA GLU D 289 -48.28 -5.07 -36.15
C GLU D 289 -49.00 -6.30 -35.59
N LYS D 290 -48.34 -7.46 -35.54
CA LYS D 290 -48.98 -8.73 -35.10
C LYS D 290 -48.77 -8.99 -33.62
N ILE D 291 -47.57 -8.82 -33.10
CA ILE D 291 -47.26 -9.26 -31.70
C ILE D 291 -47.63 -8.16 -30.68
N TRP D 292 -47.19 -6.91 -30.85
CA TRP D 292 -47.60 -5.80 -29.94
C TRP D 292 -49.04 -5.42 -30.23
N GLY D 293 -49.36 -5.38 -31.54
CA GLY D 293 -50.54 -4.71 -32.12
C GLY D 293 -51.76 -5.58 -32.08
N GLU D 294 -51.59 -6.90 -31.96
CA GLU D 294 -52.70 -7.88 -31.92
C GLU D 294 -52.52 -8.82 -30.71
N ASP D 295 -51.46 -9.63 -30.63
CA ASP D 295 -51.46 -10.80 -29.70
C ASP D 295 -51.39 -10.31 -28.26
N LEU D 296 -50.62 -9.26 -27.99
CA LEU D 296 -50.30 -8.81 -26.60
C LEU D 296 -50.89 -7.41 -26.39
N ARG D 297 -51.61 -6.90 -27.38
CA ARG D 297 -52.32 -5.60 -27.36
C ARG D 297 -53.00 -5.41 -25.99
N HIS D 298 -53.59 -6.49 -25.44
CA HIS D 298 -54.43 -6.49 -24.23
C HIS D 298 -53.61 -6.16 -22.98
N LEU D 299 -52.32 -6.49 -22.94
CA LEU D 299 -51.42 -6.20 -21.77
C LEU D 299 -50.73 -4.84 -21.94
N ILE D 300 -50.87 -4.18 -23.10
CA ILE D 300 -50.22 -2.88 -23.42
C ILE D 300 -51.15 -1.74 -23.12
N VAL D 301 -52.40 -1.82 -23.62
CA VAL D 301 -53.47 -0.81 -23.36
C VAL D 301 -53.88 -0.81 -21.87
N SER D 302 -53.51 -1.83 -21.12
CA SER D 302 -53.75 -2.01 -19.66
C SER D 302 -52.73 -1.20 -18.84
N ARG D 303 -51.59 -0.81 -19.40
CA ARG D 303 -50.43 -0.32 -18.62
C ARG D 303 -50.68 1.13 -18.16
N SER D 304 -50.16 1.48 -16.96
CA SER D 304 -50.20 2.86 -16.40
C SER D 304 -49.45 3.86 -17.29
N THR D 305 -49.85 5.13 -17.23
CA THR D 305 -49.27 6.25 -18.00
C THR D 305 -47.83 6.52 -17.52
N GLN D 306 -47.47 6.06 -16.33
CA GLN D 306 -46.16 6.20 -15.68
C GLN D 306 -45.30 4.97 -15.95
N ALA D 307 -45.77 4.03 -16.77
CA ALA D 307 -45.05 2.78 -17.06
C ALA D 307 -45.40 2.30 -18.47
N PRO D 308 -45.11 3.09 -19.50
CA PRO D 308 -45.43 2.69 -20.86
C PRO D 308 -44.53 1.56 -21.33
N LEU D 309 -44.96 0.85 -22.36
CA LEU D 309 -44.07 0.00 -23.18
C LEU D 309 -43.42 0.93 -24.18
N ILE D 310 -42.10 0.76 -24.28
CA ILE D 310 -41.21 1.49 -25.21
C ILE D 310 -40.73 0.44 -26.23
N ILE D 311 -41.35 0.46 -27.38
CA ILE D 311 -40.96 -0.42 -28.50
C ILE D 311 -39.65 0.12 -29.06
N ARG D 312 -38.58 -0.67 -29.00
CA ARG D 312 -37.22 -0.33 -29.51
C ARG D 312 -36.94 -1.07 -30.81
N PRO D 313 -37.02 -0.39 -31.99
CA PRO D 313 -36.38 -0.89 -33.20
C PRO D 313 -34.87 -0.76 -33.02
N ASP D 314 -34.06 -1.57 -33.74
CA ASP D 314 -32.60 -1.54 -33.55
C ASP D 314 -31.88 -1.82 -34.87
N SER D 315 -32.53 -1.60 -36.01
CA SER D 315 -31.97 -2.00 -37.32
C SER D 315 -32.64 -1.27 -38.47
N GLY D 316 -31.92 -1.13 -39.56
CA GLY D 316 -32.41 -0.57 -40.82
C GLY D 316 -32.10 0.91 -40.88
N ASN D 317 -32.54 1.53 -41.96
CA ASN D 317 -32.51 2.98 -42.06
C ASN D 317 -33.22 3.54 -40.83
N PRO D 318 -32.51 4.33 -39.98
CA PRO D 318 -33.11 4.84 -38.74
C PRO D 318 -34.40 5.64 -39.02
N LEU D 319 -34.41 6.50 -40.01
CA LEU D 319 -35.56 7.40 -40.24
C LEU D 319 -36.68 6.54 -40.83
N ASP D 320 -36.39 5.76 -41.88
CA ASP D 320 -37.44 4.95 -42.55
C ASP D 320 -38.07 4.04 -41.50
N THR D 321 -37.28 3.48 -40.59
CA THR D 321 -37.76 2.45 -39.64
C THR D 321 -38.74 3.11 -38.66
N VAL D 322 -38.31 4.24 -38.08
CA VAL D 322 -39.12 5.01 -37.08
C VAL D 322 -40.48 5.36 -37.69
N LEU D 323 -40.51 5.80 -38.96
CA LEU D 323 -41.74 6.29 -39.66
C LEU D 323 -42.72 5.14 -39.94
N LYS D 324 -42.24 3.97 -40.33
CA LYS D 324 -43.07 2.76 -40.56
C LYS D 324 -43.46 2.18 -39.20
N VAL D 325 -42.57 2.17 -38.21
CA VAL D 325 -42.90 1.71 -36.83
C VAL D 325 -44.13 2.48 -36.36
N LEU D 326 -44.10 3.83 -36.45
CA LEU D 326 -45.18 4.70 -35.97
C LEU D 326 -46.43 4.50 -36.82
N GLU D 327 -46.31 4.42 -38.15
CA GLU D 327 -47.49 4.16 -39.03
C GLU D 327 -48.17 2.85 -38.60
N ILE D 328 -47.39 1.81 -38.33
CA ILE D 328 -47.91 0.50 -37.90
C ILE D 328 -48.63 0.73 -36.57
N LEU D 329 -47.94 1.40 -35.63
CA LEU D 329 -48.49 1.50 -34.25
C LEU D 329 -49.74 2.41 -34.25
N GLY D 330 -49.75 3.44 -35.10
CA GLY D 330 -50.85 4.39 -35.22
C GLY D 330 -52.11 3.71 -35.71
N LYS D 331 -51.97 2.59 -36.42
CA LYS D 331 -53.11 1.88 -37.04
C LYS D 331 -53.61 0.73 -36.17
N LYS D 332 -52.93 0.38 -35.08
CA LYS D 332 -53.33 -0.69 -34.13
C LYS D 332 -53.68 -0.09 -32.77
N PHE D 333 -53.41 1.18 -32.54
CA PHE D 333 -53.61 1.79 -31.21
C PHE D 333 -54.28 3.14 -31.39
N PRO D 334 -54.94 3.63 -30.33
CA PRO D 334 -55.71 4.85 -30.43
C PRO D 334 -54.78 6.09 -30.43
N VAL D 335 -54.80 6.78 -31.55
CA VAL D 335 -53.91 7.93 -31.81
CA VAL D 335 -53.91 7.94 -31.81
C VAL D 335 -54.71 9.21 -31.57
N THR D 336 -54.14 10.13 -30.78
CA THR D 336 -54.71 11.46 -30.53
C THR D 336 -53.99 12.46 -31.42
N GLU D 337 -54.68 13.52 -31.81
CA GLU D 337 -54.09 14.78 -32.33
C GLU D 337 -54.05 15.75 -31.16
N ASN D 338 -52.86 16.21 -30.82
CA ASN D 338 -52.56 17.16 -29.69
C ASN D 338 -52.83 18.60 -30.17
N SER D 339 -52.51 19.57 -29.30
CA SER D 339 -52.96 20.97 -29.41
C SER D 339 -52.30 21.62 -30.64
N LYS D 340 -51.23 21.03 -31.14
CA LYS D 340 -50.41 21.59 -32.24
C LYS D 340 -50.81 20.98 -33.60
N GLY D 341 -51.68 19.95 -33.64
CA GLY D 341 -52.14 19.29 -34.88
C GLY D 341 -51.32 18.04 -35.18
N TYR D 342 -50.43 17.65 -34.26
CA TYR D 342 -49.51 16.51 -34.41
C TYR D 342 -50.05 15.30 -33.67
N LYS D 343 -49.71 14.12 -34.19
CA LYS D 343 -50.30 12.84 -33.75
C LYS D 343 -49.51 12.31 -32.58
N LEU D 344 -50.19 11.55 -31.73
CA LEU D 344 -49.69 11.06 -30.43
C LEU D 344 -50.23 9.65 -30.17
N LEU D 345 -49.35 8.73 -29.86
CA LEU D 345 -49.69 7.39 -29.34
C LEU D 345 -50.39 7.61 -28.01
N PRO D 346 -51.13 6.61 -27.51
CA PRO D 346 -51.67 6.66 -26.16
C PRO D 346 -50.50 6.71 -25.22
N PRO D 347 -50.68 7.23 -23.99
CA PRO D 347 -49.55 7.46 -23.07
C PRO D 347 -48.86 6.18 -22.56
N TYR D 348 -49.43 5.00 -22.82
CA TYR D 348 -48.82 3.71 -22.40
C TYR D 348 -47.81 3.23 -23.47
N LEU D 349 -47.75 3.89 -24.65
CA LEU D 349 -47.04 3.37 -25.86
C LEU D 349 -46.09 4.42 -26.43
N ARG D 350 -44.77 4.18 -26.26
CA ARG D 350 -43.70 5.05 -26.81
C ARG D 350 -42.70 4.19 -27.59
N VAL D 351 -41.74 4.86 -28.26
CA VAL D 351 -40.70 4.30 -29.17
C VAL D 351 -39.37 4.92 -28.74
N ILE D 352 -38.29 4.16 -28.91
CA ILE D 352 -36.89 4.65 -28.71
C ILE D 352 -36.15 4.09 -29.91
N GLN D 353 -35.57 4.94 -30.76
CA GLN D 353 -34.61 4.53 -31.84
C GLN D 353 -33.22 4.60 -31.19
N GLY D 354 -32.60 3.44 -30.96
CA GLY D 354 -31.35 3.37 -30.17
C GLY D 354 -30.14 2.98 -31.00
N ASP D 355 -30.26 2.91 -32.34
CA ASP D 355 -29.23 2.31 -33.26
C ASP D 355 -28.86 3.35 -34.33
N GLY D 356 -27.56 3.60 -34.48
CA GLY D 356 -26.99 4.59 -35.42
C GLY D 356 -27.43 6.02 -35.14
N VAL D 357 -27.64 6.34 -33.87
CA VAL D 357 -28.08 7.72 -33.51
C VAL D 357 -26.88 8.60 -33.19
N ASP D 358 -26.68 9.60 -34.02
CA ASP D 358 -25.77 10.71 -33.69
C ASP D 358 -26.50 12.02 -33.97
N ILE D 359 -25.82 13.16 -33.78
CA ILE D 359 -26.47 14.49 -33.87
C ILE D 359 -27.12 14.62 -35.25
N ASN D 360 -26.50 14.03 -36.31
CA ASN D 360 -27.02 14.20 -37.69
C ASN D 360 -28.25 13.32 -37.91
N THR D 361 -28.27 12.08 -37.43
CA THR D 361 -29.44 11.17 -37.68
C THR D 361 -30.57 11.57 -36.71
N LEU D 362 -30.25 11.93 -35.47
CA LEU D 362 -31.29 12.44 -34.53
C LEU D 362 -32.04 13.60 -35.21
N GLN D 363 -31.33 14.41 -35.99
CA GLN D 363 -31.91 15.58 -36.71
C GLN D 363 -32.74 15.11 -37.92
N GLU D 364 -32.23 14.14 -38.68
CA GLU D 364 -32.97 13.56 -39.82
C GLU D 364 -34.33 13.03 -39.32
N ILE D 365 -34.34 12.40 -38.15
CA ILE D 365 -35.52 11.62 -37.62
C ILE D 365 -36.58 12.65 -37.15
N VAL D 366 -36.23 13.57 -36.27
CA VAL D 366 -37.24 14.49 -35.66
C VAL D 366 -37.88 15.29 -36.81
N GLU D 367 -37.07 15.70 -37.81
CA GLU D 367 -37.54 16.51 -38.96
C GLU D 367 -38.40 15.65 -39.84
N GLY D 368 -38.02 14.39 -40.03
CA GLY D 368 -38.80 13.39 -40.79
C GLY D 368 -40.13 13.11 -40.09
N MET D 369 -40.10 12.85 -38.77
CA MET D 369 -41.31 12.69 -37.92
C MET D 369 -42.20 13.91 -38.05
N LYS D 370 -41.67 15.13 -37.96
CA LYS D 370 -42.50 16.37 -38.05
C LYS D 370 -43.12 16.48 -39.44
N GLN D 371 -42.39 16.16 -40.52
CA GLN D 371 -42.96 16.19 -41.89
C GLN D 371 -44.09 15.15 -42.01
N LYS D 372 -44.09 14.08 -41.21
CA LYS D 372 -45.19 13.06 -41.24
C LYS D 372 -46.26 13.37 -40.15
N MET D 373 -46.18 14.53 -39.53
CA MET D 373 -47.14 15.06 -38.52
C MET D 373 -47.11 14.18 -37.25
N TRP D 374 -45.96 13.66 -36.89
CA TRP D 374 -45.77 12.87 -35.65
C TRP D 374 -45.17 13.76 -34.56
N SER D 375 -45.82 13.78 -33.41
CA SER D 375 -45.27 14.59 -32.29
C SER D 375 -43.93 13.97 -31.90
N ILE D 376 -43.02 14.80 -31.47
CA ILE D 376 -41.66 14.38 -31.01
C ILE D 376 -41.79 13.74 -29.62
N GLU D 377 -42.90 13.93 -28.95
CA GLU D 377 -43.10 13.31 -27.61
C GLU D 377 -43.40 11.82 -27.77
N ASN D 378 -43.61 11.35 -29.02
CA ASN D 378 -43.70 9.91 -29.32
C ASN D 378 -42.34 9.23 -29.17
N ILE D 379 -41.23 9.92 -29.43
CA ILE D 379 -39.92 9.26 -29.77
C ILE D 379 -38.86 9.68 -28.76
N ALA D 380 -38.11 8.73 -28.24
CA ALA D 380 -36.89 9.01 -27.47
C ALA D 380 -35.69 8.46 -28.26
N PHE D 381 -34.47 8.89 -27.92
CA PHE D 381 -33.26 8.47 -28.66
C PHE D 381 -32.28 7.86 -27.64
N GLY D 382 -31.73 6.69 -28.02
CA GLY D 382 -30.53 6.10 -27.38
C GLY D 382 -29.32 6.20 -28.31
N SER D 383 -28.17 6.61 -27.75
CA SER D 383 -26.92 6.88 -28.53
C SER D 383 -25.76 6.25 -27.81
N GLY D 384 -24.97 5.47 -28.50
CA GLY D 384 -23.82 4.75 -27.90
C GLY D 384 -22.53 5.32 -28.42
N GLY D 385 -22.07 4.89 -29.59
CA GLY D 385 -20.83 5.38 -30.19
C GLY D 385 -20.96 6.82 -30.66
N GLY D 386 -22.11 7.14 -31.32
CA GLY D 386 -22.56 8.50 -31.60
C GLY D 386 -22.28 9.45 -30.43
N LEU D 387 -22.66 9.06 -29.22
CA LEU D 387 -22.68 9.94 -28.03
C LEU D 387 -21.32 9.98 -27.36
N LEU D 388 -20.64 8.85 -27.20
CA LEU D 388 -19.46 8.74 -26.29
C LEU D 388 -18.11 8.52 -27.02
N GLN D 389 -18.09 8.22 -28.31
CA GLN D 389 -16.90 7.77 -29.01
C GLN D 389 -16.69 8.55 -30.30
N LYS D 390 -17.71 8.77 -31.12
CA LYS D 390 -17.45 9.31 -32.49
C LYS D 390 -17.10 10.82 -32.44
N LEU D 391 -16.11 11.17 -31.61
CA LEU D 391 -15.64 12.55 -31.27
C LEU D 391 -14.09 12.56 -31.22
N THR D 392 -13.49 13.64 -31.71
CA THR D 392 -12.04 13.89 -31.70
C THR D 392 -11.78 15.29 -31.18
N ARG D 393 -10.53 15.49 -30.82
CA ARG D 393 -9.98 16.79 -30.36
C ARG D 393 -10.08 17.78 -31.52
N ASP D 394 -10.15 17.33 -32.77
CA ASP D 394 -10.31 18.23 -33.95
C ASP D 394 -11.72 18.87 -34.04
N LEU D 395 -12.73 18.36 -33.34
CA LEU D 395 -14.10 18.83 -33.61
C LEU D 395 -14.25 20.25 -33.07
N LEU D 396 -13.79 20.54 -31.86
CA LEU D 396 -13.84 21.92 -31.30
C LEU D 396 -12.47 22.57 -31.30
N ASN D 397 -11.55 22.11 -32.13
CA ASN D 397 -10.16 22.62 -32.14
C ASN D 397 -9.71 22.87 -30.68
N CYS D 398 -9.86 21.89 -29.77
CA CYS D 398 -9.35 21.94 -28.37
C CYS D 398 -7.80 21.88 -28.44
N SER D 399 -7.09 22.84 -27.85
CA SER D 399 -5.70 23.27 -28.19
C SER D 399 -5.20 24.09 -26.99
N PHE D 400 -3.97 23.81 -26.62
CA PHE D 400 -3.20 24.39 -25.50
C PHE D 400 -1.91 24.95 -26.12
N LYS D 401 -1.63 26.25 -25.90
CA LYS D 401 -0.44 26.92 -26.47
C LYS D 401 0.16 27.82 -25.38
N CYS D 402 1.48 28.01 -25.45
CA CYS D 402 2.19 29.12 -24.75
C CYS D 402 1.85 30.42 -25.46
N SER D 403 1.47 31.44 -24.69
CA SER D 403 1.09 32.81 -25.13
C SER D 403 2.03 33.84 -24.50
N TYR D 404 2.72 33.52 -23.40
CA TYR D 404 3.57 34.49 -22.68
C TYR D 404 4.70 33.72 -22.00
N VAL D 405 5.90 34.30 -22.06
CA VAL D 405 7.03 33.85 -21.20
C VAL D 405 7.68 35.11 -20.67
N VAL D 406 8.31 34.93 -19.51
CA VAL D 406 9.35 35.84 -18.96
C VAL D 406 10.68 35.12 -19.17
N THR D 407 11.56 35.74 -19.97
CA THR D 407 12.95 35.30 -20.25
C THR D 407 13.91 36.43 -19.84
N ASN D 408 14.80 36.14 -18.89
CA ASN D 408 15.78 37.11 -18.35
C ASN D 408 15.08 38.32 -17.72
N GLY D 409 13.95 38.13 -17.06
CA GLY D 409 13.20 39.22 -16.39
C GLY D 409 12.16 39.86 -17.29
N LEU D 410 12.29 39.90 -18.62
CA LEU D 410 11.32 40.64 -19.48
C LEU D 410 10.24 39.69 -20.05
N GLY D 411 8.98 39.98 -19.70
CA GLY D 411 7.79 39.41 -20.36
C GLY D 411 7.86 39.60 -21.87
N ILE D 412 7.55 38.56 -22.64
CA ILE D 412 7.38 38.65 -24.12
C ILE D 412 6.14 37.83 -24.53
N ASN D 413 5.40 38.40 -25.46
CA ASN D 413 4.10 37.88 -25.95
C ASN D 413 4.35 36.97 -27.13
N VAL D 414 3.99 35.71 -26.99
CA VAL D 414 4.49 34.53 -27.77
C VAL D 414 3.30 33.83 -28.44
N PHE D 415 3.46 33.27 -29.63
CA PHE D 415 2.36 32.63 -30.36
C PHE D 415 2.86 31.89 -31.60
N LYS D 416 1.99 31.05 -32.19
CA LYS D 416 2.17 30.52 -33.56
C LYS D 416 1.30 31.32 -34.52
N ASP D 417 1.68 31.35 -35.82
CA ASP D 417 0.83 31.88 -36.90
C ASP D 417 1.21 31.25 -38.23
N PRO D 418 1.01 29.93 -38.40
CA PRO D 418 1.55 29.23 -39.58
C PRO D 418 0.94 29.80 -40.84
N VAL D 419 1.77 30.07 -41.83
CA VAL D 419 1.38 30.85 -43.03
C VAL D 419 0.19 30.16 -43.72
N ALA D 420 0.24 28.84 -43.87
CA ALA D 420 -0.72 28.03 -44.61
C ALA D 420 -2.06 27.78 -43.87
N ASP D 421 -2.19 28.14 -42.58
CA ASP D 421 -3.43 27.91 -41.79
C ASP D 421 -3.64 29.00 -40.75
N PRO D 422 -4.26 30.14 -41.17
CA PRO D 422 -4.68 31.19 -40.25
C PRO D 422 -5.56 30.70 -39.09
N ASN D 423 -6.27 29.57 -39.22
CA ASN D 423 -7.20 29.16 -38.14
C ASN D 423 -6.41 28.53 -37.02
N LYS D 424 -5.11 28.25 -37.22
CA LYS D 424 -4.21 27.79 -36.10
C LYS D 424 -3.43 28.96 -35.48
N ARG D 425 -3.53 30.18 -36.01
CA ARG D 425 -2.97 31.38 -35.34
C ARG D 425 -3.30 31.31 -33.83
N SER D 426 -2.30 31.53 -32.96
CA SER D 426 -2.59 31.50 -31.50
C SER D 426 -2.67 32.93 -30.96
N LYS D 427 -3.32 33.06 -29.80
CA LYS D 427 -3.44 34.30 -29.00
C LYS D 427 -2.05 34.68 -28.41
N LYS D 428 -1.80 35.97 -28.24
CA LYS D 428 -0.51 36.33 -27.69
C LYS D 428 -0.71 36.85 -26.26
N GLY D 429 0.25 36.52 -25.41
CA GLY D 429 0.54 37.23 -24.17
C GLY D 429 -0.42 36.83 -23.10
N ARG D 430 -0.54 37.66 -22.08
CA ARG D 430 -1.35 37.36 -20.86
C ARG D 430 -2.82 37.59 -21.21
N LEU D 431 -3.65 36.62 -20.87
CA LEU D 431 -5.05 36.52 -21.33
C LEU D 431 -6.02 36.71 -20.17
N SER D 432 -7.17 37.30 -20.50
CA SER D 432 -8.34 37.35 -19.59
C SER D 432 -9.61 37.20 -20.42
N LEU D 433 -10.70 36.78 -19.77
CA LEU D 433 -12.06 36.60 -20.32
C LEU D 433 -13.01 37.62 -19.71
N HIS D 434 -13.84 38.24 -20.52
CA HIS D 434 -14.62 39.42 -20.08
C HIS D 434 -16.01 39.34 -20.66
N ARG D 435 -16.96 39.97 -19.96
CA ARG D 435 -18.27 40.36 -20.52
C ARG D 435 -17.97 41.63 -21.31
N THR D 436 -18.57 41.69 -22.50
CA THR D 436 -18.59 42.88 -23.40
C THR D 436 -19.69 43.79 -22.91
N PRO D 437 -19.83 45.03 -23.43
CA PRO D 437 -21.02 45.82 -23.14
C PRO D 437 -22.35 45.16 -23.57
N ALA D 438 -22.41 44.33 -24.62
CA ALA D 438 -23.68 43.71 -25.10
C ALA D 438 -23.97 42.37 -24.40
N GLY D 439 -23.21 42.02 -23.36
CA GLY D 439 -23.43 40.77 -22.60
C GLY D 439 -22.84 39.54 -23.27
N ASN D 440 -21.92 39.72 -24.23
CA ASN D 440 -21.18 38.56 -24.84
C ASN D 440 -19.82 38.39 -24.13
N PHE D 441 -19.02 37.44 -24.62
CA PHE D 441 -17.67 37.14 -24.11
C PHE D 441 -16.60 37.76 -25.01
N VAL D 442 -15.53 38.25 -24.40
CA VAL D 442 -14.31 38.63 -25.17
C VAL D 442 -13.12 38.10 -24.40
N THR D 443 -12.16 37.52 -25.12
CA THR D 443 -10.81 37.19 -24.60
C THR D 443 -9.90 38.35 -24.95
N LEU D 444 -9.36 39.02 -23.93
CA LEU D 444 -8.39 40.12 -24.12
C LEU D 444 -6.99 39.50 -24.16
N GLU D 445 -6.11 40.02 -25.03
CA GLU D 445 -4.73 39.50 -25.22
C GLU D 445 -3.71 40.54 -24.73
N GLU D 446 -2.41 40.27 -24.88
CA GLU D 446 -1.29 41.26 -24.62
C GLU D 446 -1.44 41.87 -23.21
N GLY D 447 -2.07 41.17 -22.27
CA GLY D 447 -2.24 41.65 -20.88
C GLY D 447 -3.24 42.79 -20.77
N LYS D 448 -3.92 43.16 -21.87
CA LYS D 448 -4.84 44.35 -21.96
C LYS D 448 -5.98 44.26 -20.94
N GLY D 449 -6.21 43.11 -20.28
CA GLY D 449 -7.23 43.01 -19.21
C GLY D 449 -6.96 43.98 -18.05
N ASP D 450 -5.69 44.35 -17.85
CA ASP D 450 -5.20 45.14 -16.70
C ASP D 450 -5.46 46.64 -16.91
N LEU D 451 -5.71 47.05 -18.14
CA LEU D 451 -6.51 48.25 -18.47
C LEU D 451 -7.94 47.78 -18.18
N GLU D 452 -8.53 48.12 -17.04
CA GLU D 452 -9.77 47.44 -16.53
C GLU D 452 -10.99 48.08 -17.22
N GLU D 453 -10.94 48.09 -18.54
CA GLU D 453 -11.82 48.86 -19.48
C GLU D 453 -12.98 47.95 -19.82
N TYR D 454 -12.84 46.66 -19.53
CA TYR D 454 -13.87 45.60 -19.70
C TYR D 454 -14.19 45.00 -18.33
N GLY D 455 -13.83 45.72 -17.25
CA GLY D 455 -14.05 45.23 -15.87
C GLY D 455 -13.22 43.98 -15.62
N GLN D 456 -13.79 42.99 -14.93
CA GLN D 456 -12.99 41.97 -14.18
C GLN D 456 -12.90 40.64 -14.93
N ASP D 457 -11.82 39.93 -14.62
CA ASP D 457 -11.46 38.65 -15.28
C ASP D 457 -12.52 37.65 -14.86
N LEU D 458 -13.25 37.09 -15.80
CA LEU D 458 -14.20 35.98 -15.56
C LEU D 458 -13.47 34.61 -15.37
N LEU D 459 -12.19 34.40 -15.70
CA LEU D 459 -11.50 33.15 -15.28
C LEU D 459 -11.16 33.30 -13.81
N HIS D 460 -11.24 32.24 -13.02
CA HIS D 460 -10.97 32.24 -11.57
C HIS D 460 -9.88 31.19 -11.26
N THR D 461 -9.14 31.38 -10.18
CA THR D 461 -8.10 30.42 -9.76
C THR D 461 -8.80 29.14 -9.33
N VAL D 462 -8.54 28.03 -9.99
CA VAL D 462 -9.19 26.73 -9.66
C VAL D 462 -8.16 25.82 -9.01
N PHE D 463 -6.87 26.05 -9.29
CA PHE D 463 -5.74 25.22 -8.82
C PHE D 463 -4.49 26.11 -8.62
N LYS D 464 -3.89 26.03 -7.45
CA LYS D 464 -2.67 26.78 -7.09
C LYS D 464 -1.89 25.96 -6.09
N ASN D 465 -0.62 25.72 -6.42
CA ASN D 465 0.43 25.19 -5.52
C ASN D 465 -0.02 23.89 -4.84
N GLY D 466 -0.64 22.98 -5.61
CA GLY D 466 -1.05 21.64 -5.18
C GLY D 466 -2.48 21.59 -4.62
N LYS D 467 -3.21 22.69 -4.70
CA LYS D 467 -4.54 22.72 -4.06
C LYS D 467 -5.55 23.02 -5.14
N VAL D 468 -6.69 22.34 -5.06
CA VAL D 468 -7.96 22.82 -5.68
C VAL D 468 -8.47 23.97 -4.81
N THR D 469 -8.64 25.13 -5.41
CA THR D 469 -8.91 26.41 -4.71
C THR D 469 -10.34 26.88 -5.01
N LYS D 470 -10.95 26.39 -6.06
CA LYS D 470 -12.33 26.72 -6.48
C LYS D 470 -12.92 25.48 -7.12
N SER D 471 -14.13 25.05 -6.67
CA SER D 471 -14.81 23.82 -7.18
C SER D 471 -16.34 24.07 -7.30
N TYR D 472 -16.95 23.24 -8.14
CA TYR D 472 -18.31 23.43 -8.66
C TYR D 472 -19.04 22.14 -8.40
N SER D 473 -20.27 22.22 -7.87
CA SER D 473 -21.16 21.05 -7.74
C SER D 473 -21.62 20.70 -9.16
N PHE D 474 -22.05 19.46 -9.34
CA PHE D 474 -22.64 19.05 -10.63
C PHE D 474 -23.93 19.84 -10.86
N ASP D 475 -24.60 20.26 -9.79
CA ASP D 475 -25.84 21.08 -9.89
C ASP D 475 -25.52 22.46 -10.44
N GLU D 476 -24.43 23.08 -9.98
CA GLU D 476 -23.98 24.42 -10.48
C GLU D 476 -23.73 24.28 -11.97
N ILE D 477 -23.03 23.21 -12.33
CA ILE D 477 -22.64 22.94 -13.75
C ILE D 477 -23.90 22.75 -14.59
N ARG D 478 -24.90 22.05 -14.05
CA ARG D 478 -26.18 21.77 -14.75
C ARG D 478 -26.85 23.10 -15.03
N LYS D 479 -26.93 23.93 -13.98
CA LYS D 479 -27.54 25.28 -14.06
C LYS D 479 -26.83 26.07 -15.12
N ASN D 480 -25.50 26.05 -15.10
CA ASN D 480 -24.71 26.90 -16.03
C ASN D 480 -24.97 26.43 -17.46
N ALA D 481 -25.22 25.14 -17.64
CA ALA D 481 -25.23 24.45 -18.96
C ALA D 481 -26.62 24.48 -19.61
N GLN D 482 -27.66 24.90 -18.88
CA GLN D 482 -29.00 25.23 -19.44
C GLN D 482 -28.93 25.75 -20.90
N LEU D 483 -29.97 25.41 -21.64
CA LEU D 483 -30.42 26.11 -22.86
C LEU D 483 -31.09 27.43 -22.50
N ASN D 484 -31.31 28.27 -23.52
CA ASN D 484 -32.24 29.44 -23.53
C ASN D 484 -33.56 29.00 -24.17
C4 7Z2 E . 29.49 -0.04 23.11
C5 7Z2 E . 29.22 0.94 22.16
C6 7Z2 E . 30.52 1.28 21.37
C7 7Z2 E . 27.90 1.41 22.12
C10 7Z2 E . 28.45 -0.48 23.97
N12 7Z2 E . 32.86 -1.55 21.32
C13 7Z2 E . 33.65 -2.30 20.55
C15 7Z2 E . 34.53 -2.88 18.35
C17 7Z2 E . 35.95 -4.75 17.90
C20 7Z2 E . 36.62 -5.68 14.09
C21 7Z2 E . 36.60 -7.01 13.67
C22 7Z2 E . 36.32 -7.29 12.31
C24 7Z2 E . 36.14 -4.92 11.84
C28 7Z2 E . 36.77 -9.38 14.02
C3 7Z2 E . 30.97 -0.40 23.02
C9 7Z2 E . 27.16 0.04 23.87
N8 7Z2 E . 26.91 0.95 22.94
N2 7Z2 E . 31.35 0.12 21.70
C1 7Z2 E . 32.23 -0.43 20.87
O11 7Z2 E . 32.39 0.12 19.76
C40 7Z2 E . 34.24 -3.47 21.04
C39 7Z2 E . 34.99 -4.30 20.17
C14 7Z2 E . 33.76 -2.07 19.18
C16 7Z2 E . 35.14 -4.03 18.81
C18 7Z2 E . 35.77 -4.62 16.34
N33 7Z2 E . 37.04 -5.43 18.38
N32 7Z2 E . 37.94 -6.01 17.71
C34 7Z2 E . 38.95 -6.79 18.44
C35 7Z2 E . 38.72 -8.26 18.06
C36 7Z2 E . 38.52 -9.07 19.34
C37 7Z2 E . 39.84 -9.20 20.13
N38 7Z2 E . 39.62 -9.57 21.54
C30 7Z2 E . 37.93 -6.07 16.29
O31 7Z2 E . 38.82 -6.63 15.64
C19 7Z2 E . 36.94 -5.19 15.51
C29 7Z2 E . 36.83 -8.08 14.54
C27 7Z2 E . 36.49 -9.59 12.66
N26 7Z2 E . 36.27 -8.57 11.84
C23 7Z2 E . 36.09 -6.24 11.41
C25 7Z2 E . 36.42 -4.66 13.18
P PO4 F . 0.15 -18.44 21.54
O1 PO4 F . 1.09 -19.07 22.58
O2 PO4 F . 0.00 -16.93 21.78
O3 PO4 F . -1.22 -19.13 21.67
O4 PO4 F . 0.71 -18.61 20.12
CL CL G . 27.38 6.48 22.62
C1 GOL H . 21.31 -31.28 15.81
O1 GOL H . 21.89 -31.47 14.53
C2 GOL H . 22.37 -30.97 16.84
O2 GOL H . 23.31 -32.03 16.91
C3 GOL H . 23.09 -29.67 16.56
O3 GOL H . 22.19 -28.57 16.69
CL CL I . -4.82 -18.91 26.28
CL CL J . 20.97 0.21 19.10
C4 7Z2 K . -5.11 -14.52 30.19
C5 7Z2 K . -5.60 -14.95 28.95
C6 7Z2 K . -7.12 -14.98 28.96
C7 7Z2 K . -4.66 -15.29 27.96
C10 7Z2 K . -3.76 -14.44 30.43
N12 7Z2 K . -8.51 -12.54 31.35
C13 7Z2 K . -9.41 -11.56 31.60
C15 7Z2 K . -11.27 -10.21 30.89
C17 7Z2 K . -12.24 -8.55 32.12
C20 7Z2 K . -14.83 -6.51 30.08
C21 7Z2 K . -14.95 -5.12 30.21
C22 7Z2 K . -15.45 -4.35 29.18
C24 7Z2 K . -15.81 -6.32 27.89
C28 7Z2 K . -14.59 -3.11 31.49
C3 7Z2 K . -6.27 -14.21 31.09
C9 7Z2 K . -2.94 -14.78 29.40
N8 7Z2 K . -3.40 -15.18 28.25
N2 7Z2 K . -7.35 -14.09 30.11
C1 7Z2 K . -8.42 -13.32 30.24
O11 7Z2 K . -9.17 -13.42 29.27
C40 7Z2 K . -9.38 -10.76 32.79
C39 7Z2 K . -10.27 -9.69 33.06
C14 7Z2 K . -10.35 -11.25 30.63
C16 7Z2 K . -11.21 -9.42 32.06
C18 7Z2 K . -12.96 -8.09 30.83
N33 7Z2 K . -12.78 -8.37 33.34
N32 7Z2 K . -13.78 -7.67 33.59
C34 7Z2 K . -14.20 -7.39 35.03
C35 7Z2 K . -14.93 -6.04 35.29
C36 7Z2 K . -14.33 -5.21 36.42
C37 7Z2 K . -13.78 -6.10 37.55
N38 7Z2 K . -12.41 -6.64 37.31
C30 7Z2 K . -14.55 -7.12 32.60
O31 7Z2 K . -15.56 -6.60 32.99
C19 7Z2 K . -14.31 -7.46 31.12
C29 7Z2 K . -14.49 -4.50 31.38
C27 7Z2 K . -15.15 -2.40 30.40
N26 7Z2 K . -15.56 -3.02 29.28
C23 7Z2 K . -15.88 -4.92 28.01
C25 7Z2 K . -15.26 -7.11 28.91
P PO4 L . 21.18 6.95 21.30
O1 PO4 L . 21.78 5.65 21.78
O2 PO4 L . 22.26 8.02 21.37
O3 PO4 L . 20.68 6.82 19.88
O4 PO4 L . 20.04 7.33 22.20
CL CL M . 0.11 -11.62 22.71
C4 7Z2 N . 5.34 14.80 -30.45
C5 7Z2 N . 5.04 15.75 -31.43
C6 7Z2 N . 6.29 15.95 -32.30
C7 7Z2 N . 3.76 16.34 -31.52
C10 7Z2 N . 4.38 14.43 -29.55
N12 7Z2 N . 8.58 12.96 -32.38
C13 7Z2 N . 9.36 12.04 -33.04
C15 7Z2 N . 10.32 11.20 -35.08
C17 7Z2 N . 11.62 9.31 -35.37
C20 7Z2 N . 12.30 8.91 -39.16
C21 7Z2 N . 12.17 7.65 -39.76
C22 7Z2 N . 11.82 7.55 -41.09
C24 7Z2 N . 11.80 9.95 -41.27
C28 7Z2 N . 12.14 5.25 -39.61
C3 7Z2 N . 6.79 14.36 -30.60
C9 7Z2 N . 3.14 15.08 -29.70
N8 7Z2 N . 2.86 15.98 -30.64
N2 7Z2 N . 7.10 14.75 -32.00
C1 7Z2 N . 7.92 14.06 -32.86
O11 7Z2 N . 7.95 14.54 -34.02
C40 7Z2 N . 9.90 10.87 -32.41
C39 7Z2 N . 10.65 9.87 -33.10
C14 7Z2 N . 9.58 12.16 -34.40
C16 7Z2 N . 10.83 10.04 -34.48
C18 7Z2 N . 11.47 9.59 -36.88
N33 7Z2 N . 12.72 8.65 -34.92
N32 7Z2 N . 13.58 8.10 -35.65
C34 7Z2 N . 14.73 7.33 -35.03
C35 7Z2 N . 14.51 5.83 -35.08
C36 7Z2 N . 13.81 5.49 -33.82
C37 7Z2 N . 14.79 5.31 -32.68
N38 7Z2 N . 14.11 4.98 -31.43
C30 7Z2 N . 13.57 8.19 -37.04
O31 7Z2 N . 14.47 7.71 -37.70
C19 7Z2 N . 12.64 9.14 -37.72
C29 7Z2 N . 12.30 6.49 -39.01
C27 7Z2 N . 11.83 5.25 -40.97
N26 7Z2 N . 11.66 6.36 -41.66
C23 7Z2 N . 11.67 8.69 -41.87
C25 7Z2 N . 12.11 10.06 -39.92
P PO4 O . -24.40 -4.61 -32.35
O1 PO4 O . -24.14 -4.47 -30.87
O2 PO4 O . -23.18 -5.28 -33.00
O3 PO4 O . -25.63 -5.50 -32.52
O4 PO4 O . -24.66 -3.30 -33.06
CL CL P . 3.44 20.44 -30.79
C1 GOL Q . -0.96 -18.08 -37.71
O1 GOL Q . -1.93 -17.93 -38.74
C2 GOL Q . -0.79 -16.80 -36.91
O2 GOL Q . 0.50 -16.81 -36.29
C3 GOL Q . -0.92 -15.53 -37.72
O3 GOL Q . -1.73 -14.54 -37.08
CL CL R . -29.19 -4.71 -27.46
CL CL S . -3.28 15.00 -33.99
C1 GOL T . -33.24 -11.28 -5.78
O1 GOL T . -33.91 -12.49 -5.42
C2 GOL T . -33.35 -10.24 -4.67
O2 GOL T . -34.69 -10.20 -4.18
C3 GOL T . -32.96 -8.85 -5.13
O3 GOL T . -32.29 -8.13 -4.09
C4 7Z2 U . -29.51 -0.05 -23.41
C5 7Z2 U . -29.99 -0.54 -24.64
C6 7Z2 U . -31.54 -0.49 -24.66
C7 7Z2 U . -29.04 -0.95 -25.59
C10 7Z2 U . -28.13 -0.02 -23.19
N12 7Z2 U . -33.17 1.70 -22.21
C13 7Z2 U . -34.16 2.59 -22.03
C15 7Z2 U . -36.08 3.80 -22.81
C17 7Z2 U . -37.13 5.55 -21.59
C20 7Z2 U . -39.57 7.91 -23.61
C21 7Z2 U . -39.60 9.27 -23.41
C22 7Z2 U . -39.91 10.14 -24.48
C24 7Z2 U . -40.19 8.24 -25.93
C28 7Z2 U . -39.34 11.22 -22.06
C3 7Z2 U . -30.71 0.34 -22.53
C9 7Z2 U . -27.25 -0.46 -24.18
N8 7Z2 U . -27.73 -0.90 -25.33
N2 7Z2 U . -31.84 0.29 -23.47
C1 7Z2 U . -32.93 0.99 -23.35
O11 7Z2 U . -33.67 0.85 -24.32
C40 7Z2 U . -34.13 3.46 -20.91
C39 7Z2 U . -35.10 4.43 -20.72
C14 7Z2 U . -35.14 2.82 -22.98
C16 7Z2 U . -36.07 4.62 -21.69
C18 7Z2 U . -37.89 6.10 -22.83
N33 7Z2 U . -37.63 5.83 -20.36
N32 7Z2 U . -38.58 6.59 -20.07
C34 7Z2 U . -38.88 6.75 -18.60
C35 7Z2 U . -38.76 8.18 -18.10
C36 7Z2 U . -37.47 8.27 -17.32
C37 7Z2 U . -37.69 8.47 -15.82
N38 7Z2 U . -36.42 8.13 -15.15
C30 7Z2 U . -39.41 7.20 -21.04
O31 7Z2 U . -40.42 7.82 -20.72
C19 7Z2 U . -39.22 6.84 -22.52
C29 7Z2 U . -39.30 9.83 -22.17
C27 7Z2 U . -39.67 12.03 -23.15
N26 7Z2 U . -39.94 11.50 -24.31
C23 7Z2 U . -40.20 9.61 -25.74
C25 7Z2 U . -39.86 7.42 -24.86
P PO4 V . -3.09 22.01 -31.88
O1 PO4 V . -2.60 20.73 -31.23
O2 PO4 V . -1.86 22.78 -32.38
O3 PO4 V . -4.04 21.78 -33.03
O4 PO4 V . -3.82 22.81 -30.83
#